data_1PM3
# 
_entry.id   1PM3 
# 
_audit_conform.dict_name       mmcif_pdbx.dic 
_audit_conform.dict_version    5.386 
_audit_conform.dict_location   http://mmcif.pdb.org/dictionaries/ascii/mmcif_pdbx.dic 
# 
loop_
_database_2.database_id 
_database_2.database_code 
_database_2.pdbx_database_accession 
_database_2.pdbx_DOI 
PDB   1PM3         pdb_00001pm3 10.2210/pdb1pm3/pdb 
RCSB  RCSB019418   ?            ?                   
WWPDB D_1000019418 ?            ?                   
# 
loop_
_pdbx_audit_revision_history.ordinal 
_pdbx_audit_revision_history.data_content_type 
_pdbx_audit_revision_history.major_revision 
_pdbx_audit_revision_history.minor_revision 
_pdbx_audit_revision_history.revision_date 
1 'Structure model' 1 0 2003-08-12 
2 'Structure model' 1 1 2008-04-29 
3 'Structure model' 1 2 2011-07-13 
4 'Structure model' 1 3 2024-02-14 
# 
_pdbx_audit_revision_details.ordinal             1 
_pdbx_audit_revision_details.revision_ordinal    1 
_pdbx_audit_revision_details.data_content_type   'Structure model' 
_pdbx_audit_revision_details.provider            repository 
_pdbx_audit_revision_details.type                'Initial release' 
_pdbx_audit_revision_details.description         ? 
_pdbx_audit_revision_details.details             ? 
# 
loop_
_pdbx_audit_revision_group.ordinal 
_pdbx_audit_revision_group.revision_ordinal 
_pdbx_audit_revision_group.data_content_type 
_pdbx_audit_revision_group.group 
1 2 'Structure model' 'Version format compliance' 
2 3 'Structure model' 'Version format compliance' 
3 4 'Structure model' 'Data collection'           
4 4 'Structure model' 'Database references'       
# 
loop_
_pdbx_audit_revision_category.ordinal 
_pdbx_audit_revision_category.revision_ordinal 
_pdbx_audit_revision_category.data_content_type 
_pdbx_audit_revision_category.category 
1 4 'Structure model' chem_comp_atom     
2 4 'Structure model' chem_comp_bond     
3 4 'Structure model' database_2         
4 4 'Structure model' struct_ref_seq_dif 
# 
loop_
_pdbx_audit_revision_item.ordinal 
_pdbx_audit_revision_item.revision_ordinal 
_pdbx_audit_revision_item.data_content_type 
_pdbx_audit_revision_item.item 
1 4 'Structure model' '_database_2.pdbx_DOI'                
2 4 'Structure model' '_database_2.pdbx_database_accession' 
3 4 'Structure model' '_struct_ref_seq_dif.details'         
# 
_pdbx_database_status.status_code                     REL 
_pdbx_database_status.entry_id                        1PM3 
_pdbx_database_status.recvd_initial_deposition_date   2003-06-09 
_pdbx_database_status.deposit_site                    RCSB 
_pdbx_database_status.process_site                    RCSB 
_pdbx_database_status.status_code_sf                  REL 
_pdbx_database_status.status_code_mr                  ? 
_pdbx_database_status.SG_entry                        Y 
_pdbx_database_status.pdb_format_compatible           Y 
_pdbx_database_status.status_code_cs                  ? 
_pdbx_database_status.status_code_nmr_data            ? 
_pdbx_database_status.methods_development_category    ? 
# 
_pdbx_database_related.db_name        TargetDB 
_pdbx_database_related.db_id          TT431 
_pdbx_database_related.details        . 
_pdbx_database_related.content_type   unspecified 
# 
loop_
_audit_author.name 
_audit_author.pdbx_ordinal 
'Ye, H.'                                          1 
'Steegborn, C.'                                   2 
'Wu, H.'                                          3 
'Northeast Structural Genomics Consortium (NESG)' 4 
# 
_citation.id                        primary 
_citation.title                     'Crystal structure of the putative adapter protein MTH1859.' 
_citation.journal_abbrev            J.Struct.Biol. 
_citation.journal_volume            148 
_citation.page_first                251 
_citation.page_last                 256 
_citation.year                      2004 
_citation.journal_id_ASTM           JSBIEM 
_citation.country                   US 
_citation.journal_id_ISSN           1047-8477 
_citation.journal_id_CSD            0803 
_citation.book_publisher            ? 
_citation.pdbx_database_id_PubMed   15477104 
_citation.pdbx_database_id_DOI      10.1016/j.jsb.2004.06.004 
# 
loop_
_citation_author.citation_id 
_citation_author.name 
_citation_author.ordinal 
_citation_author.identifier_ORCID 
primary 'Ye, H.'         1 ? 
primary 'Chen, T.C.'     2 ? 
primary 'Xu, X.'         3 ? 
primary 'Pennycooke, M.' 4 ? 
primary 'Wu, H.'         5 ? 
primary 'Steegborn, C.'  6 ? 
# 
_entity.id                         1 
_entity.type                       polymer 
_entity.src_method                 man 
_entity.pdbx_description           MTH1895 
_entity.formula_weight             10423.013 
_entity.pdbx_number_of_molecules   2 
_entity.pdbx_ec                    ? 
_entity.pdbx_mutation              ? 
_entity.pdbx_fragment              ? 
_entity.details                    ? 
# 
_entity_poly.entity_id                      1 
_entity_poly.type                           'polypeptide(L)' 
_entity_poly.nstd_linkage                   no 
_entity_poly.nstd_monomer                   no 
_entity_poly.pdbx_seq_one_letter_code       
;MGSSHHHHHHSSGLVPRGSHMRIVEEMVGKEVLDSSAKVIGKVKDVEVDIESQAIESLVLGKGGISEGLGLSKGETIVPY
EMVKKIGDKILLKGPEE
;
_entity_poly.pdbx_seq_one_letter_code_can   
;MGSSHHHHHHSSGLVPRGSHMRIVEEMVGKEVLDSSAKVIGKVKDVEVDIESQAIESLVLGKGGISEGLGLSKGETIVPY
EMVKKIGDKILLKGPEE
;
_entity_poly.pdbx_strand_id                 A,B 
_entity_poly.pdbx_target_identifier         TT431 
# 
loop_
_entity_poly_seq.entity_id 
_entity_poly_seq.num 
_entity_poly_seq.mon_id 
_entity_poly_seq.hetero 
1 1  MET n 
1 2  GLY n 
1 3  SER n 
1 4  SER n 
1 5  HIS n 
1 6  HIS n 
1 7  HIS n 
1 8  HIS n 
1 9  HIS n 
1 10 HIS n 
1 11 SER n 
1 12 SER n 
1 13 GLY n 
1 14 LEU n 
1 15 VAL n 
1 16 PRO n 
1 17 ARG n 
1 18 GLY n 
1 19 SER n 
1 20 HIS n 
1 21 MET n 
1 22 ARG n 
1 23 ILE n 
1 24 VAL n 
1 25 GLU n 
1 26 GLU n 
1 27 MET n 
1 28 VAL n 
1 29 GLY n 
1 30 LYS n 
1 31 GLU n 
1 32 VAL n 
1 33 LEU n 
1 34 ASP n 
1 35 SER n 
1 36 SER n 
1 37 ALA n 
1 38 LYS n 
1 39 VAL n 
1 40 ILE n 
1 41 GLY n 
1 42 LYS n 
1 43 VAL n 
1 44 LYS n 
1 45 ASP n 
1 46 VAL n 
1 47 GLU n 
1 48 VAL n 
1 49 ASP n 
1 50 ILE n 
1 51 GLU n 
1 52 SER n 
1 53 GLN n 
1 54 ALA n 
1 55 ILE n 
1 56 GLU n 
1 57 SER n 
1 58 LEU n 
1 59 VAL n 
1 60 LEU n 
1 61 GLY n 
1 62 LYS n 
1 63 GLY n 
1 64 GLY n 
1 65 ILE n 
1 66 SER n 
1 67 GLU n 
1 68 GLY n 
1 69 LEU n 
1 70 GLY n 
1 71 LEU n 
1 72 SER n 
1 73 LYS n 
1 74 GLY n 
1 75 GLU n 
1 76 THR n 
1 77 ILE n 
1 78 VAL n 
1 79 PRO n 
1 80 TYR n 
1 81 GLU n 
1 82 MET n 
1 83 VAL n 
1 84 LYS n 
1 85 LYS n 
1 86 ILE n 
1 87 GLY n 
1 88 ASP n 
1 89 LYS n 
1 90 ILE n 
1 91 LEU n 
1 92 LEU n 
1 93 LYS n 
1 94 GLY n 
1 95 PRO n 
1 96 GLU n 
1 97 GLU n 
# 
_entity_src_gen.entity_id                          1 
_entity_src_gen.pdbx_src_id                        1 
_entity_src_gen.pdbx_alt_source_flag               sample 
_entity_src_gen.pdbx_seq_type                      ? 
_entity_src_gen.pdbx_beg_seq_num                   ? 
_entity_src_gen.pdbx_end_seq_num                   ? 
_entity_src_gen.gene_src_common_name               ? 
_entity_src_gen.gene_src_genus                     Methanothermobacter 
_entity_src_gen.pdbx_gene_src_gene                 ? 
_entity_src_gen.gene_src_species                   ? 
_entity_src_gen.gene_src_strain                    ? 
_entity_src_gen.gene_src_tissue                    ? 
_entity_src_gen.gene_src_tissue_fraction           ? 
_entity_src_gen.gene_src_details                   ? 
_entity_src_gen.pdbx_gene_src_fragment             ? 
_entity_src_gen.pdbx_gene_src_scientific_name      'Methanothermobacter thermautotrophicus' 
_entity_src_gen.pdbx_gene_src_ncbi_taxonomy_id     145262 
_entity_src_gen.pdbx_gene_src_variant              ? 
_entity_src_gen.pdbx_gene_src_cell_line            ? 
_entity_src_gen.pdbx_gene_src_atcc                 ? 
_entity_src_gen.pdbx_gene_src_organ                ? 
_entity_src_gen.pdbx_gene_src_organelle            ? 
_entity_src_gen.pdbx_gene_src_cell                 ? 
_entity_src_gen.pdbx_gene_src_cellular_location    ? 
_entity_src_gen.host_org_common_name               ? 
_entity_src_gen.pdbx_host_org_scientific_name      'Escherichia coli' 
_entity_src_gen.pdbx_host_org_ncbi_taxonomy_id     562 
_entity_src_gen.host_org_genus                     Escherichia 
_entity_src_gen.pdbx_host_org_gene                 ? 
_entity_src_gen.pdbx_host_org_organ                ? 
_entity_src_gen.host_org_species                   ? 
_entity_src_gen.pdbx_host_org_tissue               ? 
_entity_src_gen.pdbx_host_org_tissue_fraction      ? 
_entity_src_gen.pdbx_host_org_strain               ? 
_entity_src_gen.pdbx_host_org_variant              ? 
_entity_src_gen.pdbx_host_org_cell_line            ? 
_entity_src_gen.pdbx_host_org_atcc                 ? 
_entity_src_gen.pdbx_host_org_culture_collection   ? 
_entity_src_gen.pdbx_host_org_cell                 ? 
_entity_src_gen.pdbx_host_org_organelle            ? 
_entity_src_gen.pdbx_host_org_cellular_location    ? 
_entity_src_gen.pdbx_host_org_vector_type          Plasmid 
_entity_src_gen.pdbx_host_org_vector               ? 
_entity_src_gen.host_org_details                   ? 
_entity_src_gen.expression_system_id               ? 
_entity_src_gen.plasmid_name                       pET 
_entity_src_gen.plasmid_details                    ? 
_entity_src_gen.pdbx_description                   ? 
# 
loop_
_chem_comp.id 
_chem_comp.type 
_chem_comp.mon_nstd_flag 
_chem_comp.name 
_chem_comp.pdbx_synonyms 
_chem_comp.formula 
_chem_comp.formula_weight 
ALA 'L-peptide linking' y ALANINE         ? 'C3 H7 N O2'     89.093  
ARG 'L-peptide linking' y ARGININE        ? 'C6 H15 N4 O2 1' 175.209 
ASP 'L-peptide linking' y 'ASPARTIC ACID' ? 'C4 H7 N O4'     133.103 
GLN 'L-peptide linking' y GLUTAMINE       ? 'C5 H10 N2 O3'   146.144 
GLU 'L-peptide linking' y 'GLUTAMIC ACID' ? 'C5 H9 N O4'     147.129 
GLY 'peptide linking'   y GLYCINE         ? 'C2 H5 N O2'     75.067  
HIS 'L-peptide linking' y HISTIDINE       ? 'C6 H10 N3 O2 1' 156.162 
ILE 'L-peptide linking' y ISOLEUCINE      ? 'C6 H13 N O2'    131.173 
LEU 'L-peptide linking' y LEUCINE         ? 'C6 H13 N O2'    131.173 
LYS 'L-peptide linking' y LYSINE          ? 'C6 H15 N2 O2 1' 147.195 
MET 'L-peptide linking' y METHIONINE      ? 'C5 H11 N O2 S'  149.211 
PRO 'L-peptide linking' y PROLINE         ? 'C5 H9 N O2'     115.130 
SER 'L-peptide linking' y SERINE          ? 'C3 H7 N O3'     105.093 
THR 'L-peptide linking' y THREONINE       ? 'C4 H9 N O3'     119.119 
TYR 'L-peptide linking' y TYROSINE        ? 'C9 H11 N O3'    181.189 
VAL 'L-peptide linking' y VALINE          ? 'C5 H11 N O2'    117.146 
# 
loop_
_pdbx_poly_seq_scheme.asym_id 
_pdbx_poly_seq_scheme.entity_id 
_pdbx_poly_seq_scheme.seq_id 
_pdbx_poly_seq_scheme.mon_id 
_pdbx_poly_seq_scheme.ndb_seq_num 
_pdbx_poly_seq_scheme.pdb_seq_num 
_pdbx_poly_seq_scheme.auth_seq_num 
_pdbx_poly_seq_scheme.pdb_mon_id 
_pdbx_poly_seq_scheme.auth_mon_id 
_pdbx_poly_seq_scheme.pdb_strand_id 
_pdbx_poly_seq_scheme.pdb_ins_code 
_pdbx_poly_seq_scheme.hetero 
A 1 1  MET 1  -19 ?  ?   ?   A . n 
A 1 2  GLY 2  -18 ?  ?   ?   A . n 
A 1 3  SER 3  -17 ?  ?   ?   A . n 
A 1 4  SER 4  -16 ?  ?   ?   A . n 
A 1 5  HIS 5  -15 ?  ?   ?   A . n 
A 1 6  HIS 6  -14 ?  ?   ?   A . n 
A 1 7  HIS 7  -13 ?  ?   ?   A . n 
A 1 8  HIS 8  -12 ?  ?   ?   A . n 
A 1 9  HIS 9  -11 ?  ?   ?   A . n 
A 1 10 HIS 10 -10 ?  ?   ?   A . n 
A 1 11 SER 11 -9  ?  ?   ?   A . n 
A 1 12 SER 12 -8  ?  ?   ?   A . n 
A 1 13 GLY 13 -7  ?  ?   ?   A . n 
A 1 14 LEU 14 -6  ?  ?   ?   A . n 
A 1 15 VAL 15 -5  ?  ?   ?   A . n 
A 1 16 PRO 16 -4  ?  ?   ?   A . n 
A 1 17 ARG 17 -3  ?  ?   ?   A . n 
A 1 18 GLY 18 -2  ?  ?   ?   A . n 
A 1 19 SER 19 -1  ?  ?   ?   A . n 
A 1 20 HIS 20 0   0  HIS HIS A . n 
A 1 21 MET 21 1   1  MET MET A . n 
A 1 22 ARG 22 2   2  ARG ARG A . n 
A 1 23 ILE 23 3   3  ILE ILE A . n 
A 1 24 VAL 24 4   4  VAL VAL A . n 
A 1 25 GLU 25 5   5  GLU GLU A . n 
A 1 26 GLU 26 6   6  GLU GLU A . n 
A 1 27 MET 27 7   7  MET MET A . n 
A 1 28 VAL 28 8   8  VAL VAL A . n 
A 1 29 GLY 29 9   9  GLY GLY A . n 
A 1 30 LYS 30 10  10 LYS LYS A . n 
A 1 31 GLU 31 11  11 GLU GLU A . n 
A 1 32 VAL 32 12  12 VAL VAL A . n 
A 1 33 LEU 33 13  13 LEU LEU A . n 
A 1 34 ASP 34 14  14 ASP ASP A . n 
A 1 35 SER 35 15  15 SER SER A . n 
A 1 36 SER 36 16  16 SER SER A . n 
A 1 37 ALA 37 17  17 ALA ALA A . n 
A 1 38 LYS 38 18  18 LYS LYS A . n 
A 1 39 VAL 39 19  19 VAL VAL A . n 
A 1 40 ILE 40 20  20 ILE ILE A . n 
A 1 41 GLY 41 21  21 GLY GLY A . n 
A 1 42 LYS 42 22  22 LYS LYS A . n 
A 1 43 VAL 43 23  23 VAL VAL A . n 
A 1 44 LYS 44 24  24 LYS LYS A . n 
A 1 45 ASP 45 25  25 ASP ASP A . n 
A 1 46 VAL 46 26  26 VAL VAL A . n 
A 1 47 GLU 47 27  27 GLU GLU A . n 
A 1 48 VAL 48 28  28 VAL VAL A . n 
A 1 49 ASP 49 29  29 ASP ASP A . n 
A 1 50 ILE 50 30  30 ILE ILE A . n 
A 1 51 GLU 51 31  31 GLU GLU A . n 
A 1 52 SER 52 32  32 SER SER A . n 
A 1 53 GLN 53 33  33 GLN GLN A . n 
A 1 54 ALA 54 34  34 ALA ALA A . n 
A 1 55 ILE 55 35  35 ILE ILE A . n 
A 1 56 GLU 56 36  36 GLU GLU A . n 
A 1 57 SER 57 37  37 SER SER A . n 
A 1 58 LEU 58 38  38 LEU LEU A . n 
A 1 59 VAL 59 39  39 VAL VAL A . n 
A 1 60 LEU 60 40  40 LEU LEU A . n 
A 1 61 GLY 61 41  41 GLY GLY A . n 
A 1 62 LYS 62 42  42 LYS LYS A . n 
A 1 63 GLY 63 43  43 GLY GLY A . n 
A 1 64 GLY 64 44  44 GLY GLY A . n 
A 1 65 ILE 65 45  ?  ?   ?   A . n 
A 1 66 SER 66 46  ?  ?   ?   A . n 
A 1 67 GLU 67 47  ?  ?   ?   A . n 
A 1 68 GLY 68 48  ?  ?   ?   A . n 
A 1 69 LEU 69 49  ?  ?   ?   A . n 
A 1 70 GLY 70 50  ?  ?   ?   A . n 
A 1 71 LEU 71 51  ?  ?   ?   A . n 
A 1 72 SER 72 52  ?  ?   ?   A . n 
A 1 73 LYS 73 53  ?  ?   ?   A . n 
A 1 74 GLY 74 54  54 GLY GLY A . n 
A 1 75 GLU 75 55  55 GLU GLU A . n 
A 1 76 THR 76 56  56 THR THR A . n 
A 1 77 ILE 77 57  57 ILE ILE A . n 
A 1 78 VAL 78 58  58 VAL VAL A . n 
A 1 79 PRO 79 59  59 PRO PRO A . n 
A 1 80 TYR 80 60  60 TYR TYR A . n 
A 1 81 GLU 81 61  61 GLU GLU A . n 
A 1 82 MET 82 62  62 MET MET A . n 
A 1 83 VAL 83 63  63 VAL VAL A . n 
A 1 84 LYS 84 64  64 LYS LYS A . n 
A 1 85 LYS 85 65  65 LYS LYS A . n 
A 1 86 ILE 86 66  66 ILE ILE A . n 
A 1 87 GLY 87 67  67 GLY GLY A . n 
A 1 88 ASP 88 68  68 ASP ASP A . n 
A 1 89 LYS 89 69  69 LYS LYS A . n 
A 1 90 ILE 90 70  70 ILE ILE A . n 
A 1 91 LEU 91 71  71 LEU LEU A . n 
A 1 92 LEU 92 72  72 LEU LEU A . n 
A 1 93 LYS 93 73  73 LYS LYS A . n 
A 1 94 GLY 94 74  74 GLY GLY A . n 
A 1 95 PRO 95 75  75 PRO PRO A . n 
A 1 96 GLU 96 76  76 GLU GLU A . n 
A 1 97 GLU 97 77  77 GLU GLU A . n 
B 1 1  MET 1  -19 ?  ?   ?   B . n 
B 1 2  GLY 2  -18 ?  ?   ?   B . n 
B 1 3  SER 3  -17 ?  ?   ?   B . n 
B 1 4  SER 4  -16 ?  ?   ?   B . n 
B 1 5  HIS 5  -15 ?  ?   ?   B . n 
B 1 6  HIS 6  -14 ?  ?   ?   B . n 
B 1 7  HIS 7  -13 ?  ?   ?   B . n 
B 1 8  HIS 8  -12 ?  ?   ?   B . n 
B 1 9  HIS 9  -11 ?  ?   ?   B . n 
B 1 10 HIS 10 -10 ?  ?   ?   B . n 
B 1 11 SER 11 -9  ?  ?   ?   B . n 
B 1 12 SER 12 -8  ?  ?   ?   B . n 
B 1 13 GLY 13 -7  ?  ?   ?   B . n 
B 1 14 LEU 14 -6  ?  ?   ?   B . n 
B 1 15 VAL 15 -5  ?  ?   ?   B . n 
B 1 16 PRO 16 -4  ?  ?   ?   B . n 
B 1 17 ARG 17 -3  ?  ?   ?   B . n 
B 1 18 GLY 18 -2  ?  ?   ?   B . n 
B 1 19 SER 19 -1  ?  ?   ?   B . n 
B 1 20 HIS 20 0   0  HIS HIS B . n 
B 1 21 MET 21 1   1  MET MET B . n 
B 1 22 ARG 22 2   2  ARG ARG B . n 
B 1 23 ILE 23 3   3  ILE ILE B . n 
B 1 24 VAL 24 4   4  VAL VAL B . n 
B 1 25 GLU 25 5   5  GLU GLU B . n 
B 1 26 GLU 26 6   6  GLU GLU B . n 
B 1 27 MET 27 7   7  MET MET B . n 
B 1 28 VAL 28 8   8  VAL VAL B . n 
B 1 29 GLY 29 9   9  GLY GLY B . n 
B 1 30 LYS 30 10  10 LYS LYS B . n 
B 1 31 GLU 31 11  11 GLU GLU B . n 
B 1 32 VAL 32 12  12 VAL VAL B . n 
B 1 33 LEU 33 13  13 LEU LEU B . n 
B 1 34 ASP 34 14  14 ASP ASP B . n 
B 1 35 SER 35 15  15 SER SER B . n 
B 1 36 SER 36 16  16 SER SER B . n 
B 1 37 ALA 37 17  17 ALA ALA B . n 
B 1 38 LYS 38 18  18 LYS LYS B . n 
B 1 39 VAL 39 19  19 VAL VAL B . n 
B 1 40 ILE 40 20  20 ILE ILE B . n 
B 1 41 GLY 41 21  21 GLY GLY B . n 
B 1 42 LYS 42 22  22 LYS LYS B . n 
B 1 43 VAL 43 23  23 VAL VAL B . n 
B 1 44 LYS 44 24  24 LYS LYS B . n 
B 1 45 ASP 45 25  25 ASP ASP B . n 
B 1 46 VAL 46 26  26 VAL VAL B . n 
B 1 47 GLU 47 27  27 GLU GLU B . n 
B 1 48 VAL 48 28  28 VAL VAL B . n 
B 1 49 ASP 49 29  29 ASP ASP B . n 
B 1 50 ILE 50 30  30 ILE ILE B . n 
B 1 51 GLU 51 31  31 GLU GLU B . n 
B 1 52 SER 52 32  32 SER SER B . n 
B 1 53 GLN 53 33  33 GLN GLN B . n 
B 1 54 ALA 54 34  34 ALA ALA B . n 
B 1 55 ILE 55 35  35 ILE ILE B . n 
B 1 56 GLU 56 36  36 GLU GLU B . n 
B 1 57 SER 57 37  37 SER SER B . n 
B 1 58 LEU 58 38  38 LEU LEU B . n 
B 1 59 VAL 59 39  39 VAL VAL B . n 
B 1 60 LEU 60 40  40 LEU LEU B . n 
B 1 61 GLY 61 41  41 GLY GLY B . n 
B 1 62 LYS 62 42  42 LYS LYS B . n 
B 1 63 GLY 63 43  43 GLY GLY B . n 
B 1 64 GLY 64 44  ?  ?   ?   B . n 
B 1 65 ILE 65 45  ?  ?   ?   B . n 
B 1 66 SER 66 46  ?  ?   ?   B . n 
B 1 67 GLU 67 47  ?  ?   ?   B . n 
B 1 68 GLY 68 48  ?  ?   ?   B . n 
B 1 69 LEU 69 49  ?  ?   ?   B . n 
B 1 70 GLY 70 50  ?  ?   ?   B . n 
B 1 71 LEU 71 51  ?  ?   ?   B . n 
B 1 72 SER 72 52  ?  ?   ?   B . n 
B 1 73 LYS 73 53  53 LYS GLY B . n 
B 1 74 GLY 74 54  54 GLY GLY B . n 
B 1 75 GLU 75 55  55 GLU GLU B . n 
B 1 76 THR 76 56  56 THR THR B . n 
B 1 77 ILE 77 57  57 ILE ILE B . n 
B 1 78 VAL 78 58  58 VAL VAL B . n 
B 1 79 PRO 79 59  59 PRO PRO B . n 
B 1 80 TYR 80 60  60 TYR TYR B . n 
B 1 81 GLU 81 61  61 GLU GLU B . n 
B 1 82 MET 82 62  62 MET MET B . n 
B 1 83 VAL 83 63  63 VAL VAL B . n 
B 1 84 LYS 84 64  64 LYS LYS B . n 
B 1 85 LYS 85 65  65 LYS LYS B . n 
B 1 86 ILE 86 66  66 ILE ILE B . n 
B 1 87 GLY 87 67  67 GLY GLY B . n 
B 1 88 ASP 88 68  68 ASP ASP B . n 
B 1 89 LYS 89 69  69 LYS LYS B . n 
B 1 90 ILE 90 70  70 ILE ILE B . n 
B 1 91 LEU 91 71  71 LEU LEU B . n 
B 1 92 LEU 92 72  72 LEU LEU B . n 
B 1 93 LYS 93 73  73 LYS LYS B . n 
B 1 94 GLY 94 74  74 GLY GLY B . n 
B 1 95 PRO 95 75  75 PRO PRO B . n 
B 1 96 GLU 96 76  76 GLU GLU B . n 
B 1 97 GLU 97 77  ?  ?   ?   B . n 
# 
loop_
_pdbx_unobs_or_zero_occ_atoms.id 
_pdbx_unobs_or_zero_occ_atoms.PDB_model_num 
_pdbx_unobs_or_zero_occ_atoms.polymer_flag 
_pdbx_unobs_or_zero_occ_atoms.occupancy_flag 
_pdbx_unobs_or_zero_occ_atoms.auth_asym_id 
_pdbx_unobs_or_zero_occ_atoms.auth_comp_id 
_pdbx_unobs_or_zero_occ_atoms.auth_seq_id 
_pdbx_unobs_or_zero_occ_atoms.PDB_ins_code 
_pdbx_unobs_or_zero_occ_atoms.auth_atom_id 
_pdbx_unobs_or_zero_occ_atoms.label_alt_id 
_pdbx_unobs_or_zero_occ_atoms.label_asym_id 
_pdbx_unobs_or_zero_occ_atoms.label_comp_id 
_pdbx_unobs_or_zero_occ_atoms.label_seq_id 
_pdbx_unobs_or_zero_occ_atoms.label_atom_id 
1 1 Y 1 B LYS 53 ? CB ? B LYS 73 CB 
2 1 Y 1 B LYS 53 ? CG ? B LYS 73 CG 
3 1 Y 1 B LYS 53 ? CD ? B LYS 73 CD 
4 1 Y 1 B LYS 53 ? CE ? B LYS 73 CE 
5 1 Y 1 B LYS 53 ? NZ ? B LYS 73 NZ 
# 
loop_
_software.name 
_software.classification 
_software.version 
_software.citation_id 
_software.pdbx_ordinal 
CNS       refinement     1.1 ? 1 
SCALEPACK 'data scaling' .   ? 2 
# 
_cell.entry_id           1PM3 
_cell.length_a           154.700 
_cell.length_b           154.700 
_cell.length_c           68.900 
_cell.angle_alpha        90.00 
_cell.angle_beta         90.00 
_cell.angle_gamma        120.00 
_cell.Z_PDB              24 
_cell.pdbx_unique_axis   ? 
# 
_symmetry.entry_id                         1PM3 
_symmetry.space_group_name_H-M             'P 61 2 2' 
_symmetry.pdbx_full_space_group_name_H-M   ? 
_symmetry.cell_setting                     ? 
_symmetry.Int_Tables_number                178 
_symmetry.space_group_name_Hall            ? 
# 
_exptl.entry_id          1PM3 
_exptl.method            'X-RAY DIFFRACTION' 
_exptl.crystals_number   1 
# 
_exptl_crystal.id                    1 
_exptl_crystal.density_meas          ? 
_exptl_crystal.density_Matthews      5.2 
_exptl_crystal.density_percent_sol   76.5 
_exptl_crystal.description           ? 
_exptl_crystal.F_000                 ? 
_exptl_crystal.preparation           ? 
# 
_exptl_crystal_grow.crystal_id      1 
_exptl_crystal_grow.method          'VAPOR DIFFUSION, HANGING DROP' 
_exptl_crystal_grow.temp            ? 
_exptl_crystal_grow.temp_details    ? 
_exptl_crystal_grow.pH              7.0 
_exptl_crystal_grow.pdbx_details    'VAPOR DIFFUSION, HANGING DROP, pH 7.0' 
_exptl_crystal_grow.pdbx_pH_range   . 
# 
_diffrn.id                     1 
_diffrn.ambient_temp           100 
_diffrn.ambient_temp_details   ? 
_diffrn.crystal_id             1 
# 
_diffrn_detector.diffrn_id              1 
_diffrn_detector.detector               CCD 
_diffrn_detector.type                   ? 
_diffrn_detector.pdbx_collection_date   2002-08-03 
_diffrn_detector.details                ? 
# 
_diffrn_radiation.diffrn_id                        1 
_diffrn_radiation.wavelength_id                    1 
_diffrn_radiation.pdbx_monochromatic_or_laue_m_l   M 
_diffrn_radiation.monochromator                    'KOHZU double crystal monochromator' 
_diffrn_radiation.pdbx_diffrn_protocol             'SINGLE WAVELENGTH' 
_diffrn_radiation.pdbx_scattering_type             x-ray 
# 
_diffrn_radiation_wavelength.id           1 
_diffrn_radiation_wavelength.wavelength   . 
_diffrn_radiation_wavelength.wt           1.0 
# 
_diffrn_source.diffrn_id                   1 
_diffrn_source.source                      SYNCHROTRON 
_diffrn_source.type                        'NSLS BEAMLINE X4A' 
_diffrn_source.pdbx_synchrotron_site       NSLS 
_diffrn_source.pdbx_synchrotron_beamline   X4A 
_diffrn_source.pdbx_wavelength             ? 
_diffrn_source.pdbx_wavelength_list        ? 
# 
_reflns.entry_id                     1PM3 
_reflns.observed_criterion_sigma_I   ? 
_reflns.observed_criterion_sigma_F   ? 
_reflns.d_resolution_low             40.00 
_reflns.d_resolution_high            3.00 
_reflns.number_obs                   18202 
_reflns.number_all                   ? 
_reflns.percent_possible_obs         97.8 
_reflns.pdbx_Rmerge_I_obs            0.076 
_reflns.pdbx_Rsym_value              ? 
_reflns.pdbx_netI_over_sigmaI        8.9 
_reflns.B_iso_Wilson_estimate        48.7 
_reflns.pdbx_redundancy              ? 
_reflns.R_free_details               ? 
_reflns.limit_h_max                  ? 
_reflns.limit_h_min                  ? 
_reflns.limit_k_max                  ? 
_reflns.limit_k_min                  ? 
_reflns.limit_l_max                  ? 
_reflns.limit_l_min                  ? 
_reflns.observed_criterion_F_max     ? 
_reflns.observed_criterion_F_min     ? 
_reflns.pdbx_chi_squared             ? 
_reflns.pdbx_scaling_rejects         ? 
_reflns.pdbx_diffrn_id               1 
_reflns.pdbx_ordinal                 1 
# 
_reflns_shell.d_res_high             3.00 
_reflns_shell.d_res_low              3.11 
_reflns_shell.percent_possible_all   97.6 
_reflns_shell.Rmerge_I_obs           0.463 
_reflns_shell.pdbx_Rsym_value        ? 
_reflns_shell.meanI_over_sigI_obs    ? 
_reflns_shell.pdbx_redundancy        ? 
_reflns_shell.percent_possible_obs   ? 
_reflns_shell.number_unique_all      ? 
_reflns_shell.number_measured_all    ? 
_reflns_shell.number_measured_obs    ? 
_reflns_shell.number_unique_obs      ? 
_reflns_shell.pdbx_chi_squared       ? 
_reflns_shell.pdbx_diffrn_id         ? 
_reflns_shell.pdbx_ordinal           1 
# 
_refine.entry_id                                 1PM3 
_refine.ls_number_reflns_obs                     7712 
_refine.ls_number_reflns_all                     ? 
_refine.pdbx_ls_sigma_I                          ? 
_refine.pdbx_ls_sigma_F                          1.5 
_refine.pdbx_data_cutoff_high_absF               429092.29 
_refine.pdbx_data_cutoff_low_absF                0.000000 
_refine.pdbx_data_cutoff_high_rms_absF           429092.29 
_refine.ls_d_res_low                             15.00 
_refine.ls_d_res_high                            3.15 
_refine.ls_percent_reflns_obs                    88.5 
_refine.ls_R_factor_obs                          0.258 
_refine.ls_R_factor_all                          0.258 
_refine.ls_R_factor_R_work                       0.255 
_refine.ls_R_factor_R_free                       0.293 
_refine.ls_R_factor_R_free_error                 0.013 
_refine.ls_R_factor_R_free_error_details         ? 
_refine.ls_percent_reflns_R_free                 6.3 
_refine.ls_number_reflns_R_free                  486 
_refine.ls_number_parameters                     ? 
_refine.ls_number_restraints                     ? 
_refine.occupancy_min                            ? 
_refine.occupancy_max                            ? 
_refine.correlation_coeff_Fo_to_Fc               ? 
_refine.correlation_coeff_Fo_to_Fc_free          ? 
_refine.B_iso_mean                               47.1 
_refine.aniso_B[1][1]                            4.17 
_refine.aniso_B[2][2]                            4.17 
_refine.aniso_B[3][3]                            -8.34 
_refine.aniso_B[1][2]                            18.02 
_refine.aniso_B[1][3]                            0.00 
_refine.aniso_B[2][3]                            0.00 
_refine.solvent_model_details                    'FLAT MODEL' 
_refine.solvent_model_param_ksol                 0.297751 
_refine.solvent_model_param_bsol                 25.8705 
_refine.pdbx_solvent_vdw_probe_radii             ? 
_refine.pdbx_solvent_ion_probe_radii             ? 
_refine.pdbx_solvent_shrinkage_radii             ? 
_refine.pdbx_ls_cross_valid_method               THROUGHOUT 
_refine.details                                  ? 
_refine.pdbx_starting_model                      ? 
_refine.pdbx_method_to_determine_struct          SAD 
_refine.pdbx_isotropic_thermal_model             GROUP 
_refine.pdbx_stereochemistry_target_values       ? 
_refine.pdbx_stereochem_target_val_spec_case     ? 
_refine.pdbx_R_Free_selection_details            RANDOM 
_refine.pdbx_overall_ESU_R                       ? 
_refine.pdbx_overall_ESU_R_Free                  ? 
_refine.overall_SU_ML                            ? 
_refine.overall_SU_B                             ? 
_refine.ls_redundancy_reflns_obs                 ? 
_refine.B_iso_min                                ? 
_refine.B_iso_max                                ? 
_refine.overall_SU_R_Cruickshank_DPI             ? 
_refine.overall_SU_R_free                        ? 
_refine.ls_wR_factor_R_free                      ? 
_refine.ls_wR_factor_R_work                      ? 
_refine.overall_FOM_free_R_set                   ? 
_refine.overall_FOM_work_R_set                   ? 
_refine.pdbx_refine_id                           'X-RAY DIFFRACTION' 
_refine.pdbx_diffrn_id                           1 
_refine.pdbx_TLS_residual_ADP_flag               ? 
_refine.pdbx_overall_phase_error                 ? 
_refine.pdbx_overall_SU_R_free_Cruickshank_DPI   ? 
_refine.pdbx_overall_SU_R_Blow_DPI               ? 
_refine.pdbx_overall_SU_R_free_Blow_DPI          ? 
# 
_refine_analyze.entry_id                        1PM3 
_refine_analyze.Luzzati_coordinate_error_obs    0.45 
_refine_analyze.Luzzati_sigma_a_obs             0.53 
_refine_analyze.Luzzati_d_res_low_obs           6.00 
_refine_analyze.Luzzati_coordinate_error_free   0.55 
_refine_analyze.Luzzati_sigma_a_free            0.56 
_refine_analyze.Luzzati_d_res_low_free          ? 
_refine_analyze.number_disordered_residues      ? 
_refine_analyze.occupancy_sum_hydrogen          ? 
_refine_analyze.occupancy_sum_non_hydrogen      ? 
_refine_analyze.pdbx_Luzzati_d_res_high_obs     ? 
_refine_analyze.pdbx_refine_id                  'X-RAY DIFFRACTION' 
# 
_refine_hist.pdbx_refine_id                   'X-RAY DIFFRACTION' 
_refine_hist.cycle_id                         LAST 
_refine_hist.pdbx_number_atoms_protein        1036 
_refine_hist.pdbx_number_atoms_nucleic_acid   0 
_refine_hist.pdbx_number_atoms_ligand         0 
_refine_hist.number_atoms_solvent             0 
_refine_hist.number_atoms_total               1036 
_refine_hist.d_res_high                       3.15 
_refine_hist.d_res_low                        15.00 
# 
loop_
_refine_ls_restr.type 
_refine_ls_restr.dev_ideal 
_refine_ls_restr.dev_ideal_target 
_refine_ls_restr.weight 
_refine_ls_restr.number 
_refine_ls_restr.pdbx_refine_id 
_refine_ls_restr.pdbx_restraint_function 
c_bond_d                0.012 ? ? ? 'X-RAY DIFFRACTION' ? 
c_bond_d_na             ?     ? ? ? 'X-RAY DIFFRACTION' ? 
c_bond_d_prot           ?     ? ? ? 'X-RAY DIFFRACTION' ? 
c_angle_d               ?     ? ? ? 'X-RAY DIFFRACTION' ? 
c_angle_d_na            ?     ? ? ? 'X-RAY DIFFRACTION' ? 
c_angle_d_prot          ?     ? ? ? 'X-RAY DIFFRACTION' ? 
c_angle_deg             2.7   ? ? ? 'X-RAY DIFFRACTION' ? 
c_angle_deg_na          ?     ? ? ? 'X-RAY DIFFRACTION' ? 
c_angle_deg_prot        ?     ? ? ? 'X-RAY DIFFRACTION' ? 
c_dihedral_angle_d      25.1  ? ? ? 'X-RAY DIFFRACTION' ? 
c_dihedral_angle_d_na   ?     ? ? ? 'X-RAY DIFFRACTION' ? 
c_dihedral_angle_d_prot ?     ? ? ? 'X-RAY DIFFRACTION' ? 
c_improper_angle_d      6.58  ? ? ? 'X-RAY DIFFRACTION' ? 
c_improper_angle_d_na   ?     ? ? ? 'X-RAY DIFFRACTION' ? 
c_improper_angle_d_prot ?     ? ? ? 'X-RAY DIFFRACTION' ? 
c_mcbond_it             ?     ? ? ? 'X-RAY DIFFRACTION' ? 
c_mcangle_it            ?     ? ? ? 'X-RAY DIFFRACTION' ? 
c_scbond_it             ?     ? ? ? 'X-RAY DIFFRACTION' ? 
c_scangle_it            ?     ? ? ? 'X-RAY DIFFRACTION' ? 
# 
_refine_ls_restr_ncs.dom_id              1 
_refine_ls_restr_ncs.ncs_model_details   CONSTR 
_refine_ls_restr_ncs.rms_dev_position    0.82 
_refine_ls_restr_ncs.weight_position     200 
_refine_ls_restr_ncs.rms_dev_B_iso       ? 
_refine_ls_restr_ncs.weight_B_iso        ? 
_refine_ls_restr_ncs.pdbx_type           . 
_refine_ls_restr_ncs.pdbx_auth_asym_id   . 
_refine_ls_restr_ncs.pdbx_ens_id         1 
_refine_ls_restr_ncs.pdbx_refine_id      'X-RAY DIFFRACTION' 
_refine_ls_restr_ncs.pdbx_ordinal        1 
_refine_ls_restr_ncs.pdbx_number         ? 
_refine_ls_restr_ncs.pdbx_asym_id        ? 
_refine_ls_restr_ncs.pdbx_rms            ? 
_refine_ls_restr_ncs.pdbx_weight         ? 
# 
_refine_ls_shell.pdbx_total_number_of_bins_used   6 
_refine_ls_shell.d_res_high                       3.15 
_refine_ls_shell.d_res_low                        3.35 
_refine_ls_shell.number_reflns_R_work             1000 
_refine_ls_shell.R_factor_R_work                  0.334 
_refine_ls_shell.percent_reflns_obs               76.0 
_refine_ls_shell.R_factor_R_free                  0.376 
_refine_ls_shell.R_factor_R_free_error            0.046 
_refine_ls_shell.percent_reflns_R_free            6.3 
_refine_ls_shell.number_reflns_R_free             67 
_refine_ls_shell.number_reflns_obs                ? 
_refine_ls_shell.redundancy_reflns_obs            ? 
_refine_ls_shell.number_reflns_all                ? 
_refine_ls_shell.pdbx_refine_id                   'X-RAY DIFFRACTION' 
_refine_ls_shell.R_factor_all                     ? 
# 
_pdbx_xplor_file.serial_no        1 
_pdbx_xplor_file.param_file       PROTEIN_REP.PARAM 
_pdbx_xplor_file.topol_file       PROTEIN.TOP 
_pdbx_xplor_file.pdbx_refine_id   'X-RAY DIFFRACTION' 
# 
_struct_ncs_dom.id            1 
_struct_ncs_dom.details       ? 
_struct_ncs_dom.pdbx_ens_id   1 
# 
_struct_ncs_ens.id            1 
_struct_ncs_ens.details       ? 
_struct_ncs_ens.point_group   ? 
# 
_struct.entry_id                  1PM3 
_struct.title                     MTH1859 
_struct.pdbx_model_details        ? 
_struct.pdbx_CASP_flag            ? 
_struct.pdbx_model_type_details   ? 
# 
_struct_keywords.entry_id        1PM3 
_struct_keywords.pdbx_keywords   'UNKNOWN FUNCTION' 
_struct_keywords.text            
'unknown function, Structural Genomics, PSI, Protein Structure Initiative, Northeast Structural Genomics Consortium, NESG' 
# 
loop_
_struct_asym.id 
_struct_asym.pdbx_blank_PDB_chainid_flag 
_struct_asym.pdbx_modified 
_struct_asym.entity_id 
_struct_asym.details 
A N N 1 ? 
B N N 1 ? 
# 
_struct_ref.id                         1 
_struct_ref.db_name                    UNP 
_struct_ref.db_code                    O27887_METTH 
_struct_ref.pdbx_db_accession          O27887 
_struct_ref.entity_id                  1 
_struct_ref.pdbx_seq_one_letter_code   MRIVEEMVGKEVLDSSAKVIGKVKDVEVDIESQAIESLVLGKGGISEGLGLSKGETIVPYEMVKKIGDKILLKGPEE 
_struct_ref.pdbx_align_begin           1 
_struct_ref.pdbx_db_isoform            ? 
# 
loop_
_struct_ref_seq.align_id 
_struct_ref_seq.ref_id 
_struct_ref_seq.pdbx_PDB_id_code 
_struct_ref_seq.pdbx_strand_id 
_struct_ref_seq.seq_align_beg 
_struct_ref_seq.pdbx_seq_align_beg_ins_code 
_struct_ref_seq.seq_align_end 
_struct_ref_seq.pdbx_seq_align_end_ins_code 
_struct_ref_seq.pdbx_db_accession 
_struct_ref_seq.db_align_beg 
_struct_ref_seq.pdbx_db_align_beg_ins_code 
_struct_ref_seq.db_align_end 
_struct_ref_seq.pdbx_db_align_end_ins_code 
_struct_ref_seq.pdbx_auth_seq_align_beg 
_struct_ref_seq.pdbx_auth_seq_align_end 
1 1 1PM3 A 21 ? 97 ? O27887 1 ? 77 ? 1 77 
2 1 1PM3 B 21 ? 97 ? O27887 1 ? 77 ? 1 77 
# 
loop_
_struct_ref_seq_dif.align_id 
_struct_ref_seq_dif.pdbx_pdb_id_code 
_struct_ref_seq_dif.mon_id 
_struct_ref_seq_dif.pdbx_pdb_strand_id 
_struct_ref_seq_dif.seq_num 
_struct_ref_seq_dif.pdbx_pdb_ins_code 
_struct_ref_seq_dif.pdbx_seq_db_name 
_struct_ref_seq_dif.pdbx_seq_db_accession_code 
_struct_ref_seq_dif.db_mon_id 
_struct_ref_seq_dif.pdbx_seq_db_seq_num 
_struct_ref_seq_dif.details 
_struct_ref_seq_dif.pdbx_auth_seq_num 
_struct_ref_seq_dif.pdbx_ordinal 
1 1PM3 MET A 1  ? UNP O27887 ? ? 'cloning artifact' -19 1  
1 1PM3 GLY A 2  ? UNP O27887 ? ? 'cloning artifact' -18 2  
1 1PM3 SER A 3  ? UNP O27887 ? ? 'cloning artifact' -17 3  
1 1PM3 SER A 4  ? UNP O27887 ? ? 'cloning artifact' -16 4  
1 1PM3 HIS A 5  ? UNP O27887 ? ? 'cloning artifact' -15 5  
1 1PM3 HIS A 6  ? UNP O27887 ? ? 'cloning artifact' -14 6  
1 1PM3 HIS A 7  ? UNP O27887 ? ? 'cloning artifact' -13 7  
1 1PM3 HIS A 8  ? UNP O27887 ? ? 'cloning artifact' -12 8  
1 1PM3 HIS A 9  ? UNP O27887 ? ? 'cloning artifact' -11 9  
1 1PM3 HIS A 10 ? UNP O27887 ? ? 'cloning artifact' -10 10 
1 1PM3 SER A 11 ? UNP O27887 ? ? 'cloning artifact' -9  11 
1 1PM3 SER A 12 ? UNP O27887 ? ? 'cloning artifact' -8  12 
1 1PM3 GLY A 13 ? UNP O27887 ? ? 'cloning artifact' -7  13 
1 1PM3 LEU A 14 ? UNP O27887 ? ? 'cloning artifact' -6  14 
1 1PM3 VAL A 15 ? UNP O27887 ? ? 'cloning artifact' -5  15 
1 1PM3 PRO A 16 ? UNP O27887 ? ? 'cloning artifact' -4  16 
1 1PM3 ARG A 17 ? UNP O27887 ? ? 'cloning artifact' -3  17 
1 1PM3 GLY A 18 ? UNP O27887 ? ? 'cloning artifact' -2  18 
1 1PM3 SER A 19 ? UNP O27887 ? ? 'cloning artifact' -1  19 
1 1PM3 HIS A 20 ? UNP O27887 ? ? 'cloning artifact' 0   20 
2 1PM3 MET B 1  ? UNP O27887 ? ? 'cloning artifact' -19 21 
2 1PM3 GLY B 2  ? UNP O27887 ? ? 'cloning artifact' -18 22 
2 1PM3 SER B 3  ? UNP O27887 ? ? 'cloning artifact' -17 23 
2 1PM3 SER B 4  ? UNP O27887 ? ? 'cloning artifact' -16 24 
2 1PM3 HIS B 5  ? UNP O27887 ? ? 'cloning artifact' -15 25 
2 1PM3 HIS B 6  ? UNP O27887 ? ? 'cloning artifact' -14 26 
2 1PM3 HIS B 7  ? UNP O27887 ? ? 'cloning artifact' -13 27 
2 1PM3 HIS B 8  ? UNP O27887 ? ? 'cloning artifact' -12 28 
2 1PM3 HIS B 9  ? UNP O27887 ? ? 'cloning artifact' -11 29 
2 1PM3 HIS B 10 ? UNP O27887 ? ? 'cloning artifact' -10 30 
2 1PM3 SER B 11 ? UNP O27887 ? ? 'cloning artifact' -9  31 
2 1PM3 SER B 12 ? UNP O27887 ? ? 'cloning artifact' -8  32 
2 1PM3 GLY B 13 ? UNP O27887 ? ? 'cloning artifact' -7  33 
2 1PM3 LEU B 14 ? UNP O27887 ? ? 'cloning artifact' -6  34 
2 1PM3 VAL B 15 ? UNP O27887 ? ? 'cloning artifact' -5  35 
2 1PM3 PRO B 16 ? UNP O27887 ? ? 'cloning artifact' -4  36 
2 1PM3 ARG B 17 ? UNP O27887 ? ? 'cloning artifact' -3  37 
2 1PM3 GLY B 18 ? UNP O27887 ? ? 'cloning artifact' -2  38 
2 1PM3 SER B 19 ? UNP O27887 ? ? 'cloning artifact' -1  39 
2 1PM3 HIS B 20 ? UNP O27887 ? ? 'cloning artifact' 0   40 
# 
_pdbx_struct_assembly.id                   1 
_pdbx_struct_assembly.details              author_and_software_defined_assembly 
_pdbx_struct_assembly.method_details       PISA 
_pdbx_struct_assembly.oligomeric_details   dimeric 
_pdbx_struct_assembly.oligomeric_count     2 
# 
loop_
_pdbx_struct_assembly_prop.biol_id 
_pdbx_struct_assembly_prop.type 
_pdbx_struct_assembly_prop.value 
_pdbx_struct_assembly_prop.details 
1 'ABSA (A^2)' 2100 ? 
1 MORE         -6   ? 
1 'SSA (A^2)'  7680 ? 
# 
_pdbx_struct_assembly_gen.assembly_id       1 
_pdbx_struct_assembly_gen.oper_expression   1 
_pdbx_struct_assembly_gen.asym_id_list      A,B 
# 
_pdbx_struct_oper_list.id                   1 
_pdbx_struct_oper_list.type                 'identity operation' 
_pdbx_struct_oper_list.name                 1_555 
_pdbx_struct_oper_list.symmetry_operation   x,y,z 
_pdbx_struct_oper_list.matrix[1][1]         1.0000000000 
_pdbx_struct_oper_list.matrix[1][2]         0.0000000000 
_pdbx_struct_oper_list.matrix[1][3]         0.0000000000 
_pdbx_struct_oper_list.vector[1]            0.0000000000 
_pdbx_struct_oper_list.matrix[2][1]         0.0000000000 
_pdbx_struct_oper_list.matrix[2][2]         1.0000000000 
_pdbx_struct_oper_list.matrix[2][3]         0.0000000000 
_pdbx_struct_oper_list.vector[2]            0.0000000000 
_pdbx_struct_oper_list.matrix[3][1]         0.0000000000 
_pdbx_struct_oper_list.matrix[3][2]         0.0000000000 
_pdbx_struct_oper_list.matrix[3][3]         1.0000000000 
_pdbx_struct_oper_list.vector[3]            0.0000000000 
# 
_struct_biol.id                    1 
_struct_biol.details               'behaves as dimer in solution; one dimer is contained in the asymmetric unit' 
_struct_biol.pdbx_parent_biol_id   ? 
# 
loop_
_struct_sheet.id 
_struct_sheet.type 
_struct_sheet.number_strands 
_struct_sheet.details 
A ? 4 ? 
B ? 5 ? 
C ? 6 ? 
D ? 4 ? 
# 
loop_
_struct_sheet_order.sheet_id 
_struct_sheet_order.range_id_1 
_struct_sheet_order.range_id_2 
_struct_sheet_order.offset 
_struct_sheet_order.sense 
A 1 2 ? anti-parallel 
A 2 3 ? anti-parallel 
A 3 4 ? anti-parallel 
B 1 2 ? anti-parallel 
B 2 3 ? anti-parallel 
B 3 4 ? parallel      
B 4 5 ? anti-parallel 
C 1 2 ? anti-parallel 
C 2 3 ? anti-parallel 
C 3 4 ? anti-parallel 
C 4 5 ? parallel      
C 5 6 ? anti-parallel 
D 1 2 ? anti-parallel 
D 2 3 ? anti-parallel 
D 3 4 ? anti-parallel 
# 
loop_
_struct_sheet_range.sheet_id 
_struct_sheet_range.id 
_struct_sheet_range.beg_label_comp_id 
_struct_sheet_range.beg_label_asym_id 
_struct_sheet_range.beg_label_seq_id 
_struct_sheet_range.pdbx_beg_PDB_ins_code 
_struct_sheet_range.end_label_comp_id 
_struct_sheet_range.end_label_asym_id 
_struct_sheet_range.end_label_seq_id 
_struct_sheet_range.pdbx_end_PDB_ins_code 
_struct_sheet_range.beg_auth_comp_id 
_struct_sheet_range.beg_auth_asym_id 
_struct_sheet_range.beg_auth_seq_id 
_struct_sheet_range.end_auth_comp_id 
_struct_sheet_range.end_auth_asym_id 
_struct_sheet_range.end_auth_seq_id 
A 1 MET A 21 ? ARG A 22 ? MET A 1  ARG A 2  
A 2 VAL B 39 ? ASP B 49 ? VAL B 19 ASP B 29 
A 3 ALA B 54 ? GLY B 61 ? ALA B 34 GLY B 41 
A 4 THR B 76 ? PRO B 79 ? THR B 56 PRO B 59 
B 1 MET A 21 ? ARG A 22 ? MET A 1  ARG A 2  
B 2 VAL B 39 ? ASP B 49 ? VAL B 19 ASP B 29 
B 3 GLU B 31 ? LEU B 33 ? GLU B 11 LEU B 13 
B 4 ILE B 90 ? LEU B 91 ? ILE B 70 LEU B 71 
B 5 LYS B 85 ? ILE B 86 ? LYS B 65 ILE B 66 
C 1 GLU A 75 ? PRO A 79 ? GLU A 55 PRO A 59 
C 2 ALA A 54 ? GLY A 61 ? ALA A 34 GLY A 41 
C 3 VAL A 39 ? ASP A 49 ? VAL A 19 ASP A 29 
C 4 GLU A 31 ? LEU A 33 ? GLU A 11 LEU A 13 
C 5 ILE A 90 ? LEU A 92 ? ILE A 70 LEU A 72 
C 6 VAL A 83 ? ILE A 86 ? VAL A 63 ILE A 66 
D 1 GLU A 75 ? PRO A 79 ? GLU A 55 PRO A 59 
D 2 ALA A 54 ? GLY A 61 ? ALA A 34 GLY A 41 
D 3 VAL A 39 ? ASP A 49 ? VAL A 19 ASP A 29 
D 4 MET B 21 ? ARG B 22 ? MET B 1  ARG B 2  
# 
loop_
_pdbx_struct_sheet_hbond.sheet_id 
_pdbx_struct_sheet_hbond.range_id_1 
_pdbx_struct_sheet_hbond.range_id_2 
_pdbx_struct_sheet_hbond.range_1_label_atom_id 
_pdbx_struct_sheet_hbond.range_1_label_comp_id 
_pdbx_struct_sheet_hbond.range_1_label_asym_id 
_pdbx_struct_sheet_hbond.range_1_label_seq_id 
_pdbx_struct_sheet_hbond.range_1_PDB_ins_code 
_pdbx_struct_sheet_hbond.range_1_auth_atom_id 
_pdbx_struct_sheet_hbond.range_1_auth_comp_id 
_pdbx_struct_sheet_hbond.range_1_auth_asym_id 
_pdbx_struct_sheet_hbond.range_1_auth_seq_id 
_pdbx_struct_sheet_hbond.range_2_label_atom_id 
_pdbx_struct_sheet_hbond.range_2_label_comp_id 
_pdbx_struct_sheet_hbond.range_2_label_asym_id 
_pdbx_struct_sheet_hbond.range_2_label_seq_id 
_pdbx_struct_sheet_hbond.range_2_PDB_ins_code 
_pdbx_struct_sheet_hbond.range_2_auth_atom_id 
_pdbx_struct_sheet_hbond.range_2_auth_comp_id 
_pdbx_struct_sheet_hbond.range_2_auth_asym_id 
_pdbx_struct_sheet_hbond.range_2_auth_seq_id 
A 1 2 N MET A 21 ? N MET A 1  O VAL B 48 ? O VAL B 28 
A 2 3 N ASP B 45 ? N ASP B 25 O VAL B 59 ? O VAL B 39 
A 3 4 N LEU B 60 ? N LEU B 40 O THR B 76 ? O THR B 56 
B 1 2 N MET A 21 ? N MET A 1  O VAL B 48 ? O VAL B 28 
B 2 3 O GLY B 41 ? O GLY B 21 N VAL B 32 ? N VAL B 12 
B 3 4 N LEU B 33 ? N LEU B 13 O ILE B 90 ? O ILE B 70 
B 4 5 O LEU B 91 ? O LEU B 71 N LYS B 85 ? N LYS B 65 
C 1 2 O THR A 76 ? O THR A 56 N LEU A 60 ? N LEU A 40 
C 2 3 O ALA A 54 ? O ALA A 34 N ASP A 49 ? N ASP A 29 
C 3 4 O GLY A 41 ? O GLY A 21 N VAL A 32 ? N VAL A 12 
C 4 5 N LEU A 33 ? N LEU A 13 O ILE A 90 ? O ILE A 70 
C 5 6 O LEU A 91 ? O LEU A 71 N LYS A 85 ? N LYS A 65 
D 1 2 O THR A 76 ? O THR A 56 N LEU A 60 ? N LEU A 40 
D 2 3 O ALA A 54 ? O ALA A 34 N ASP A 49 ? N ASP A 29 
D 3 4 N VAL A 48 ? N VAL A 28 O MET B 21 ? O MET B 1  
# 
loop_
_pdbx_validate_rmsd_angle.id 
_pdbx_validate_rmsd_angle.PDB_model_num 
_pdbx_validate_rmsd_angle.auth_atom_id_1 
_pdbx_validate_rmsd_angle.auth_asym_id_1 
_pdbx_validate_rmsd_angle.auth_comp_id_1 
_pdbx_validate_rmsd_angle.auth_seq_id_1 
_pdbx_validate_rmsd_angle.PDB_ins_code_1 
_pdbx_validate_rmsd_angle.label_alt_id_1 
_pdbx_validate_rmsd_angle.auth_atom_id_2 
_pdbx_validate_rmsd_angle.auth_asym_id_2 
_pdbx_validate_rmsd_angle.auth_comp_id_2 
_pdbx_validate_rmsd_angle.auth_seq_id_2 
_pdbx_validate_rmsd_angle.PDB_ins_code_2 
_pdbx_validate_rmsd_angle.label_alt_id_2 
_pdbx_validate_rmsd_angle.auth_atom_id_3 
_pdbx_validate_rmsd_angle.auth_asym_id_3 
_pdbx_validate_rmsd_angle.auth_comp_id_3 
_pdbx_validate_rmsd_angle.auth_seq_id_3 
_pdbx_validate_rmsd_angle.PDB_ins_code_3 
_pdbx_validate_rmsd_angle.label_alt_id_3 
_pdbx_validate_rmsd_angle.angle_value 
_pdbx_validate_rmsd_angle.angle_target_value 
_pdbx_validate_rmsd_angle.angle_deviation 
_pdbx_validate_rmsd_angle.angle_standard_deviation 
_pdbx_validate_rmsd_angle.linker_flag 
1 1 CA B GLY 41 ? ? C B GLY 41 ? ? O B GLY 41 ? ? 74.38  120.60 -46.22 1.80 N 
2 1 CA B GLY 41 ? ? C B GLY 41 ? ? N B LYS 42 ? ? 162.45 117.20 45.25  2.20 Y 
3 1 O  B GLY 41 ? ? C B GLY 41 ? ? N B LYS 42 ? ? 93.70  122.70 -29.00 1.60 Y 
# 
loop_
_pdbx_validate_torsion.id 
_pdbx_validate_torsion.PDB_model_num 
_pdbx_validate_torsion.auth_comp_id 
_pdbx_validate_torsion.auth_asym_id 
_pdbx_validate_torsion.auth_seq_id 
_pdbx_validate_torsion.PDB_ins_code 
_pdbx_validate_torsion.label_alt_id 
_pdbx_validate_torsion.phi 
_pdbx_validate_torsion.psi 
1  1 GLU A 6  ? ? -118.82 -81.05  
2  1 MET A 7  ? ? -66.95  28.67   
3  1 GLU A 31 ? ? -59.16  -89.78  
4  1 SER A 32 ? ? -52.74  -5.08   
5  1 ILE B 3  ? ? -69.85  -80.79  
6  1 GLU B 6  ? ? -103.83 64.40   
7  1 MET B 7  ? ? 174.18  -21.76  
8  1 ASP B 14 ? ? -48.39  -162.30 
9  1 SER B 16 ? ? -82.20  41.42   
10 1 ALA B 17 ? ? 36.95   46.70   
11 1 GLU B 31 ? ? -91.92  -62.16  
12 1 GLU B 36 ? ? -68.55  -77.24  
13 1 LYS B 42 ? ? -105.22 -101.01 
14 1 PRO B 59 ? ? -51.91  109.70  
15 1 TYR B 60 ? ? -48.23  -12.84  
16 1 VAL B 63 ? ? -12.73  109.91  
17 1 LEU B 72 ? ? -121.31 -119.75 
18 1 LYS B 73 ? ? -42.39  156.10  
19 1 PRO B 75 ? ? -69.71  11.76   
# 
_pdbx_validate_main_chain_plane.id                       1 
_pdbx_validate_main_chain_plane.PDB_model_num            1 
_pdbx_validate_main_chain_plane.auth_comp_id             GLY 
_pdbx_validate_main_chain_plane.auth_asym_id             B 
_pdbx_validate_main_chain_plane.auth_seq_id              41 
_pdbx_validate_main_chain_plane.PDB_ins_code             ? 
_pdbx_validate_main_chain_plane.label_alt_id             ? 
_pdbx_validate_main_chain_plane.improper_torsion_angle   -124.57 
# 
_pdbx_SG_project.id                    1 
_pdbx_SG_project.project_name          'PSI, Protein Structure Initiative' 
_pdbx_SG_project.full_name_of_center   'Northeast Structural Genomics Consortium' 
_pdbx_SG_project.initial_of_center     NESG 
# 
loop_
_pdbx_unobs_or_zero_occ_residues.id 
_pdbx_unobs_or_zero_occ_residues.PDB_model_num 
_pdbx_unobs_or_zero_occ_residues.polymer_flag 
_pdbx_unobs_or_zero_occ_residues.occupancy_flag 
_pdbx_unobs_or_zero_occ_residues.auth_asym_id 
_pdbx_unobs_or_zero_occ_residues.auth_comp_id 
_pdbx_unobs_or_zero_occ_residues.auth_seq_id 
_pdbx_unobs_or_zero_occ_residues.PDB_ins_code 
_pdbx_unobs_or_zero_occ_residues.label_asym_id 
_pdbx_unobs_or_zero_occ_residues.label_comp_id 
_pdbx_unobs_or_zero_occ_residues.label_seq_id 
1  1 Y 1 A MET -19 ? A MET 1  
2  1 Y 1 A GLY -18 ? A GLY 2  
3  1 Y 1 A SER -17 ? A SER 3  
4  1 Y 1 A SER -16 ? A SER 4  
5  1 Y 1 A HIS -15 ? A HIS 5  
6  1 Y 1 A HIS -14 ? A HIS 6  
7  1 Y 1 A HIS -13 ? A HIS 7  
8  1 Y 1 A HIS -12 ? A HIS 8  
9  1 Y 1 A HIS -11 ? A HIS 9  
10 1 Y 1 A HIS -10 ? A HIS 10 
11 1 Y 1 A SER -9  ? A SER 11 
12 1 Y 1 A SER -8  ? A SER 12 
13 1 Y 1 A GLY -7  ? A GLY 13 
14 1 Y 1 A LEU -6  ? A LEU 14 
15 1 Y 1 A VAL -5  ? A VAL 15 
16 1 Y 1 A PRO -4  ? A PRO 16 
17 1 Y 1 A ARG -3  ? A ARG 17 
18 1 Y 1 A GLY -2  ? A GLY 18 
19 1 Y 1 A SER -1  ? A SER 19 
20 1 Y 1 A ILE 45  ? A ILE 65 
21 1 Y 1 A SER 46  ? A SER 66 
22 1 Y 1 A GLU 47  ? A GLU 67 
23 1 Y 1 A GLY 48  ? A GLY 68 
24 1 Y 1 A LEU 49  ? A LEU 69 
25 1 Y 1 A GLY 50  ? A GLY 70 
26 1 Y 1 A LEU 51  ? A LEU 71 
27 1 Y 1 A SER 52  ? A SER 72 
28 1 Y 1 A LYS 53  ? A LYS 73 
29 1 Y 1 B MET -19 ? B MET 1  
30 1 Y 1 B GLY -18 ? B GLY 2  
31 1 Y 1 B SER -17 ? B SER 3  
32 1 Y 1 B SER -16 ? B SER 4  
33 1 Y 1 B HIS -15 ? B HIS 5  
34 1 Y 1 B HIS -14 ? B HIS 6  
35 1 Y 1 B HIS -13 ? B HIS 7  
36 1 Y 1 B HIS -12 ? B HIS 8  
37 1 Y 1 B HIS -11 ? B HIS 9  
38 1 Y 1 B HIS -10 ? B HIS 10 
39 1 Y 1 B SER -9  ? B SER 11 
40 1 Y 1 B SER -8  ? B SER 12 
41 1 Y 1 B GLY -7  ? B GLY 13 
42 1 Y 1 B LEU -6  ? B LEU 14 
43 1 Y 1 B VAL -5  ? B VAL 15 
44 1 Y 1 B PRO -4  ? B PRO 16 
45 1 Y 1 B ARG -3  ? B ARG 17 
46 1 Y 1 B GLY -2  ? B GLY 18 
47 1 Y 1 B SER -1  ? B SER 19 
48 1 Y 1 B GLY 44  ? B GLY 64 
49 1 Y 1 B ILE 45  ? B ILE 65 
50 1 Y 1 B SER 46  ? B SER 66 
51 1 Y 1 B GLU 47  ? B GLU 67 
52 1 Y 1 B GLY 48  ? B GLY 68 
53 1 Y 1 B LEU 49  ? B LEU 69 
54 1 Y 1 B GLY 50  ? B GLY 70 
55 1 Y 1 B LEU 51  ? B LEU 71 
56 1 Y 1 B SER 52  ? B SER 72 
57 1 Y 1 B GLU 77  ? B GLU 97 
# 
loop_
_chem_comp_atom.comp_id 
_chem_comp_atom.atom_id 
_chem_comp_atom.type_symbol 
_chem_comp_atom.pdbx_aromatic_flag 
_chem_comp_atom.pdbx_stereo_config 
_chem_comp_atom.pdbx_ordinal 
ALA N    N N N 1   
ALA CA   C N S 2   
ALA C    C N N 3   
ALA O    O N N 4   
ALA CB   C N N 5   
ALA OXT  O N N 6   
ALA H    H N N 7   
ALA H2   H N N 8   
ALA HA   H N N 9   
ALA HB1  H N N 10  
ALA HB2  H N N 11  
ALA HB3  H N N 12  
ALA HXT  H N N 13  
ARG N    N N N 14  
ARG CA   C N S 15  
ARG C    C N N 16  
ARG O    O N N 17  
ARG CB   C N N 18  
ARG CG   C N N 19  
ARG CD   C N N 20  
ARG NE   N N N 21  
ARG CZ   C N N 22  
ARG NH1  N N N 23  
ARG NH2  N N N 24  
ARG OXT  O N N 25  
ARG H    H N N 26  
ARG H2   H N N 27  
ARG HA   H N N 28  
ARG HB2  H N N 29  
ARG HB3  H N N 30  
ARG HG2  H N N 31  
ARG HG3  H N N 32  
ARG HD2  H N N 33  
ARG HD3  H N N 34  
ARG HE   H N N 35  
ARG HH11 H N N 36  
ARG HH12 H N N 37  
ARG HH21 H N N 38  
ARG HH22 H N N 39  
ARG HXT  H N N 40  
ASP N    N N N 41  
ASP CA   C N S 42  
ASP C    C N N 43  
ASP O    O N N 44  
ASP CB   C N N 45  
ASP CG   C N N 46  
ASP OD1  O N N 47  
ASP OD2  O N N 48  
ASP OXT  O N N 49  
ASP H    H N N 50  
ASP H2   H N N 51  
ASP HA   H N N 52  
ASP HB2  H N N 53  
ASP HB3  H N N 54  
ASP HD2  H N N 55  
ASP HXT  H N N 56  
GLN N    N N N 57  
GLN CA   C N S 58  
GLN C    C N N 59  
GLN O    O N N 60  
GLN CB   C N N 61  
GLN CG   C N N 62  
GLN CD   C N N 63  
GLN OE1  O N N 64  
GLN NE2  N N N 65  
GLN OXT  O N N 66  
GLN H    H N N 67  
GLN H2   H N N 68  
GLN HA   H N N 69  
GLN HB2  H N N 70  
GLN HB3  H N N 71  
GLN HG2  H N N 72  
GLN HG3  H N N 73  
GLN HE21 H N N 74  
GLN HE22 H N N 75  
GLN HXT  H N N 76  
GLU N    N N N 77  
GLU CA   C N S 78  
GLU C    C N N 79  
GLU O    O N N 80  
GLU CB   C N N 81  
GLU CG   C N N 82  
GLU CD   C N N 83  
GLU OE1  O N N 84  
GLU OE2  O N N 85  
GLU OXT  O N N 86  
GLU H    H N N 87  
GLU H2   H N N 88  
GLU HA   H N N 89  
GLU HB2  H N N 90  
GLU HB3  H N N 91  
GLU HG2  H N N 92  
GLU HG3  H N N 93  
GLU HE2  H N N 94  
GLU HXT  H N N 95  
GLY N    N N N 96  
GLY CA   C N N 97  
GLY C    C N N 98  
GLY O    O N N 99  
GLY OXT  O N N 100 
GLY H    H N N 101 
GLY H2   H N N 102 
GLY HA2  H N N 103 
GLY HA3  H N N 104 
GLY HXT  H N N 105 
HIS N    N N N 106 
HIS CA   C N S 107 
HIS C    C N N 108 
HIS O    O N N 109 
HIS CB   C N N 110 
HIS CG   C Y N 111 
HIS ND1  N Y N 112 
HIS CD2  C Y N 113 
HIS CE1  C Y N 114 
HIS NE2  N Y N 115 
HIS OXT  O N N 116 
HIS H    H N N 117 
HIS H2   H N N 118 
HIS HA   H N N 119 
HIS HB2  H N N 120 
HIS HB3  H N N 121 
HIS HD1  H N N 122 
HIS HD2  H N N 123 
HIS HE1  H N N 124 
HIS HE2  H N N 125 
HIS HXT  H N N 126 
ILE N    N N N 127 
ILE CA   C N S 128 
ILE C    C N N 129 
ILE O    O N N 130 
ILE CB   C N S 131 
ILE CG1  C N N 132 
ILE CG2  C N N 133 
ILE CD1  C N N 134 
ILE OXT  O N N 135 
ILE H    H N N 136 
ILE H2   H N N 137 
ILE HA   H N N 138 
ILE HB   H N N 139 
ILE HG12 H N N 140 
ILE HG13 H N N 141 
ILE HG21 H N N 142 
ILE HG22 H N N 143 
ILE HG23 H N N 144 
ILE HD11 H N N 145 
ILE HD12 H N N 146 
ILE HD13 H N N 147 
ILE HXT  H N N 148 
LEU N    N N N 149 
LEU CA   C N S 150 
LEU C    C N N 151 
LEU O    O N N 152 
LEU CB   C N N 153 
LEU CG   C N N 154 
LEU CD1  C N N 155 
LEU CD2  C N N 156 
LEU OXT  O N N 157 
LEU H    H N N 158 
LEU H2   H N N 159 
LEU HA   H N N 160 
LEU HB2  H N N 161 
LEU HB3  H N N 162 
LEU HG   H N N 163 
LEU HD11 H N N 164 
LEU HD12 H N N 165 
LEU HD13 H N N 166 
LEU HD21 H N N 167 
LEU HD22 H N N 168 
LEU HD23 H N N 169 
LEU HXT  H N N 170 
LYS N    N N N 171 
LYS CA   C N S 172 
LYS C    C N N 173 
LYS O    O N N 174 
LYS CB   C N N 175 
LYS CG   C N N 176 
LYS CD   C N N 177 
LYS CE   C N N 178 
LYS NZ   N N N 179 
LYS OXT  O N N 180 
LYS H    H N N 181 
LYS H2   H N N 182 
LYS HA   H N N 183 
LYS HB2  H N N 184 
LYS HB3  H N N 185 
LYS HG2  H N N 186 
LYS HG3  H N N 187 
LYS HD2  H N N 188 
LYS HD3  H N N 189 
LYS HE2  H N N 190 
LYS HE3  H N N 191 
LYS HZ1  H N N 192 
LYS HZ2  H N N 193 
LYS HZ3  H N N 194 
LYS HXT  H N N 195 
MET N    N N N 196 
MET CA   C N S 197 
MET C    C N N 198 
MET O    O N N 199 
MET CB   C N N 200 
MET CG   C N N 201 
MET SD   S N N 202 
MET CE   C N N 203 
MET OXT  O N N 204 
MET H    H N N 205 
MET H2   H N N 206 
MET HA   H N N 207 
MET HB2  H N N 208 
MET HB3  H N N 209 
MET HG2  H N N 210 
MET HG3  H N N 211 
MET HE1  H N N 212 
MET HE2  H N N 213 
MET HE3  H N N 214 
MET HXT  H N N 215 
PRO N    N N N 216 
PRO CA   C N S 217 
PRO C    C N N 218 
PRO O    O N N 219 
PRO CB   C N N 220 
PRO CG   C N N 221 
PRO CD   C N N 222 
PRO OXT  O N N 223 
PRO H    H N N 224 
PRO HA   H N N 225 
PRO HB2  H N N 226 
PRO HB3  H N N 227 
PRO HG2  H N N 228 
PRO HG3  H N N 229 
PRO HD2  H N N 230 
PRO HD3  H N N 231 
PRO HXT  H N N 232 
SER N    N N N 233 
SER CA   C N S 234 
SER C    C N N 235 
SER O    O N N 236 
SER CB   C N N 237 
SER OG   O N N 238 
SER OXT  O N N 239 
SER H    H N N 240 
SER H2   H N N 241 
SER HA   H N N 242 
SER HB2  H N N 243 
SER HB3  H N N 244 
SER HG   H N N 245 
SER HXT  H N N 246 
THR N    N N N 247 
THR CA   C N S 248 
THR C    C N N 249 
THR O    O N N 250 
THR CB   C N R 251 
THR OG1  O N N 252 
THR CG2  C N N 253 
THR OXT  O N N 254 
THR H    H N N 255 
THR H2   H N N 256 
THR HA   H N N 257 
THR HB   H N N 258 
THR HG1  H N N 259 
THR HG21 H N N 260 
THR HG22 H N N 261 
THR HG23 H N N 262 
THR HXT  H N N 263 
TYR N    N N N 264 
TYR CA   C N S 265 
TYR C    C N N 266 
TYR O    O N N 267 
TYR CB   C N N 268 
TYR CG   C Y N 269 
TYR CD1  C Y N 270 
TYR CD2  C Y N 271 
TYR CE1  C Y N 272 
TYR CE2  C Y N 273 
TYR CZ   C Y N 274 
TYR OH   O N N 275 
TYR OXT  O N N 276 
TYR H    H N N 277 
TYR H2   H N N 278 
TYR HA   H N N 279 
TYR HB2  H N N 280 
TYR HB3  H N N 281 
TYR HD1  H N N 282 
TYR HD2  H N N 283 
TYR HE1  H N N 284 
TYR HE2  H N N 285 
TYR HH   H N N 286 
TYR HXT  H N N 287 
VAL N    N N N 288 
VAL CA   C N S 289 
VAL C    C N N 290 
VAL O    O N N 291 
VAL CB   C N N 292 
VAL CG1  C N N 293 
VAL CG2  C N N 294 
VAL OXT  O N N 295 
VAL H    H N N 296 
VAL H2   H N N 297 
VAL HA   H N N 298 
VAL HB   H N N 299 
VAL HG11 H N N 300 
VAL HG12 H N N 301 
VAL HG13 H N N 302 
VAL HG21 H N N 303 
VAL HG22 H N N 304 
VAL HG23 H N N 305 
VAL HXT  H N N 306 
# 
loop_
_chem_comp_bond.comp_id 
_chem_comp_bond.atom_id_1 
_chem_comp_bond.atom_id_2 
_chem_comp_bond.value_order 
_chem_comp_bond.pdbx_aromatic_flag 
_chem_comp_bond.pdbx_stereo_config 
_chem_comp_bond.pdbx_ordinal 
ALA N   CA   sing N N 1   
ALA N   H    sing N N 2   
ALA N   H2   sing N N 3   
ALA CA  C    sing N N 4   
ALA CA  CB   sing N N 5   
ALA CA  HA   sing N N 6   
ALA C   O    doub N N 7   
ALA C   OXT  sing N N 8   
ALA CB  HB1  sing N N 9   
ALA CB  HB2  sing N N 10  
ALA CB  HB3  sing N N 11  
ALA OXT HXT  sing N N 12  
ARG N   CA   sing N N 13  
ARG N   H    sing N N 14  
ARG N   H2   sing N N 15  
ARG CA  C    sing N N 16  
ARG CA  CB   sing N N 17  
ARG CA  HA   sing N N 18  
ARG C   O    doub N N 19  
ARG C   OXT  sing N N 20  
ARG CB  CG   sing N N 21  
ARG CB  HB2  sing N N 22  
ARG CB  HB3  sing N N 23  
ARG CG  CD   sing N N 24  
ARG CG  HG2  sing N N 25  
ARG CG  HG3  sing N N 26  
ARG CD  NE   sing N N 27  
ARG CD  HD2  sing N N 28  
ARG CD  HD3  sing N N 29  
ARG NE  CZ   sing N N 30  
ARG NE  HE   sing N N 31  
ARG CZ  NH1  sing N N 32  
ARG CZ  NH2  doub N N 33  
ARG NH1 HH11 sing N N 34  
ARG NH1 HH12 sing N N 35  
ARG NH2 HH21 sing N N 36  
ARG NH2 HH22 sing N N 37  
ARG OXT HXT  sing N N 38  
ASP N   CA   sing N N 39  
ASP N   H    sing N N 40  
ASP N   H2   sing N N 41  
ASP CA  C    sing N N 42  
ASP CA  CB   sing N N 43  
ASP CA  HA   sing N N 44  
ASP C   O    doub N N 45  
ASP C   OXT  sing N N 46  
ASP CB  CG   sing N N 47  
ASP CB  HB2  sing N N 48  
ASP CB  HB3  sing N N 49  
ASP CG  OD1  doub N N 50  
ASP CG  OD2  sing N N 51  
ASP OD2 HD2  sing N N 52  
ASP OXT HXT  sing N N 53  
GLN N   CA   sing N N 54  
GLN N   H    sing N N 55  
GLN N   H2   sing N N 56  
GLN CA  C    sing N N 57  
GLN CA  CB   sing N N 58  
GLN CA  HA   sing N N 59  
GLN C   O    doub N N 60  
GLN C   OXT  sing N N 61  
GLN CB  CG   sing N N 62  
GLN CB  HB2  sing N N 63  
GLN CB  HB3  sing N N 64  
GLN CG  CD   sing N N 65  
GLN CG  HG2  sing N N 66  
GLN CG  HG3  sing N N 67  
GLN CD  OE1  doub N N 68  
GLN CD  NE2  sing N N 69  
GLN NE2 HE21 sing N N 70  
GLN NE2 HE22 sing N N 71  
GLN OXT HXT  sing N N 72  
GLU N   CA   sing N N 73  
GLU N   H    sing N N 74  
GLU N   H2   sing N N 75  
GLU CA  C    sing N N 76  
GLU CA  CB   sing N N 77  
GLU CA  HA   sing N N 78  
GLU C   O    doub N N 79  
GLU C   OXT  sing N N 80  
GLU CB  CG   sing N N 81  
GLU CB  HB2  sing N N 82  
GLU CB  HB3  sing N N 83  
GLU CG  CD   sing N N 84  
GLU CG  HG2  sing N N 85  
GLU CG  HG3  sing N N 86  
GLU CD  OE1  doub N N 87  
GLU CD  OE2  sing N N 88  
GLU OE2 HE2  sing N N 89  
GLU OXT HXT  sing N N 90  
GLY N   CA   sing N N 91  
GLY N   H    sing N N 92  
GLY N   H2   sing N N 93  
GLY CA  C    sing N N 94  
GLY CA  HA2  sing N N 95  
GLY CA  HA3  sing N N 96  
GLY C   O    doub N N 97  
GLY C   OXT  sing N N 98  
GLY OXT HXT  sing N N 99  
HIS N   CA   sing N N 100 
HIS N   H    sing N N 101 
HIS N   H2   sing N N 102 
HIS CA  C    sing N N 103 
HIS CA  CB   sing N N 104 
HIS CA  HA   sing N N 105 
HIS C   O    doub N N 106 
HIS C   OXT  sing N N 107 
HIS CB  CG   sing N N 108 
HIS CB  HB2  sing N N 109 
HIS CB  HB3  sing N N 110 
HIS CG  ND1  sing Y N 111 
HIS CG  CD2  doub Y N 112 
HIS ND1 CE1  doub Y N 113 
HIS ND1 HD1  sing N N 114 
HIS CD2 NE2  sing Y N 115 
HIS CD2 HD2  sing N N 116 
HIS CE1 NE2  sing Y N 117 
HIS CE1 HE1  sing N N 118 
HIS NE2 HE2  sing N N 119 
HIS OXT HXT  sing N N 120 
ILE N   CA   sing N N 121 
ILE N   H    sing N N 122 
ILE N   H2   sing N N 123 
ILE CA  C    sing N N 124 
ILE CA  CB   sing N N 125 
ILE CA  HA   sing N N 126 
ILE C   O    doub N N 127 
ILE C   OXT  sing N N 128 
ILE CB  CG1  sing N N 129 
ILE CB  CG2  sing N N 130 
ILE CB  HB   sing N N 131 
ILE CG1 CD1  sing N N 132 
ILE CG1 HG12 sing N N 133 
ILE CG1 HG13 sing N N 134 
ILE CG2 HG21 sing N N 135 
ILE CG2 HG22 sing N N 136 
ILE CG2 HG23 sing N N 137 
ILE CD1 HD11 sing N N 138 
ILE CD1 HD12 sing N N 139 
ILE CD1 HD13 sing N N 140 
ILE OXT HXT  sing N N 141 
LEU N   CA   sing N N 142 
LEU N   H    sing N N 143 
LEU N   H2   sing N N 144 
LEU CA  C    sing N N 145 
LEU CA  CB   sing N N 146 
LEU CA  HA   sing N N 147 
LEU C   O    doub N N 148 
LEU C   OXT  sing N N 149 
LEU CB  CG   sing N N 150 
LEU CB  HB2  sing N N 151 
LEU CB  HB3  sing N N 152 
LEU CG  CD1  sing N N 153 
LEU CG  CD2  sing N N 154 
LEU CG  HG   sing N N 155 
LEU CD1 HD11 sing N N 156 
LEU CD1 HD12 sing N N 157 
LEU CD1 HD13 sing N N 158 
LEU CD2 HD21 sing N N 159 
LEU CD2 HD22 sing N N 160 
LEU CD2 HD23 sing N N 161 
LEU OXT HXT  sing N N 162 
LYS N   CA   sing N N 163 
LYS N   H    sing N N 164 
LYS N   H2   sing N N 165 
LYS CA  C    sing N N 166 
LYS CA  CB   sing N N 167 
LYS CA  HA   sing N N 168 
LYS C   O    doub N N 169 
LYS C   OXT  sing N N 170 
LYS CB  CG   sing N N 171 
LYS CB  HB2  sing N N 172 
LYS CB  HB3  sing N N 173 
LYS CG  CD   sing N N 174 
LYS CG  HG2  sing N N 175 
LYS CG  HG3  sing N N 176 
LYS CD  CE   sing N N 177 
LYS CD  HD2  sing N N 178 
LYS CD  HD3  sing N N 179 
LYS CE  NZ   sing N N 180 
LYS CE  HE2  sing N N 181 
LYS CE  HE3  sing N N 182 
LYS NZ  HZ1  sing N N 183 
LYS NZ  HZ2  sing N N 184 
LYS NZ  HZ3  sing N N 185 
LYS OXT HXT  sing N N 186 
MET N   CA   sing N N 187 
MET N   H    sing N N 188 
MET N   H2   sing N N 189 
MET CA  C    sing N N 190 
MET CA  CB   sing N N 191 
MET CA  HA   sing N N 192 
MET C   O    doub N N 193 
MET C   OXT  sing N N 194 
MET CB  CG   sing N N 195 
MET CB  HB2  sing N N 196 
MET CB  HB3  sing N N 197 
MET CG  SD   sing N N 198 
MET CG  HG2  sing N N 199 
MET CG  HG3  sing N N 200 
MET SD  CE   sing N N 201 
MET CE  HE1  sing N N 202 
MET CE  HE2  sing N N 203 
MET CE  HE3  sing N N 204 
MET OXT HXT  sing N N 205 
PRO N   CA   sing N N 206 
PRO N   CD   sing N N 207 
PRO N   H    sing N N 208 
PRO CA  C    sing N N 209 
PRO CA  CB   sing N N 210 
PRO CA  HA   sing N N 211 
PRO C   O    doub N N 212 
PRO C   OXT  sing N N 213 
PRO CB  CG   sing N N 214 
PRO CB  HB2  sing N N 215 
PRO CB  HB3  sing N N 216 
PRO CG  CD   sing N N 217 
PRO CG  HG2  sing N N 218 
PRO CG  HG3  sing N N 219 
PRO CD  HD2  sing N N 220 
PRO CD  HD3  sing N N 221 
PRO OXT HXT  sing N N 222 
SER N   CA   sing N N 223 
SER N   H    sing N N 224 
SER N   H2   sing N N 225 
SER CA  C    sing N N 226 
SER CA  CB   sing N N 227 
SER CA  HA   sing N N 228 
SER C   O    doub N N 229 
SER C   OXT  sing N N 230 
SER CB  OG   sing N N 231 
SER CB  HB2  sing N N 232 
SER CB  HB3  sing N N 233 
SER OG  HG   sing N N 234 
SER OXT HXT  sing N N 235 
THR N   CA   sing N N 236 
THR N   H    sing N N 237 
THR N   H2   sing N N 238 
THR CA  C    sing N N 239 
THR CA  CB   sing N N 240 
THR CA  HA   sing N N 241 
THR C   O    doub N N 242 
THR C   OXT  sing N N 243 
THR CB  OG1  sing N N 244 
THR CB  CG2  sing N N 245 
THR CB  HB   sing N N 246 
THR OG1 HG1  sing N N 247 
THR CG2 HG21 sing N N 248 
THR CG2 HG22 sing N N 249 
THR CG2 HG23 sing N N 250 
THR OXT HXT  sing N N 251 
TYR N   CA   sing N N 252 
TYR N   H    sing N N 253 
TYR N   H2   sing N N 254 
TYR CA  C    sing N N 255 
TYR CA  CB   sing N N 256 
TYR CA  HA   sing N N 257 
TYR C   O    doub N N 258 
TYR C   OXT  sing N N 259 
TYR CB  CG   sing N N 260 
TYR CB  HB2  sing N N 261 
TYR CB  HB3  sing N N 262 
TYR CG  CD1  doub Y N 263 
TYR CG  CD2  sing Y N 264 
TYR CD1 CE1  sing Y N 265 
TYR CD1 HD1  sing N N 266 
TYR CD2 CE2  doub Y N 267 
TYR CD2 HD2  sing N N 268 
TYR CE1 CZ   doub Y N 269 
TYR CE1 HE1  sing N N 270 
TYR CE2 CZ   sing Y N 271 
TYR CE2 HE2  sing N N 272 
TYR CZ  OH   sing N N 273 
TYR OH  HH   sing N N 274 
TYR OXT HXT  sing N N 275 
VAL N   CA   sing N N 276 
VAL N   H    sing N N 277 
VAL N   H2   sing N N 278 
VAL CA  C    sing N N 279 
VAL CA  CB   sing N N 280 
VAL CA  HA   sing N N 281 
VAL C   O    doub N N 282 
VAL C   OXT  sing N N 283 
VAL CB  CG1  sing N N 284 
VAL CB  CG2  sing N N 285 
VAL CB  HB   sing N N 286 
VAL CG1 HG11 sing N N 287 
VAL CG1 HG12 sing N N 288 
VAL CG1 HG13 sing N N 289 
VAL CG2 HG21 sing N N 290 
VAL CG2 HG22 sing N N 291 
VAL CG2 HG23 sing N N 292 
VAL OXT HXT  sing N N 293 
# 
_atom_sites.entry_id                    1PM3 
_atom_sites.fract_transf_matrix[1][1]   -0.00251832 
_atom_sites.fract_transf_matrix[1][2]   0.00029186 
_atom_sites.fract_transf_matrix[1][3]   0.00702026 
_atom_sites.fract_transf_matrix[2][1]   -0.00015632 
_atom_sites.fract_transf_matrix[2][2]   -0.00618913 
_atom_sites.fract_transf_matrix[2][3]   0.00416912 
_atom_sites.fract_transf_matrix[3][1]   0.01343667 
_atom_sites.fract_transf_matrix[3][2]   0.00282828 
_atom_sites.fract_transf_matrix[3][3]   0.00470245 
_atom_sites.fract_transf_vector[1]      0.572360 
_atom_sites.fract_transf_vector[2]      0.160330 
_atom_sites.fract_transf_vector[3]      -0.042774 
# 
loop_
_atom_type.symbol 
C 
N 
O 
S 
# 
loop_
_atom_site.group_PDB 
_atom_site.id 
_atom_site.type_symbol 
_atom_site.label_atom_id 
_atom_site.label_alt_id 
_atom_site.label_comp_id 
_atom_site.label_asym_id 
_atom_site.label_entity_id 
_atom_site.label_seq_id 
_atom_site.pdbx_PDB_ins_code 
_atom_site.Cartn_x 
_atom_site.Cartn_y 
_atom_site.Cartn_z 
_atom_site.occupancy 
_atom_site.B_iso_or_equiv 
_atom_site.pdbx_formal_charge 
_atom_site.auth_seq_id 
_atom_site.auth_comp_id 
_atom_site.auth_asym_id 
_atom_site.auth_atom_id 
_atom_site.pdbx_PDB_model_num 
ATOM 1    N N   . HIS A 1 20 ? -7.819  -7.762  -3.294  1.00 62.85 ? 0  HIS A N   1 
ATOM 2    C CA  . HIS A 1 20 ? -8.246  -6.341  -3.499  1.00 62.85 ? 0  HIS A CA  1 
ATOM 3    C C   . HIS A 1 20 ? -8.508  -5.640  -2.160  1.00 62.85 ? 0  HIS A C   1 
ATOM 4    O O   . HIS A 1 20 ? -9.592  -5.772  -1.589  1.00 62.85 ? 0  HIS A O   1 
ATOM 5    C CB  . HIS A 1 20 ? -9.523  -6.295  -4.346  1.00 98.31 ? 0  HIS A CB  1 
ATOM 6    C CG  . HIS A 1 20 ? -9.498  -7.194  -5.538  1.00 98.31 ? 0  HIS A CG  1 
ATOM 7    N ND1 . HIS A 1 20 ? -8.754  -6.920  -6.673  1.00 98.31 ? 0  HIS A ND1 1 
ATOM 8    C CD2 . HIS A 1 20 ? -10.130 -8.373  -5.788  1.00 98.31 ? 0  HIS A CD2 1 
ATOM 9    C CE1 . HIS A 1 20 ? -8.937  -7.880  -7.560  1.00 98.31 ? 0  HIS A CE1 1 
ATOM 10   N NE2 . HIS A 1 20 ? -9.763  -8.770  -7.047  1.00 98.31 ? 0  HIS A NE2 1 
ATOM 11   N N   . MET A 1 21 ? -7.528  -4.892  -1.654  1.00 39.97 ? 1  MET A N   1 
ATOM 12   C CA  . MET A 1 21 ? -7.722  -4.192  -0.381  1.00 39.97 ? 1  MET A CA  1 
ATOM 13   C C   . MET A 1 21 ? -7.179  -2.765  -0.320  1.00 39.97 ? 1  MET A C   1 
ATOM 14   O O   . MET A 1 21 ? -6.149  -2.449  -0.926  1.00 39.97 ? 1  MET A O   1 
ATOM 15   C CB  . MET A 1 21 ? -7.126  -5.002  0.778   1.00 59.29 ? 1  MET A CB  1 
ATOM 16   C CG  . MET A 1 21 ? -7.462  -4.444  2.163   1.00 59.29 ? 1  MET A CG  1 
ATOM 17   S SD  . MET A 1 21 ? -6.888  -5.450  3.543   1.00 59.29 ? 1  MET A SD  1 
ATOM 18   C CE  . MET A 1 21 ? -8.134  -6.781  3.535   1.00 59.29 ? 1  MET A CE  1 
ATOM 19   N N   . ARG A 1 22 ? -7.898  -1.921  0.428   1.00 35.24 ? 2  ARG A N   1 
ATOM 20   C CA  . ARG A 1 22 ? -7.563  -0.509  0.631   1.00 35.24 ? 2  ARG A CA  1 
ATOM 21   C C   . ARG A 1 22 ? -6.515  -0.377  1.735   1.00 35.24 ? 2  ARG A C   1 
ATOM 22   O O   . ARG A 1 22 ? -6.844  -0.457  2.921   1.00 35.24 ? 2  ARG A O   1 
ATOM 23   C CB  . ARG A 1 22 ? -8.810  0.288   1.050   1.00 36.40 ? 2  ARG A CB  1 
ATOM 24   C CG  . ARG A 1 22 ? -9.855  0.515   -0.036  1.00 36.40 ? 2  ARG A CG  1 
ATOM 25   C CD  . ARG A 1 22 ? -9.279  1.309   -1.204  1.00 36.40 ? 2  ARG A CD  1 
ATOM 26   N NE  . ARG A 1 22 ? -10.266 1.668   -2.233  1.00 36.40 ? 2  ARG A NE  1 
ATOM 27   C CZ  . ARG A 1 22 ? -11.243 2.568   -2.084  1.00 36.40 ? 2  ARG A CZ  1 
ATOM 28   N NH1 . ARG A 1 22 ? -11.388 3.218   -0.930  1.00 36.40 ? 2  ARG A NH1 1 
ATOM 29   N NH2 . ARG A 1 22 ? -12.063 2.837   -3.102  1.00 36.40 ? 2  ARG A NH2 1 
ATOM 30   N N   . ILE A 1 23 ? -5.264  -0.160  1.348   1.00 31.34 ? 3  ILE A N   1 
ATOM 31   C CA  . ILE A 1 23 ? -4.209  -0.042  2.327   1.00 31.34 ? 3  ILE A CA  1 
ATOM 32   C C   . ILE A 1 23 ? -4.561  0.954   3.404   1.00 31.34 ? 3  ILE A C   1 
ATOM 33   O O   . ILE A 1 23 ? -4.637  0.583   4.564   1.00 31.34 ? 3  ILE A O   1 
ATOM 34   C CB  . ILE A 1 23 ? -2.873  0.336   1.677   1.00 16.38 ? 3  ILE A CB  1 
ATOM 35   C CG1 . ILE A 1 23 ? -2.166  -0.925  1.178   1.00 16.38 ? 3  ILE A CG1 1 
ATOM 36   C CG2 . ILE A 1 23 ? -1.976  1.013   2.686   1.00 16.38 ? 3  ILE A CG2 1 
ATOM 37   C CD1 . ILE A 1 23 ? -3.021  -1.790  0.279   1.00 16.38 ? 3  ILE A CD1 1 
ATOM 38   N N   . VAL A 1 24 ? -4.801  2.207   3.051   1.00 55.41 ? 4  VAL A N   1 
ATOM 39   C CA  . VAL A 1 24 ? -5.120  3.183   4.091   1.00 55.41 ? 4  VAL A CA  1 
ATOM 40   C C   . VAL A 1 24 ? -6.359  2.878   4.941   1.00 55.41 ? 4  VAL A C   1 
ATOM 41   O O   . VAL A 1 24 ? -6.254  2.610   6.144   1.00 55.41 ? 4  VAL A O   1 
ATOM 42   C CB  . VAL A 1 24 ? -5.273  4.609   3.511   1.00 52.14 ? 4  VAL A CB  1 
ATOM 43   C CG1 . VAL A 1 24 ? -5.920  5.524   4.549   1.00 52.14 ? 4  VAL A CG1 1 
ATOM 44   C CG2 . VAL A 1 24 ? -3.906  5.152   3.116   1.00 52.14 ? 4  VAL A CG2 1 
ATOM 45   N N   . GLU A 1 25 ? -7.523  2.927   4.306   1.00 92.82 ? 5  GLU A N   1 
ATOM 46   C CA  . GLU A 1 25 ? -8.808  2.698   4.963   1.00 92.82 ? 5  GLU A CA  1 
ATOM 47   C C   . GLU A 1 25 ? -9.023  1.306   5.556   1.00 92.82 ? 5  GLU A C   1 
ATOM 48   O O   . GLU A 1 25 ? -9.852  1.145   6.450   1.00 92.82 ? 5  GLU A O   1 
ATOM 49   C CB  . GLU A 1 25 ? -9.933  2.976   3.965   1.00 93.32 ? 5  GLU A CB  1 
ATOM 50   C CG  . GLU A 1 25 ? -10.054 4.425   3.556   1.00 93.32 ? 5  GLU A CG  1 
ATOM 51   C CD  . GLU A 1 25 ? -10.389 4.575   2.103   1.00 93.32 ? 5  GLU A CD  1 
ATOM 52   O OE1 . GLU A 1 25 ? -11.382 3.971   1.656   1.00 93.32 ? 5  GLU A OE1 1 
ATOM 53   O OE2 . GLU A 1 25 ? -9.660  5.299   1.404   1.00 93.32 ? 5  GLU A OE2 1 
ATOM 54   N N   . GLU A 1 26 ? -8.286  0.307   5.078   1.00 55.38 ? 6  GLU A N   1 
ATOM 55   C CA  . GLU A 1 26 ? -8.470  -1.059  5.571   1.00 55.38 ? 6  GLU A CA  1 
ATOM 56   C C   . GLU A 1 26 ? -7.263  -1.708  6.244   1.00 55.38 ? 6  GLU A C   1 
ATOM 57   O O   . GLU A 1 26 ? -7.154  -1.757  7.476   1.00 55.38 ? 6  GLU A O   1 
ATOM 58   C CB  . GLU A 1 26 ? -8.883  -1.994  4.423   1.00 95.75 ? 6  GLU A CB  1 
ATOM 59   C CG  . GLU A 1 26 ? -10.218 -1.723  3.770   1.00 95.75 ? 6  GLU A CG  1 
ATOM 60   C CD  . GLU A 1 26 ? -10.563 -2.752  2.724   1.00 95.75 ? 6  GLU A CD  1 
ATOM 61   O OE1 . GLU A 1 26 ? -10.682 -3.939  3.068   1.00 95.75 ? 6  GLU A OE1 1 
ATOM 62   O OE2 . GLU A 1 26 ? -10.727 -2.376  1.554   1.00 95.75 ? 6  GLU A OE2 1 
ATOM 63   N N   . MET A 1 27 ? -6.375  -2.212  5.394   1.00 36.06 ? 7  MET A N   1 
ATOM 64   C CA  . MET A 1 27 ? -5.186  -2.948  5.793   1.00 36.06 ? 7  MET A CA  1 
ATOM 65   C C   . MET A 1 27 ? -4.145  -2.137  6.527   1.00 36.06 ? 7  MET A C   1 
ATOM 66   O O   . MET A 1 27 ? -2.957  -2.418  6.445   1.00 36.06 ? 7  MET A O   1 
ATOM 67   C CB  . MET A 1 27 ? -4.572  -3.579  4.556   1.00 31.57 ? 7  MET A CB  1 
ATOM 68   C CG  . MET A 1 27 ? -3.644  -4.681  4.870   1.00 31.57 ? 7  MET A CG  1 
ATOM 69   S SD  . MET A 1 27 ? -2.056  -4.332  4.183   1.00 31.57 ? 7  MET A SD  1 
ATOM 70   C CE  . MET A 1 27 ? -2.067  -5.388  2.627   1.00 31.57 ? 7  MET A CE  1 
ATOM 71   N N   . VAL A 1 28 ? -4.607  -1.111  7.225   1.00 35.43 ? 8  VAL A N   1 
ATOM 72   C CA  . VAL A 1 28 ? -3.730  -0.241  7.982   1.00 35.43 ? 8  VAL A CA  1 
ATOM 73   C C   . VAL A 1 28 ? -4.358  0.016   9.320   1.00 35.43 ? 8  VAL A C   1 
ATOM 74   O O   . VAL A 1 28 ? -5.562  0.236   9.412   1.00 35.43 ? 8  VAL A O   1 
ATOM 75   C CB  . VAL A 1 28 ? -3.505  1.110   7.274   1.00 24.46 ? 8  VAL A CB  1 
ATOM 76   C CG1 . VAL A 1 28 ? -3.271  2.224   8.303   1.00 24.46 ? 8  VAL A CG1 1 
ATOM 77   C CG2 . VAL A 1 28 ? -2.302  1.000   6.336   1.00 24.46 ? 8  VAL A CG2 1 
ATOM 78   N N   . GLY A 1 29 ? -3.525  0.004   10.349  1.00 32.43 ? 9  GLY A N   1 
ATOM 79   C CA  . GLY A 1 29 ? -4.015  0.213   11.696  1.00 32.43 ? 9  GLY A CA  1 
ATOM 80   C C   . GLY A 1 29 ? -4.540  -1.126  12.157  1.00 32.43 ? 9  GLY A C   1 
ATOM 81   O O   . GLY A 1 29 ? -5.127  -1.243  13.234  1.00 32.43 ? 9  GLY A O   1 
ATOM 82   N N   . LYS A 1 30 ? -4.312  -2.136  11.317  1.00 20.98 ? 10 LYS A N   1 
ATOM 83   C CA  . LYS A 1 30 ? -4.739  -3.506  11.561  1.00 20.98 ? 10 LYS A CA  1 
ATOM 84   C C   . LYS A 1 30 ? -3.672  -4.200  12.398  1.00 20.98 ? 10 LYS A C   1 
ATOM 85   O O   . LYS A 1 30 ? -2.466  -4.025  12.151  1.00 20.98 ? 10 LYS A O   1 
ATOM 86   C CB  . LYS A 1 30 ? -4.914  -4.216  10.228  1.00 16.27 ? 10 LYS A CB  1 
ATOM 87   C CG  . LYS A 1 30 ? -5.767  -5.440  10.311  1.00 16.27 ? 10 LYS A CG  1 
ATOM 88   C CD  . LYS A 1 30 ? -6.173  -5.921  8.918   1.00 16.27 ? 10 LYS A CD  1 
ATOM 89   C CE  . LYS A 1 30 ? -7.395  -5.182  8.407   1.00 16.27 ? 10 LYS A CE  1 
ATOM 90   N NZ  . LYS A 1 30 ? -7.868  -5.811  7.144   1.00 16.27 ? 10 LYS A NZ  1 
ATOM 91   N N   . GLU A 1 31 ? -4.112  -4.972  13.393  1.00 20.17 ? 11 GLU A N   1 
ATOM 92   C CA  . GLU A 1 31 ? -3.191  -5.671  14.269  1.00 20.17 ? 11 GLU A CA  1 
ATOM 93   C C   . GLU A 1 31 ? -2.603  -6.907  13.613  1.00 20.17 ? 11 GLU A C   1 
ATOM 94   O O   . GLU A 1 31 ? -3.280  -7.640  12.900  1.00 20.17 ? 11 GLU A O   1 
ATOM 95   C CB  . GLU A 1 31 ? -3.896  -6.076  15.546  1.00 22.91 ? 11 GLU A CB  1 
ATOM 96   C CG  . GLU A 1 31 ? -4.648  -4.954  16.209  1.00 22.91 ? 11 GLU A CG  1 
ATOM 97   C CD  . GLU A 1 31 ? -5.129  -5.315  17.627  1.00 22.91 ? 11 GLU A CD  1 
ATOM 98   O OE1 . GLU A 1 31 ? -4.313  -5.215  18.572  1.00 22.91 ? 11 GLU A OE1 1 
ATOM 99   O OE2 . GLU A 1 31 ? -6.313  -5.706  17.800  1.00 22.91 ? 11 GLU A OE2 1 
ATOM 100  N N   . VAL A 1 32 ? -1.333  -7.139  13.869  1.00 13.31 ? 12 VAL A N   1 
ATOM 101  C CA  . VAL A 1 32 ? -0.660  -8.279  13.306  1.00 13.31 ? 12 VAL A CA  1 
ATOM 102  C C   . VAL A 1 32 ? -0.360  -9.232  14.444  1.00 13.31 ? 12 VAL A C   1 
ATOM 103  O O   . VAL A 1 32 ? 0.261   -8.829  15.430  1.00 13.31 ? 12 VAL A O   1 
ATOM 104  C CB  . VAL A 1 32 ? 0.653   -7.841  12.671  1.00 18.74 ? 12 VAL A CB  1 
ATOM 105  C CG1 . VAL A 1 32 ? 1.416   -9.030  12.133  1.00 18.74 ? 12 VAL A CG1 1 
ATOM 106  C CG2 . VAL A 1 32 ? 0.361   -6.875  11.577  1.00 18.74 ? 12 VAL A CG2 1 
ATOM 107  N N   . LEU A 1 33 ? -0.780  -10.489 14.314  1.00 22.30 ? 13 LEU A N   1 
ATOM 108  C CA  . LEU A 1 33 ? -0.502  -11.468 15.361  1.00 22.30 ? 13 LEU A CA  1 
ATOM 109  C C   . LEU A 1 33 ? 0.500   -12.517 14.868  1.00 22.30 ? 13 LEU A C   1 
ATOM 110  O O   . LEU A 1 33 ? 0.437   -12.955 13.712  1.00 22.30 ? 13 LEU A O   1 
ATOM 111  C CB  . LEU A 1 33 ? -1.789  -12.178 15.798  1.00 13.31 ? 13 LEU A CB  1 
ATOM 112  C CG  . LEU A 1 33 ? -3.002  -11.324 16.083  1.00 13.31 ? 13 LEU A CG  1 
ATOM 113  C CD1 . LEU A 1 33 ? -4.069  -12.153 16.687  1.00 13.31 ? 13 LEU A CD1 1 
ATOM 114  C CD2 . LEU A 1 33 ? -2.602  -10.251 17.028  1.00 13.31 ? 13 LEU A CD2 1 
ATOM 115  N N   . ASP A 1 34 ? 1.432   -12.910 15.733  1.00 13.31 ? 14 ASP A N   1 
ATOM 116  C CA  . ASP A 1 34 ? 2.373   -13.942 15.361  1.00 13.31 ? 14 ASP A CA  1 
ATOM 117  C C   . ASP A 1 34 ? 1.608   -15.273 15.527  1.00 13.31 ? 14 ASP A C   1 
ATOM 118  O O   . ASP A 1 34 ? 0.415   -15.280 15.846  1.00 13.31 ? 14 ASP A O   1 
ATOM 119  C CB  . ASP A 1 34 ? 3.616   -13.906 16.261  1.00 24.20 ? 14 ASP A CB  1 
ATOM 120  C CG  . ASP A 1 34 ? 3.305   -14.212 17.729  1.00 24.20 ? 14 ASP A CG  1 
ATOM 121  O OD1 . ASP A 1 34 ? 2.143   -14.553 18.052  1.00 24.20 ? 14 ASP A OD1 1 
ATOM 122  O OD2 . ASP A 1 34 ? 4.233   -14.138 18.569  1.00 24.20 ? 14 ASP A OD2 1 
ATOM 123  N N   . SER A 1 35 ? 2.276   -16.395 15.317  1.00 16.88 ? 15 SER A N   1 
ATOM 124  C CA  . SER A 1 35 ? 1.612   -17.681 15.449  1.00 16.88 ? 15 SER A CA  1 
ATOM 125  C C   . SER A 1 35 ? 1.224   -18.019 16.897  1.00 16.88 ? 15 SER A C   1 
ATOM 126  O O   . SER A 1 35 ? 0.470   -18.951 17.147  1.00 16.88 ? 15 SER A O   1 
ATOM 127  C CB  . SER A 1 35 ? 2.525   -18.764 14.891  1.00 13.31 ? 15 SER A CB  1 
ATOM 128  O OG  . SER A 1 35 ? 3.784   -18.719 15.538  1.00 13.31 ? 15 SER A OG  1 
ATOM 129  N N   . SER A 1 36 ? 1.739   -17.254 17.846  1.00 18.05 ? 16 SER A N   1 
ATOM 130  C CA  . SER A 1 36 ? 1.466   -17.487 19.250  1.00 18.05 ? 16 SER A CA  1 
ATOM 131  C C   . SER A 1 36 ? 0.317   -16.652 19.769  1.00 18.05 ? 16 SER A C   1 
ATOM 132  O O   . SER A 1 36 ? 0.154   -16.509 20.986  1.00 18.05 ? 16 SER A O   1 
ATOM 133  C CB  . SER A 1 36 ? 2.709   -17.182 20.060  1.00 17.85 ? 16 SER A CB  1 
ATOM 134  O OG  . SER A 1 36 ? 3.725   -18.111 19.747  1.00 17.85 ? 16 SER A OG  1 
ATOM 135  N N   . ALA A 1 37 ? -0.466  -16.099 18.845  1.00 19.40 ? 17 ALA A N   1 
ATOM 136  C CA  . ALA A 1 37 ? -1.611  -15.272 19.196  1.00 19.40 ? 17 ALA A CA  1 
ATOM 137  C C   . ALA A 1 37 ? -1.194  -13.993 19.916  1.00 19.40 ? 17 ALA A C   1 
ATOM 138  O O   . ALA A 1 37 ? -2.006  -13.345 20.586  1.00 19.40 ? 17 ALA A O   1 
ATOM 139  C CB  . ALA A 1 37 ? -2.586  -16.061 20.057  1.00 13.31 ? 17 ALA A CB  1 
ATOM 140  N N   . LYS A 1 38 ? 0.073   -13.635 19.796  1.00 15.33 ? 18 LYS A N   1 
ATOM 141  C CA  . LYS A 1 38 ? 0.545   -12.414 20.410  1.00 15.33 ? 18 LYS A CA  1 
ATOM 142  C C   . LYS A 1 38 ? 0.396   -11.294 19.355  1.00 15.33 ? 18 LYS A C   1 
ATOM 143  O O   . LYS A 1 38 ? 0.370   -11.571 18.156  1.00 15.33 ? 18 LYS A O   1 
ATOM 144  C CB  . LYS A 1 38 ? 2.001   -12.595 20.817  1.00 33.28 ? 18 LYS A CB  1 
ATOM 145  C CG  . LYS A 1 38 ? 2.628   -11.397 21.483  1.00 33.28 ? 18 LYS A CG  1 
ATOM 146  C CD  . LYS A 1 38 ? 4.074   -11.687 21.883  1.00 33.28 ? 18 LYS A CD  1 
ATOM 147  C CE  . LYS A 1 38 ? 4.776   -10.444 22.480  1.00 33.28 ? 18 LYS A CE  1 
ATOM 148  N NZ  . LYS A 1 38 ? 5.023   -9.344  21.471  1.00 33.28 ? 18 LYS A NZ  1 
ATOM 149  N N   . VAL A 1 39 ? 0.264   -10.042 19.789  1.00 14.00 ? 19 VAL A N   1 
ATOM 150  C CA  . VAL A 1 39 ? 0.151   -8.938  18.853  1.00 14.00 ? 19 VAL A CA  1 
ATOM 151  C C   . VAL A 1 39 ? 1.504   -8.266  18.769  1.00 14.00 ? 19 VAL A C   1 
ATOM 152  O O   . VAL A 1 39 ? 2.006   -7.746  19.762  1.00 14.00 ? 19 VAL A O   1 
ATOM 153  C CB  . VAL A 1 39 ? -0.858  -7.900  19.301  1.00 13.31 ? 19 VAL A CB  1 
ATOM 154  C CG1 . VAL A 1 39 ? -0.779  -6.720  18.388  1.00 13.31 ? 19 VAL A CG1 1 
ATOM 155  C CG2 . VAL A 1 39 ? -2.256  -8.481  19.276  1.00 13.31 ? 19 VAL A CG2 1 
ATOM 156  N N   . ILE A 1 40 ? 2.088   -8.296  17.576  1.00 21.43 ? 20 ILE A N   1 
ATOM 157  C CA  . ILE A 1 40 ? 3.386   -7.706  17.318  1.00 21.43 ? 20 ILE A CA  1 
ATOM 158  C C   . ILE A 1 40 ? 3.263   -6.203  17.187  1.00 21.43 ? 20 ILE A C   1 
ATOM 159  O O   . ILE A 1 40 ? 4.221   -5.481  17.459  1.00 21.43 ? 20 ILE A O   1 
ATOM 160  C CB  . ILE A 1 40 ? 3.956   -8.211  16.010  1.00 32.35 ? 20 ILE A CB  1 
ATOM 161  C CG1 . ILE A 1 40 ? 3.980   -9.720  16.010  1.00 32.35 ? 20 ILE A CG1 1 
ATOM 162  C CG2 . ILE A 1 40 ? 5.356   -7.682  15.816  1.00 32.35 ? 20 ILE A CG2 1 
ATOM 163  C CD1 . ILE A 1 40 ? 4.534   -10.269 14.719  1.00 32.35 ? 20 ILE A CD1 1 
ATOM 164  N N   . GLY A 1 41 ? 2.091   -5.750  16.733  1.00 26.28 ? 21 GLY A N   1 
ATOM 165  C CA  . GLY A 1 41 ? 1.838   -4.333  16.543  1.00 26.28 ? 21 GLY A CA  1 
ATOM 166  C C   . GLY A 1 41 ? 0.767   -4.100  15.498  1.00 26.28 ? 21 GLY A C   1 
ATOM 167  O O   . GLY A 1 41 ? 0.050   -5.038  15.119  1.00 26.28 ? 21 GLY A O   1 
ATOM 168  N N   . LYS A 1 42 ? 0.645   -2.857  15.033  1.00 19.18 ? 22 LYS A N   1 
ATOM 169  C CA  . LYS A 1 42 ? -0.343  -2.525  14.012  1.00 19.18 ? 22 LYS A CA  1 
ATOM 170  C C   . LYS A 1 42 ? 0.355   -2.149  12.714  1.00 19.18 ? 22 LYS A C   1 
ATOM 171  O O   . LYS A 1 42 ? 1.572   -1.913  12.710  1.00 19.18 ? 22 LYS A O   1 
ATOM 172  C CB  . LYS A 1 42 ? -1.220  -1.378  14.482  1.00 33.08 ? 22 LYS A CB  1 
ATOM 173  C CG  . LYS A 1 42 ? -2.133  -1.753  15.629  1.00 33.08 ? 22 LYS A CG  1 
ATOM 174  C CD  . LYS A 1 42 ? -3.061  -0.604  15.970  1.00 33.08 ? 22 LYS A CD  1 
ATOM 175  C CE  . LYS A 1 42 ? -4.029  -0.985  17.068  1.00 33.08 ? 22 LYS A CE  1 
ATOM 176  N NZ  . LYS A 1 42 ? -4.998  0.121   17.324  1.00 33.08 ? 22 LYS A NZ  1 
ATOM 177  N N   . VAL A 1 43 ? -0.406  -2.115  11.619  1.00 48.42 ? 23 VAL A N   1 
ATOM 178  C CA  . VAL A 1 43 ? 0.164   -1.775  10.325  1.00 48.42 ? 23 VAL A CA  1 
ATOM 179  C C   . VAL A 1 43 ? 0.332   -0.276  10.222  1.00 48.42 ? 23 VAL A C   1 
ATOM 180  O O   . VAL A 1 43 ? -0.628  0.473   10.299  1.00 48.42 ? 23 VAL A O   1 
ATOM 181  C CB  . VAL A 1 43 ? -0.712  -2.260  9.160   1.00 44.11 ? 23 VAL A CB  1 
ATOM 182  C CG1 . VAL A 1 43 ? -0.052  -1.889  7.838   1.00 44.11 ? 23 VAL A CG1 1 
ATOM 183  C CG2 . VAL A 1 43 ? -0.899  -3.763  9.250   1.00 44.11 ? 23 VAL A CG2 1 
ATOM 184  N N   . LYS A 1 44 ? 1.576   0.145   10.057  1.00 41.47 ? 24 LYS A N   1 
ATOM 185  C CA  . LYS A 1 44 ? 1.941   1.543   9.943   1.00 41.47 ? 24 LYS A CA  1 
ATOM 186  C C   . LYS A 1 44 ? 1.888   1.914   8.465   1.00 41.47 ? 24 LYS A C   1 
ATOM 187  O O   . LYS A 1 44 ? 1.190   2.846   8.070   1.00 41.47 ? 24 LYS A O   1 
ATOM 188  C CB  . LYS A 1 44 ? 3.360   1.706   10.483  1.00 69.61 ? 24 LYS A CB  1 
ATOM 189  C CG  . LYS A 1 44 ? 3.836   3.121   10.759  1.00 69.61 ? 24 LYS A CG  1 
ATOM 190  C CD  . LYS A 1 44 ? 5.163   3.050   11.516  1.00 69.61 ? 24 LYS A CD  1 
ATOM 191  C CE  . LYS A 1 44 ? 5.735   4.410   11.874  1.00 69.61 ? 24 LYS A CE  1 
ATOM 192  N NZ  . LYS A 1 44 ? 6.952   4.258   12.706  1.00 69.61 ? 24 LYS A NZ  1 
ATOM 193  N N   . ASP A 1 45 ? 2.618   1.162   7.654   1.00 32.83 ? 25 ASP A N   1 
ATOM 194  C CA  . ASP A 1 45 ? 2.676   1.405   6.226   1.00 32.83 ? 25 ASP A CA  1 
ATOM 195  C C   . ASP A 1 45 ? 2.957   0.054   5.581   1.00 32.83 ? 25 ASP A C   1 
ATOM 196  O O   . ASP A 1 45 ? 2.824   -0.982  6.227   1.00 32.83 ? 25 ASP A O   1 
ATOM 197  C CB  . ASP A 1 45 ? 3.796   2.406   5.926   1.00 81.40 ? 25 ASP A CB  1 
ATOM 198  C CG  . ASP A 1 45 ? 3.603   3.129   4.618   1.00 81.40 ? 25 ASP A CG  1 
ATOM 199  O OD1 . ASP A 1 45 ? 4.013   4.297   4.538   1.00 81.40 ? 25 ASP A OD1 1 
ATOM 200  O OD2 . ASP A 1 45 ? 3.057   2.541   3.669   1.00 81.40 ? 25 ASP A OD2 1 
ATOM 201  N N   . VAL A 1 46 ? 3.342   0.059   4.312   1.00 13.31 ? 26 VAL A N   1 
ATOM 202  C CA  . VAL A 1 46 ? 3.624   -1.174  3.589   1.00 13.31 ? 26 VAL A CA  1 
ATOM 203  C C   . VAL A 1 46 ? 4.741   -0.950  2.598   1.00 13.31 ? 26 VAL A C   1 
ATOM 204  O O   . VAL A 1 46 ? 4.520   -0.312  1.574   1.00 13.31 ? 26 VAL A O   1 
ATOM 205  C CB  . VAL A 1 46 ? 2.423   -1.610  2.781   1.00 14.83 ? 26 VAL A CB  1 
ATOM 206  C CG1 . VAL A 1 46 ? 2.819   -2.749  1.855   1.00 14.83 ? 26 VAL A CG1 1 
ATOM 207  C CG2 . VAL A 1 46 ? 1.293   -1.999  3.704   1.00 14.83 ? 26 VAL A CG2 1 
ATOM 208  N N   . GLU A 1 47 ? 5.932   -1.455  2.879   1.00 23.94 ? 27 GLU A N   1 
ATOM 209  C CA  . GLU A 1 47 ? 7.015   -1.262  1.937   1.00 23.94 ? 27 GLU A CA  1 
ATOM 210  C C   . GLU A 1 47 ? 6.678   -2.034  0.674   1.00 23.94 ? 27 GLU A C   1 
ATOM 211  O O   . GLU A 1 47 ? 6.223   -3.180  0.730   1.00 23.94 ? 27 GLU A O   1 
ATOM 212  C CB  . GLU A 1 47 ? 8.353   -1.743  2.496   1.00 56.32 ? 27 GLU A CB  1 
ATOM 213  C CG  . GLU A 1 47 ? 8.869   -0.935  3.665   1.00 56.32 ? 27 GLU A CG  1 
ATOM 214  C CD  . GLU A 1 47 ? 10.386  -0.935  3.742   1.00 56.32 ? 27 GLU A CD  1 
ATOM 215  O OE1 . GLU A 1 47 ? 11.010  -1.980  3.444   1.00 56.32 ? 27 GLU A OE1 1 
ATOM 216  O OE2 . GLU A 1 47 ? 10.957  0.113   4.114   1.00 56.32 ? 27 GLU A OE2 1 
ATOM 217  N N   . VAL A 1 48 ? 6.897   -1.387  -0.466  1.00 46.37 ? 28 VAL A N   1 
ATOM 218  C CA  . VAL A 1 48 ? 6.636   -1.979  -1.767  1.00 46.37 ? 28 VAL A CA  1 
ATOM 219  C C   . VAL A 1 48 ? 7.917   -1.957  -2.580  1.00 46.37 ? 28 VAL A C   1 
ATOM 220  O O   . VAL A 1 48 ? 8.671   -0.985  -2.527  1.00 46.37 ? 28 VAL A O   1 
ATOM 221  C CB  . VAL A 1 48 ? 5.595   -1.171  -2.539  1.00 34.02 ? 28 VAL A CB  1 
ATOM 222  C CG1 . VAL A 1 48 ? 5.449   -1.728  -3.932  1.00 34.02 ? 28 VAL A CG1 1 
ATOM 223  C CG2 . VAL A 1 48 ? 4.285   -1.171  -1.806  1.00 34.02 ? 28 VAL A CG2 1 
ATOM 224  N N   . ASP A 1 49 ? 8.178   -3.022  -3.322  1.00 64.28 ? 29 ASP A N   1 
ATOM 225  C CA  . ASP A 1 49 ? 9.362   -3.028  -4.165  1.00 64.28 ? 29 ASP A CA  1 
ATOM 226  C C   . ASP A 1 49 ? 9.013   -2.209  -5.409  1.00 64.28 ? 29 ASP A C   1 
ATOM 227  O O   . ASP A 1 49 ? 8.004   -2.477  -6.066  1.00 64.28 ? 29 ASP A O   1 
ATOM 228  C CB  . ASP A 1 49 ? 9.745   -4.445  -4.585  1.00 73.67 ? 29 ASP A CB  1 
ATOM 229  C CG  . ASP A 1 49 ? 11.002  -4.466  -5.435  1.00 73.67 ? 29 ASP A CG  1 
ATOM 230  O OD1 . ASP A 1 49 ? 12.049  -3.979  -4.967  1.00 73.67 ? 29 ASP A OD1 1 
ATOM 231  O OD2 . ASP A 1 49 ? 10.945  -4.949  -6.581  1.00 73.67 ? 29 ASP A OD2 1 
ATOM 232  N N   . ILE A 1 50 ? 9.845   -1.213  -5.727  1.00 72.14 ? 30 ILE A N   1 
ATOM 233  C CA  . ILE A 1 50 ? 9.614   -0.343  -6.885  1.00 72.14 ? 30 ILE A CA  1 
ATOM 234  C C   . ILE A 1 50 ? 9.543   -1.083  -8.219  1.00 72.14 ? 30 ILE A C   1 
ATOM 235  O O   . ILE A 1 50 ? 8.704   -0.772  -9.069  1.00 72.14 ? 30 ILE A O   1 
ATOM 236  C CB  . ILE A 1 50 ? 10.703  0.759   -6.978  1.00 65.34 ? 30 ILE A CB  1 
ATOM 237  C CG1 . ILE A 1 50 ? 11.991  0.309   -6.284  1.00 65.34 ? 30 ILE A CG1 1 
ATOM 238  C CG2 . ILE A 1 50 ? 10.185  2.039   -6.362  1.00 65.34 ? 30 ILE A CG2 1 
ATOM 239  C CD1 . ILE A 1 50 ? 12.766  -0.736  -7.033  1.00 65.34 ? 30 ILE A CD1 1 
ATOM 240  N N   . GLU A 1 51 ? 10.417  -2.071  -8.384  1.00 85.99 ? 31 GLU A N   1 
ATOM 241  C CA  . GLU A 1 51 ? 10.486  -2.880  -9.594  1.00 85.99 ? 31 GLU A CA  1 
ATOM 242  C C   . GLU A 1 51 ? 9.164   -3.587  -9.854  1.00 85.99 ? 31 GLU A C   1 
ATOM 243  O O   . GLU A 1 51 ? 8.283   -3.061  -10.533 1.00 85.99 ? 31 GLU A O   1 
ATOM 244  C CB  . GLU A 1 51 ? 11.604  -3.925  -9.459  1.00 97.88 ? 31 GLU A CB  1 
ATOM 245  C CG  . GLU A 1 51 ? 12.959  -3.358  -9.083  1.00 97.88 ? 31 GLU A CG  1 
ATOM 246  C CD  . GLU A 1 51 ? 13.485  -2.379  -10.097 1.00 97.88 ? 31 GLU A CD  1 
ATOM 247  O OE1 . GLU A 1 51 ? 12.874  -1.313  -10.281 1.00 97.88 ? 31 GLU A OE1 1 
ATOM 248  O OE2 . GLU A 1 51 ? 14.521  -2.667  -10.713 1.00 97.88 ? 31 GLU A OE2 1 
ATOM 249  N N   . SER A 1 52 ? 9.054   -4.789  -9.293  1.00 70.10 ? 32 SER A N   1 
ATOM 250  C CA  . SER A 1 52 ? 7.883   -5.644  -9.411  1.00 70.10 ? 32 SER A CA  1 
ATOM 251  C C   . SER A 1 52 ? 6.563   -4.981  -9.032  1.00 70.10 ? 32 SER A C   1 
ATOM 252  O O   . SER A 1 52 ? 5.499   -5.584  -9.193  1.00 70.10 ? 32 SER A O   1 
ATOM 253  C CB  . SER A 1 52 ? 8.104   -6.892  -8.553  1.00 77.37 ? 32 SER A CB  1 
ATOM 254  O OG  . SER A 1 52 ? 8.481   -6.532  -7.233  1.00 77.37 ? 32 SER A OG  1 
ATOM 255  N N   . GLN A 1 53 ? 6.625   -3.743  -8.540  1.00 69.19 ? 33 GLN A N   1 
ATOM 256  C CA  . GLN A 1 53 ? 5.414   -3.027  -8.135  1.00 69.19 ? 33 GLN A CA  1 
ATOM 257  C C   . GLN A 1 53 ? 4.676   -3.913  -7.148  1.00 69.19 ? 33 GLN A C   1 
ATOM 258  O O   . GLN A 1 53 ? 3.466   -3.824  -6.985  1.00 69.19 ? 33 GLN A O   1 
ATOM 259  C CB  . GLN A 1 53 ? 4.534   -2.743  -9.359  1.00 95.56 ? 33 GLN A CB  1 
ATOM 260  C CG  . GLN A 1 53 ? 3.076   -2.373  -9.058  1.00 95.56 ? 33 GLN A CG  1 
ATOM 261  C CD  . GLN A 1 53 ? 2.085   -3.492  -9.362  1.00 95.56 ? 33 GLN A CD  1 
ATOM 262  O OE1 . GLN A 1 53 ? 2.186   -4.589  -8.835  1.00 95.56 ? 33 GLN A OE1 1 
ATOM 263  N NE2 . GLN A 1 53 ? 1.113   -3.202  -10.209 1.00 95.56 ? 33 GLN A NE2 1 
ATOM 264  N N   . ALA A 1 54 ? 5.434   -4.765  -6.472  1.00 58.05 ? 34 ALA A N   1 
ATOM 265  C CA  . ALA A 1 54 ? 4.873   -5.700  -5.505  1.00 58.05 ? 34 ALA A CA  1 
ATOM 266  C C   . ALA A 1 54 ? 5.189   -5.379  -4.041  1.00 58.05 ? 34 ALA A C   1 
ATOM 267  O O   . ALA A 1 54 ? 6.157   -4.668  -3.732  1.00 58.05 ? 34 ALA A O   1 
ATOM 268  C CB  . ALA A 1 54 ? 5.352   -7.124  -5.838  1.00 41.11 ? 34 ALA A CB  1 
ATOM 269  N N   . ILE A 1 55 ? 4.349   -5.913  -3.149  1.00 30.60 ? 35 ILE A N   1 
ATOM 270  C CA  . ILE A 1 55 ? 4.527   -5.757  -1.707  1.00 30.60 ? 35 ILE A CA  1 
ATOM 271  C C   . ILE A 1 55 ? 5.670   -6.665  -1.269  1.00 30.60 ? 35 ILE A C   1 
ATOM 272  O O   . ILE A 1 55 ? 5.845   -7.768  -1.793  1.00 30.60 ? 35 ILE A O   1 
ATOM 273  C CB  . ILE A 1 55 ? 3.294   -6.185  -0.934  1.00 21.02 ? 35 ILE A CB  1 
ATOM 274  C CG1 . ILE A 1 55 ? 2.146   -5.218  -1.196  1.00 21.02 ? 35 ILE A CG1 1 
ATOM 275  C CG2 . ILE A 1 55 ? 3.609   -6.207  0.535   1.00 21.02 ? 35 ILE A CG2 1 
ATOM 276  C CD1 . ILE A 1 55 ? 0.957   -5.485  -0.308  1.00 21.02 ? 35 ILE A CD1 1 
ATOM 277  N N   . GLU A 1 56 ? 6.440   -6.210  -0.293  1.00 39.23 ? 36 GLU A N   1 
ATOM 278  C CA  . GLU A 1 56 ? 7.570   -6.992  0.155   1.00 39.23 ? 36 GLU A CA  1 
ATOM 279  C C   . GLU A 1 56 ? 7.612   -7.089  1.665   1.00 39.23 ? 36 GLU A C   1 
ATOM 280  O O   . GLU A 1 56 ? 8.234   -7.992  2.224   1.00 39.23 ? 36 GLU A O   1 
ATOM 281  C CB  . GLU A 1 56 ? 8.854   -6.362  -0.369  1.00 98.31 ? 36 GLU A CB  1 
ATOM 282  C CG  . GLU A 1 56 ? 10.047  -7.279  -0.317  1.00 98.31 ? 36 GLU A CG  1 
ATOM 283  C CD  . GLU A 1 56 ? 11.171  -6.799  -1.194  1.00 98.31 ? 36 GLU A CD  1 
ATOM 284  O OE1 . GLU A 1 56 ? 12.152  -7.553  -1.354  1.00 98.31 ? 36 GLU A OE1 1 
ATOM 285  O OE2 . GLU A 1 56 ? 11.074  -5.672  -1.727  1.00 98.31 ? 36 GLU A OE2 1 
ATOM 286  N N   . SER A 1 57 ? 6.943   -6.156  2.327   1.00 13.31 ? 37 SER A N   1 
ATOM 287  C CA  . SER A 1 57 ? 6.918   -6.153  3.777   1.00 13.31 ? 37 SER A CA  1 
ATOM 288  C C   . SER A 1 57 ? 5.970   -5.141  4.415   1.00 13.31 ? 37 SER A C   1 
ATOM 289  O O   . SER A 1 57 ? 5.642   -4.109  3.829   1.00 13.31 ? 37 SER A O   1 
ATOM 290  C CB  . SER A 1 57 ? 8.336   -5.948  4.322   1.00 15.38 ? 37 SER A CB  1 
ATOM 291  O OG  . SER A 1 57 ? 8.956   -4.844  3.714   1.00 15.38 ? 37 SER A OG  1 
ATOM 292  N N   . LEU A 1 58 ? 5.529   -5.459  5.629   1.00 30.82 ? 38 LEU A N   1 
ATOM 293  C CA  . LEU A 1 58 ? 4.626   -4.607  6.373   1.00 30.82 ? 38 LEU A CA  1 
ATOM 294  C C   . LEU A 1 58 ? 5.480   -3.911  7.391   1.00 30.82 ? 38 LEU A C   1 
ATOM 295  O O   . LEU A 1 58 ? 6.396   -4.509  7.961   1.00 30.82 ? 38 LEU A O   1 
ATOM 296  C CB  . LEU A 1 58 ? 3.569   -5.436  7.097   1.00 14.01 ? 38 LEU A CB  1 
ATOM 297  C CG  . LEU A 1 58 ? 2.475   -6.062  6.238   1.00 14.01 ? 38 LEU A CG  1 
ATOM 298  C CD1 . LEU A 1 58 ? 3.106   -6.681  5.022   1.00 14.01 ? 38 LEU A CD1 1 
ATOM 299  C CD2 . LEU A 1 58 ? 1.738   -7.124  7.015   1.00 14.01 ? 38 LEU A CD2 1 
ATOM 300  N N   . VAL A 1 59 ? 5.206   -2.634  7.605   1.00 13.31 ? 39 VAL A N   1 
ATOM 301  C CA  . VAL A 1 59 ? 5.949   -1.884  8.602   1.00 13.31 ? 39 VAL A CA  1 
ATOM 302  C C   . VAL A 1 59 ? 4.964   -1.712  9.753   1.00 13.31 ? 39 VAL A C   1 
ATOM 303  O O   . VAL A 1 59 ? 3.942   -1.043  9.599   1.00 13.31 ? 39 VAL A O   1 
ATOM 304  C CB  . VAL A 1 59 ? 6.362   -0.516  8.064   1.00 26.77 ? 39 VAL A CB  1 
ATOM 305  C CG1 . VAL A 1 59 ? 7.749   -0.587  7.555   1.00 26.77 ? 39 VAL A CG1 1 
ATOM 306  C CG2 . VAL A 1 59 ? 5.434   -0.086  6.947   1.00 26.77 ? 39 VAL A CG2 1 
ATOM 307  N N   . LEU A 1 60 ? 5.242   -2.334  10.888  1.00 19.87 ? 40 LEU A N   1 
ATOM 308  C CA  . LEU A 1 60 ? 4.326   -2.243  12.004  1.00 19.87 ? 40 LEU A CA  1 
ATOM 309  C C   . LEU A 1 60 ? 4.742   -1.148  12.994  1.00 19.87 ? 40 LEU A C   1 
ATOM 310  O O   . LEU A 1 60 ? 5.882   -0.683  12.945  1.00 19.87 ? 40 LEU A O   1 
ATOM 311  C CB  . LEU A 1 60 ? 4.282   -3.589  12.749  1.00 29.42 ? 40 LEU A CB  1 
ATOM 312  C CG  . LEU A 1 60 ? 4.149   -4.861  11.919  1.00 29.42 ? 40 LEU A CG  1 
ATOM 313  C CD1 . LEU A 1 60 ? 3.724   -5.985  12.831  1.00 29.42 ? 40 LEU A CD1 1 
ATOM 314  C CD2 . LEU A 1 60 ? 3.112   -4.666  10.844  1.00 29.42 ? 40 LEU A CD2 1 
ATOM 315  N N   . GLY A 1 61 ? 3.815   -0.746  13.850  1.00 32.71 ? 41 GLY A N   1 
ATOM 316  C CA  . GLY A 1 61 ? 4.107   0.226   14.891  1.00 32.71 ? 41 GLY A CA  1 
ATOM 317  C C   . GLY A 1 61 ? 3.989   -0.282  16.336  1.00 32.71 ? 41 GLY A C   1 
ATOM 318  O O   . GLY A 1 61 ? 3.167   -1.152  16.561  1.00 32.71 ? 41 GLY A O   1 
ATOM 319  N N   . LYS A 1 62 ? 4.869   0.220   17.225  1.00 98.31 ? 42 LYS A N   1 
ATOM 320  C CA  . LYS A 1 62 ? 5.057   -0.141  18.637  1.00 98.31 ? 42 LYS A CA  1 
ATOM 321  C C   . LYS A 1 62 ? 3.963   0.775   19.304  1.00 98.31 ? 42 LYS A C   1 
ATOM 322  O O   . LYS A 1 62 ? 3.021   0.268   19.872  1.00 98.31 ? 42 LYS A O   1 
ATOM 323  C CB  . LYS A 1 62 ? 6.506   0.246   19.020  1.00 82.54 ? 42 LYS A CB  1 
ATOM 324  C CG  . LYS A 1 62 ? 7.135   -0.259  20.364  1.00 82.54 ? 42 LYS A CG  1 
ATOM 325  C CD  . LYS A 1 62 ? 6.850   0.733   21.521  1.00 82.54 ? 42 LYS A CD  1 
ATOM 326  C CE  . LYS A 1 62 ? 7.610   0.399   22.802  1.00 82.54 ? 42 LYS A CE  1 
ATOM 327  N NZ  . LYS A 1 62 ? 7.427   1.356   23.931  1.00 82.54 ? 42 LYS A NZ  1 
ATOM 328  N N   . GLY A 1 63 ? 4.061   2.128   19.239  1.00 98.31 ? 43 GLY A N   1 
ATOM 329  C CA  . GLY A 1 63 ? 3.055   2.975   19.868  1.00 98.31 ? 43 GLY A CA  1 
ATOM 330  C C   . GLY A 1 63 ? 3.443   4.131   20.759  1.00 98.31 ? 43 GLY A C   1 
ATOM 331  O O   . GLY A 1 63 ? 2.714   5.098   20.930  1.00 98.31 ? 43 GLY A O   1 
ATOM 332  N N   . GLY A 1 64 ? 4.629   4.056   21.338  1.00 97.37 ? 44 GLY A N   1 
ATOM 333  C CA  . GLY A 1 64 ? 4.951   5.175   22.171  1.00 97.37 ? 44 GLY A CA  1 
ATOM 334  C C   . GLY A 1 64 ? 6.263   5.910   22.202  1.00 97.37 ? 44 GLY A C   1 
ATOM 335  O O   . GLY A 1 64 ? 7.012   5.706   21.252  1.00 97.37 ? 44 GLY A O   1 
ATOM 336  N N   . GLY A 1 74 ? 10.901  2.335   16.099  1.00 70.95 ? 54 GLY A N   1 
ATOM 337  C CA  . GLY A 1 74 ? 9.647   2.290   16.872  1.00 70.95 ? 54 GLY A CA  1 
ATOM 338  C C   . GLY A 1 74 ? 8.768   1.397   16.062  1.00 70.95 ? 54 GLY A C   1 
ATOM 339  O O   . GLY A 1 74 ? 7.695   0.955   16.414  1.00 70.95 ? 54 GLY A O   1 
ATOM 340  N N   . GLU A 1 75 ? 9.411   1.096   14.960  1.00 45.79 ? 55 GLU A N   1 
ATOM 341  C CA  . GLU A 1 75 ? 8.952   0.363   13.828  1.00 45.79 ? 55 GLU A CA  1 
ATOM 342  C C   . GLU A 1 75 ? 9.484   -1.058  13.643  1.00 45.79 ? 55 GLU A C   1 
ATOM 343  O O   . GLU A 1 75 ? 10.672  -1.310  13.803  1.00 45.79 ? 55 GLU A O   1 
ATOM 344  C CB  . GLU A 1 75 ? 9.407   1.215   12.678  1.00 57.84 ? 55 GLU A CB  1 
ATOM 345  C CG  . GLU A 1 75 ? 8.646   1.169   11.461  1.00 57.84 ? 55 GLU A CG  1 
ATOM 346  C CD  . GLU A 1 75 ? 9.271   2.112   10.474  1.00 57.84 ? 55 GLU A CD  1 
ATOM 347  O OE1 . GLU A 1 75 ? 10.362  1.784   9.950   1.00 57.84 ? 55 GLU A OE1 1 
ATOM 348  O OE2 . GLU A 1 75 ? 8.688   3.197   10.252  1.00 57.84 ? 55 GLU A OE2 1 
ATOM 349  N N   . THR A 1 76 ? 8.608   -1.978  13.247  1.00 38.52 ? 56 THR A N   1 
ATOM 350  C CA  . THR A 1 76 ? 9.005   -3.359  12.990  1.00 38.52 ? 56 THR A CA  1 
ATOM 351  C C   . THR A 1 76 ? 8.675   -3.701  11.550  1.00 38.52 ? 56 THR A C   1 
ATOM 352  O O   . THR A 1 76 ? 7.531   -3.543  11.103  1.00 38.52 ? 56 THR A O   1 
ATOM 353  C CB  . THR A 1 76 ? 8.254   -4.356  13.865  1.00 57.16 ? 56 THR A CB  1 
ATOM 354  O OG1 . THR A 1 76 ? 8.061   -3.805  15.170  1.00 57.16 ? 56 THR A OG1 1 
ATOM 355  C CG2 . THR A 1 76 ? 9.057   -5.628  13.988  1.00 57.16 ? 56 THR A CG2 1 
ATOM 356  N N   . ILE A 1 77 ? 9.683   -4.164  10.824  1.00 19.70 ? 57 ILE A N   1 
ATOM 357  C CA  . ILE A 1 77 ? 9.503   -4.532  9.425   1.00 19.70 ? 57 ILE A CA  1 
ATOM 358  C C   . ILE A 1 77 ? 9.388   -6.045  9.251   1.00 19.70 ? 57 ILE A C   1 
ATOM 359  O O   . ILE A 1 77 ? 10.372  -6.780  9.362   1.00 19.70 ? 57 ILE A O   1 
ATOM 360  C CB  . ILE A 1 77 ? 10.669  -4.013  8.561   1.00 38.67 ? 57 ILE A CB  1 
ATOM 361  C CG1 . ILE A 1 77 ? 10.647  -2.485  8.530   1.00 38.67 ? 57 ILE A CG1 1 
ATOM 362  C CG2 . ILE A 1 77 ? 10.557  -4.551  7.146   1.00 38.67 ? 57 ILE A CG2 1 
ATOM 363  C CD1 . ILE A 1 77 ? 11.753  -1.874  7.663   1.00 38.67 ? 57 ILE A CD1 1 
ATOM 364  N N   . VAL A 1 78 ? 8.172   -6.492  8.958   1.00 13.31 ? 58 VAL A N   1 
ATOM 365  C CA  . VAL A 1 78 ? 7.880   -7.902  8.769   1.00 13.31 ? 58 VAL A CA  1 
ATOM 366  C C   . VAL A 1 78 ? 7.632   -8.269  7.316   1.00 13.31 ? 58 VAL A C   1 
ATOM 367  O O   . VAL A 1 78 ? 6.716   -7.739  6.685   1.00 13.31 ? 58 VAL A O   1 
ATOM 368  C CB  . VAL A 1 78 ? 6.625   -8.313  9.557   1.00 13.70 ? 58 VAL A CB  1 
ATOM 369  C CG1 . VAL A 1 78 ? 6.344   -9.801  9.379   1.00 13.70 ? 58 VAL A CG1 1 
ATOM 370  C CG2 . VAL A 1 78 ? 6.818   -7.985  11.009  1.00 13.70 ? 58 VAL A CG2 1 
ATOM 371  N N   . PRO A 1 79 ? 8.431   -9.215  6.789   1.00 13.31 ? 59 PRO A N   1 
ATOM 372  C CA  . PRO A 1 79 ? 8.390   -9.752  5.418   1.00 13.31 ? 59 PRO A CA  1 
ATOM 373  C C   . PRO A 1 79 ? 6.969   -10.188 5.089   1.00 13.31 ? 59 PRO A C   1 
ATOM 374  O O   . PRO A 1 79 ? 6.356   -10.896 5.876   1.00 13.31 ? 59 PRO A O   1 
ATOM 375  C CB  . PRO A 1 79 ? 9.315   -10.948 5.498   1.00 13.31 ? 59 PRO A CB  1 
ATOM 376  C CG  . PRO A 1 79 ? 10.306  -10.531 6.508   1.00 13.31 ? 59 PRO A CG  1 
ATOM 377  C CD  . PRO A 1 79 ? 9.462   -9.902  7.575   1.00 13.31 ? 59 PRO A CD  1 
ATOM 378  N N   . TYR A 1 80 ? 6.442   -9.796  3.940   1.00 26.50 ? 60 TYR A N   1 
ATOM 379  C CA  . TYR A 1 80 ? 5.074   -10.165 3.593   1.00 26.50 ? 60 TYR A CA  1 
ATOM 380  C C   . TYR A 1 80 ? 4.924   -11.683 3.423   1.00 26.50 ? 60 TYR A C   1 
ATOM 381  O O   . TYR A 1 80 ? 3.822   -12.240 3.499   1.00 26.50 ? 60 TYR A O   1 
ATOM 382  C CB  . TYR A 1 80 ? 4.663   -9.452  2.313   1.00 13.31 ? 60 TYR A CB  1 
ATOM 383  C CG  . TYR A 1 80 ? 3.195   -9.553  2.012   1.00 13.31 ? 60 TYR A CG  1 
ATOM 384  C CD1 . TYR A 1 80 ? 2.275   -8.710  2.637   1.00 13.31 ? 60 TYR A CD1 1 
ATOM 385  C CD2 . TYR A 1 80 ? 2.719   -10.493 1.100   1.00 13.31 ? 60 TYR A CD2 1 
ATOM 386  C CE1 . TYR A 1 80 ? 0.905   -8.787  2.364   1.00 13.31 ? 60 TYR A CE1 1 
ATOM 387  C CE2 . TYR A 1 80 ? 1.349   -10.592 0.813   1.00 13.31 ? 60 TYR A CE2 1 
ATOM 388  C CZ  . TYR A 1 80 ? 0.444   -9.732  1.452   1.00 13.31 ? 60 TYR A CZ  1 
ATOM 389  O OH  . TYR A 1 80 ? -0.910  -9.829  1.176   1.00 13.31 ? 60 TYR A OH  1 
ATOM 390  N N   . GLU A 1 81 ? 6.044   -12.354 3.203   1.00 28.71 ? 61 GLU A N   1 
ATOM 391  C CA  . GLU A 1 81 ? 6.040   -13.797 3.011   1.00 28.71 ? 61 GLU A CA  1 
ATOM 392  C C   . GLU A 1 81 ? 5.739   -14.503 4.327   1.00 28.71 ? 61 GLU A C   1 
ATOM 393  O O   . GLU A 1 81 ? 5.679   -15.730 4.388   1.00 28.71 ? 61 GLU A O   1 
ATOM 394  C CB  . GLU A 1 81 ? 7.402   -14.242 2.473   1.00 98.19 ? 61 GLU A CB  1 
ATOM 395  C CG  . GLU A 1 81 ? 7.949   -13.315 1.381   1.00 98.19 ? 61 GLU A CG  1 
ATOM 396  C CD  . GLU A 1 81 ? 8.337   -11.928 1.882   1.00 98.19 ? 61 GLU A CD  1 
ATOM 397  O OE1 . GLU A 1 81 ? 9.308   -11.821 2.656   1.00 98.19 ? 61 GLU A OE1 1 
ATOM 398  O OE2 . GLU A 1 81 ? 7.684   -10.936 1.502   1.00 98.19 ? 61 GLU A OE2 1 
ATOM 399  N N   . MET A 1 82 ? 5.547   -13.715 5.380   1.00 23.06 ? 62 MET A N   1 
ATOM 400  C CA  . MET A 1 82 ? 5.268   -14.234 6.709   1.00 23.06 ? 62 MET A CA  1 
ATOM 401  C C   . MET A 1 82 ? 3.743   -14.241 6.916   1.00 23.06 ? 62 MET A C   1 
ATOM 402  O O   . MET A 1 82 ? 3.181   -15.120 7.565   1.00 23.06 ? 62 MET A O   1 
ATOM 403  C CB  . MET A 1 82 ? 5.937   -13.320 7.741   1.00 26.90 ? 62 MET A CB  1 
ATOM 404  C CG  . MET A 1 82 ? 6.354   -13.992 9.009   1.00 26.90 ? 62 MET A CG  1 
ATOM 405  S SD  . MET A 1 82 ? 8.081   -14.378 8.925   1.00 26.90 ? 62 MET A SD  1 
ATOM 406  C CE  . MET A 1 82 ? 8.020   -15.916 8.050   1.00 26.90 ? 62 MET A CE  1 
ATOM 407  N N   . VAL A 1 83 ? 3.071   -13.252 6.347   1.00 17.44 ? 63 VAL A N   1 
ATOM 408  C CA  . VAL A 1 83 ? 1.638   -13.150 6.499   1.00 17.44 ? 63 VAL A CA  1 
ATOM 409  C C   . VAL A 1 83 ? 0.943   -14.426 6.070   1.00 17.44 ? 63 VAL A C   1 
ATOM 410  O O   . VAL A 1 83 ? 1.118   -14.865 4.947   1.00 17.44 ? 63 VAL A O   1 
ATOM 411  C CB  . VAL A 1 83 ? 1.110   -11.979 5.687   1.00 13.31 ? 63 VAL A CB  1 
ATOM 412  C CG1 . VAL A 1 83 ? -0.390  -11.951 5.706   1.00 13.31 ? 63 VAL A CG1 1 
ATOM 413  C CG2 . VAL A 1 83 ? 1.650   -10.715 6.266   1.00 13.31 ? 63 VAL A CG2 1 
ATOM 414  N N   . LYS A 1 84 ? 0.150   -15.003 6.966   1.00 15.43 ? 64 LYS A N   1 
ATOM 415  C CA  . LYS A 1 84 ? -0.594  -16.222 6.702   1.00 15.43 ? 64 LYS A CA  1 
ATOM 416  C C   . LYS A 1 84 ? -2.037  -15.918 6.288   1.00 15.43 ? 64 LYS A C   1 
ATOM 417  O O   . LYS A 1 84 ? -2.551  -16.514 5.357   1.00 15.43 ? 64 LYS A O   1 
ATOM 418  C CB  . LYS A 1 84 ? -0.603  -17.090 7.954   1.00 26.01 ? 64 LYS A CB  1 
ATOM 419  C CG  . LYS A 1 84 ? -1.163  -18.467 7.717   1.00 26.01 ? 64 LYS A CG  1 
ATOM 420  C CD  . LYS A 1 84 ? -1.867  -19.014 8.941   1.00 26.01 ? 64 LYS A CD  1 
ATOM 421  C CE  . LYS A 1 84 ? -0.954  -19.022 10.171  1.00 26.01 ? 64 LYS A CE  1 
ATOM 422  N NZ  . LYS A 1 84 ? -1.734  -19.350 11.429  1.00 26.01 ? 64 LYS A NZ  1 
ATOM 423  N N   . LYS A 1 85 ? -2.696  -15.006 6.991   1.00 32.14 ? 65 LYS A N   1 
ATOM 424  C CA  . LYS A 1 85 ? -4.077  -14.664 6.673   1.00 32.14 ? 65 LYS A CA  1 
ATOM 425  C C   . LYS A 1 85 ? -4.320  -13.184 6.891   1.00 32.14 ? 65 LYS A C   1 
ATOM 426  O O   . LYS A 1 85 ? -3.662  -12.570 7.737   1.00 32.14 ? 65 LYS A O   1 
ATOM 427  C CB  . LYS A 1 85 ? -5.018  -15.455 7.569   1.00 45.60 ? 65 LYS A CB  1 
ATOM 428  C CG  . LYS A 1 85 ? -5.721  -16.585 6.869   1.00 45.60 ? 65 LYS A CG  1 
ATOM 429  C CD  . LYS A 1 85 ? -6.810  -16.045 5.970   1.00 45.60 ? 65 LYS A CD  1 
ATOM 430  C CE  . LYS A 1 85 ? -7.577  -17.172 5.275   1.00 45.60 ? 65 LYS A CE  1 
ATOM 431  N NZ  . LYS A 1 85 ? -8.703  -16.654 4.417   1.00 45.60 ? 65 LYS A NZ  1 
ATOM 432  N N   . ILE A 1 86 ? -5.249  -12.599 6.133   1.00 13.31 ? 66 ILE A N   1 
ATOM 433  C CA  . ILE A 1 86 ? -5.559  -11.185 6.319   1.00 13.31 ? 66 ILE A CA  1 
ATOM 434  C C   . ILE A 1 86 ? -7.057  -10.993 6.357   1.00 13.31 ? 66 ILE A C   1 
ATOM 435  O O   . ILE A 1 86 ? -7.710  -11.033 5.315   1.00 13.31 ? 66 ILE A O   1 
ATOM 436  C CB  . ILE A 1 86 ? -5.024  -10.323 5.192   1.00 13.31 ? 66 ILE A CB  1 
ATOM 437  C CG1 . ILE A 1 86 ? -3.507  -10.379 5.171   1.00 13.31 ? 66 ILE A CG1 1 
ATOM 438  C CG2 . ILE A 1 86 ? -5.460  -8.892  5.394   1.00 13.31 ? 66 ILE A CG2 1 
ATOM 439  C CD1 . ILE A 1 86 ? -2.887  -9.520  4.084   1.00 13.31 ? 66 ILE A CD1 1 
ATOM 440  N N   . GLY A 1 87 ? -7.604  -10.804 7.556   1.00 15.94 ? 67 GLY A N   1 
ATOM 441  C CA  . GLY A 1 87 ? -9.032  -10.616 7.696   1.00 15.94 ? 67 GLY A CA  1 
ATOM 442  C C   . GLY A 1 87 ? -9.204  -9.443  8.611   1.00 15.94 ? 67 GLY A C   1 
ATOM 443  O O   . GLY A 1 87 ? -8.732  -8.354  8.309   1.00 15.94 ? 67 GLY A O   1 
ATOM 444  N N   . ASP A 1 88 ? -9.878  -9.651  9.730   1.00 23.90 ? 68 ASP A N   1 
ATOM 445  C CA  . ASP A 1 88 ? -10.027 -8.572  10.665  1.00 23.90 ? 68 ASP A CA  1 
ATOM 446  C C   . ASP A 1 88 ? -8.627  -8.293  11.183  1.00 23.90 ? 68 ASP A C   1 
ATOM 447  O O   . ASP A 1 88 ? -8.211  -7.140  11.276  1.00 23.90 ? 68 ASP A O   1 
ATOM 448  C CB  . ASP A 1 88 ? -10.965 -8.977  11.789  1.00 31.58 ? 68 ASP A CB  1 
ATOM 449  C CG  . ASP A 1 88 ? -12.380 -9.150  11.306  1.00 31.58 ? 68 ASP A CG  1 
ATOM 450  O OD1 . ASP A 1 88 ? -12.729 -8.457  10.328  1.00 31.58 ? 68 ASP A OD1 1 
ATOM 451  O OD2 . ASP A 1 88 ? -13.138 -9.950  11.897  1.00 31.58 ? 68 ASP A OD2 1 
ATOM 452  N N   . LYS A 1 89 ? -7.897  -9.349  11.514  1.00 13.81 ? 69 LYS A N   1 
ATOM 453  C CA  . LYS A 1 89 ? -6.533  -9.191  11.978  1.00 13.81 ? 69 LYS A CA  1 
ATOM 454  C C   . LYS A 1 89 ? -5.648  -9.854  10.947  1.00 13.81 ? 69 LYS A C   1 
ATOM 455  O O   . LYS A 1 89 ? -6.127  -10.578 10.093  1.00 13.81 ? 69 LYS A O   1 
ATOM 456  C CB  . LYS A 1 89 ? -6.320  -9.874  13.327  1.00 42.62 ? 69 LYS A CB  1 
ATOM 457  C CG  . LYS A 1 89 ? -6.739  -9.082  14.541  1.00 42.62 ? 69 LYS A CG  1 
ATOM 458  C CD  . LYS A 1 89 ? -8.224  -8.813  14.562  1.00 42.62 ? 69 LYS A CD  1 
ATOM 459  C CE  . LYS A 1 89 ? -8.598  -8.137  15.861  1.00 42.62 ? 69 LYS A CE  1 
ATOM 460  N NZ  . LYS A 1 89 ? -8.243  -6.698  15.807  1.00 42.62 ? 69 LYS A NZ  1 
ATOM 461  N N   . ILE A 1 90 ? -4.355  -9.603  11.025  1.00 13.31 ? 70 ILE A N   1 
ATOM 462  C CA  . ILE A 1 90 ? -3.407  -10.204 10.101  1.00 13.31 ? 70 ILE A CA  1 
ATOM 463  C C   . ILE A 1 90 ? -2.662  -11.275 10.874  1.00 13.31 ? 70 ILE A C   1 
ATOM 464  O O   . ILE A 1 90 ? -2.018  -10.994 11.890  1.00 13.31 ? 70 ILE A O   1 
ATOM 465  C CB  . ILE A 1 90 ? -2.402  -9.168  9.578   1.00 14.79 ? 70 ILE A CB  1 
ATOM 466  C CG1 . ILE A 1 90 ? -3.135  -8.141  8.724   1.00 14.79 ? 70 ILE A CG1 1 
ATOM 467  C CG2 . ILE A 1 90 ? -1.308  -9.849  8.805   1.00 14.79 ? 70 ILE A CG2 1 
ATOM 468  C CD1 . ILE A 1 90 ? -2.349  -6.923  8.442   1.00 14.79 ? 70 ILE A CD1 1 
ATOM 469  N N   . LEU A 1 91 ? -2.730  -12.502 10.382  1.00 13.31 ? 71 LEU A N   1 
ATOM 470  C CA  . LEU A 1 91 ? -2.077  -13.607 11.059  1.00 13.31 ? 71 LEU A CA  1 
ATOM 471  C C   . LEU A 1 91 ? -0.803  -14.054 10.384  1.00 13.31 ? 71 LEU A C   1 
ATOM 472  O O   . LEU A 1 91 ? -0.838  -14.475 9.239   1.00 13.31 ? 71 LEU A O   1 
ATOM 473  C CB  . LEU A 1 91 ? -3.034  -14.784 11.137  1.00 17.39 ? 71 LEU A CB  1 
ATOM 474  C CG  . LEU A 1 91 ? -4.356  -14.410 11.797  1.00 17.39 ? 71 LEU A CG  1 
ATOM 475  C CD1 . LEU A 1 91 ? -5.311  -15.579 11.771  1.00 17.39 ? 71 LEU A CD1 1 
ATOM 476  C CD2 . LEU A 1 91 ? -4.087  -13.972 13.230  1.00 17.39 ? 71 LEU A CD2 1 
ATOM 477  N N   . LEU A 1 92 ? 0.321   -13.963 11.084  1.00 13.31 ? 72 LEU A N   1 
ATOM 478  C CA  . LEU A 1 92 ? 1.590   -14.405 10.518  1.00 13.31 ? 72 LEU A CA  1 
ATOM 479  C C   . LEU A 1 92 ? 1.663   -15.912 10.708  1.00 13.31 ? 72 LEU A C   1 
ATOM 480  O O   . LEU A 1 92 ? 0.986   -16.451 11.583  1.00 13.31 ? 72 LEU A O   1 
ATOM 481  C CB  . LEU A 1 92 ? 2.755   -13.750 11.234  1.00 13.47 ? 72 LEU A CB  1 
ATOM 482  C CG  . LEU A 1 92 ? 2.894   -12.284 10.887  1.00 13.47 ? 72 LEU A CG  1 
ATOM 483  C CD1 . LEU A 1 92 ? 4.144   -11.737 11.531  1.00 13.47 ? 72 LEU A CD1 1 
ATOM 484  C CD2 . LEU A 1 92 ? 2.970   -12.145 9.391   1.00 13.47 ? 72 LEU A CD2 1 
ATOM 485  N N   . LYS A 1 93 ? 2.486   -16.595 9.915   1.00 17.26 ? 73 LYS A N   1 
ATOM 486  C CA  . LYS A 1 93 ? 2.586   -18.042 10.019  1.00 17.26 ? 73 LYS A CA  1 
ATOM 487  C C   . LYS A 1 93 ? 3.603   -18.531 11.050  1.00 17.26 ? 73 LYS A C   1 
ATOM 488  O O   . LYS A 1 93 ? 4.460   -17.776 11.510  1.00 17.26 ? 73 LYS A O   1 
ATOM 489  C CB  . LYS A 1 93 ? 2.890   -18.624 8.642   1.00 26.26 ? 73 LYS A CB  1 
ATOM 490  C CG  . LYS A 1 93 ? 4.090   -17.986 7.991   1.00 26.26 ? 73 LYS A CG  1 
ATOM 491  C CD  . LYS A 1 93 ? 4.282   -18.434 6.541   1.00 26.26 ? 73 LYS A CD  1 
ATOM 492  C CE  . LYS A 1 93 ? 3.154   -17.975 5.622   1.00 26.26 ? 73 LYS A CE  1 
ATOM 493  N NZ  . LYS A 1 93 ? 3.546   -18.233 4.188   1.00 26.26 ? 73 LYS A NZ  1 
ATOM 494  N N   . GLY A 1 94 ? 3.485   -19.798 11.431  1.00 43.91 ? 74 GLY A N   1 
ATOM 495  C CA  . GLY A 1 94 ? 4.398   -20.357 12.409  1.00 43.91 ? 74 GLY A CA  1 
ATOM 496  C C   . GLY A 1 94 ? 5.733   -20.683 11.782  1.00 43.91 ? 74 GLY A C   1 
ATOM 497  O O   . GLY A 1 94 ? 5.900   -20.535 10.582  1.00 43.91 ? 74 GLY A O   1 
ATOM 498  N N   . PRO A 1 95 ? 6.699   -21.155 12.566  1.00 45.99 ? 75 PRO A N   1 
ATOM 499  C CA  . PRO A 1 95 ? 8.024   -21.492 12.036  1.00 45.99 ? 75 PRO A CA  1 
ATOM 500  C C   . PRO A 1 95 ? 8.007   -22.759 11.197  1.00 45.99 ? 75 PRO A C   1 
ATOM 501  O O   . PRO A 1 95 ? 8.885   -22.971 10.365  1.00 45.99 ? 75 PRO A O   1 
ATOM 502  C CB  . PRO A 1 95 ? 8.858   -21.644 13.295  1.00 24.14 ? 75 PRO A CB  1 
ATOM 503  C CG  . PRO A 1 95 ? 7.863   -22.301 14.225  1.00 24.14 ? 75 PRO A CG  1 
ATOM 504  C CD  . PRO A 1 95 ? 6.605   -21.485 13.997  1.00 24.14 ? 75 PRO A CD  1 
ATOM 505  N N   . GLU A 1 96 ? 6.999   -23.589 11.427  1.00 26.06 ? 76 GLU A N   1 
ATOM 506  C CA  . GLU A 1 96 ? 6.849   -24.843 10.705  1.00 26.06 ? 76 GLU A CA  1 
ATOM 507  C C   . GLU A 1 96 ? 5.828   -24.667 9.599   1.00 26.06 ? 76 GLU A C   1 
ATOM 508  O O   . GLU A 1 96 ? 5.553   -25.597 8.840   1.00 26.06 ? 76 GLU A O   1 
ATOM 509  C CB  . GLU A 1 96 ? 6.357   -25.958 11.636  1.00 32.60 ? 76 GLU A CB  1 
ATOM 510  C CG  . GLU A 1 96 ? 4.942   -25.730 12.145  1.00 32.60 ? 76 GLU A CG  1 
ATOM 511  C CD  . GLU A 1 96 ? 4.852   -24.604 13.170  1.00 32.60 ? 76 GLU A CD  1 
ATOM 512  O OE1 . GLU A 1 96 ? 3.748   -24.041 13.319  1.00 32.60 ? 76 GLU A OE1 1 
ATOM 513  O OE2 . GLU A 1 96 ? 5.870   -24.290 13.838  1.00 32.60 ? 76 GLU A OE2 1 
ATOM 514  N N   . GLU A 1 97 ? 5.241   -23.483 9.534   1.00 66.09 ? 77 GLU A N   1 
ATOM 515  C CA  . GLU A 1 97 ? 4.235   -23.214 8.529   1.00 66.09 ? 77 GLU A CA  1 
ATOM 516  C C   . GLU A 1 97 ? 4.901   -22.556 7.350   1.00 66.09 ? 77 GLU A C   1 
ATOM 517  O O   . GLU A 1 97 ? 6.109   -22.280 7.475   1.00 66.09 ? 77 GLU A O   1 
ATOM 518  C CB  . GLU A 1 97 ? 3.157   -22.301 9.098   1.00 39.66 ? 77 GLU A CB  1 
ATOM 519  C CG  . GLU A 1 97 ? 2.454   -22.875 10.297  1.00 39.66 ? 77 GLU A CG  1 
ATOM 520  C CD  . GLU A 1 97 ? 1.323   -21.990 10.786  1.00 39.66 ? 77 GLU A CD  1 
ATOM 521  O OE1 . GLU A 1 97 ? 0.295   -21.890 10.088  1.00 39.66 ? 77 GLU A OE1 1 
ATOM 522  O OE2 . GLU A 1 97 ? 1.461   -21.389 11.871  1.00 39.66 ? 77 GLU A OE2 1 
ATOM 523  O OXT . GLU A 1 97 ? 4.220   -22.334 6.329   1.00 39.66 ? 77 GLU A OXT 1 
ATOM 524  N N   . HIS B 1 20 ? 11.263  -1.484  -0.638  1.00 78.12 ? 0  HIS B N   1 
ATOM 525  C CA  . HIS B 1 20 ? 11.927  -0.371  -1.374  1.00 78.12 ? 0  HIS B CA  1 
ATOM 526  C C   . HIS B 1 20 ? 11.255  1.009   -1.234  1.00 78.12 ? 0  HIS B C   1 
ATOM 527  O O   . HIS B 1 20 ? 11.887  1.910   -0.703  1.00 78.12 ? 0  HIS B O   1 
ATOM 528  C CB  . HIS B 1 20 ? 12.009  -0.707  -2.876  1.00 98.31 ? 0  HIS B CB  1 
ATOM 529  C CG  . HIS B 1 20 ? 13.393  -1.009  -3.373  1.00 98.31 ? 0  HIS B CG  1 
ATOM 530  N ND1 . HIS B 1 20 ? 14.510  -0.332  -2.936  1.00 98.31 ? 0  HIS B ND1 1 
ATOM 531  C CD2 . HIS B 1 20 ? 13.846  -1.977  -4.212  1.00 98.31 ? 0  HIS B CD2 1 
ATOM 532  C CE1 . HIS B 1 20 ? 15.593  -0.875  -3.481  1.00 98.31 ? 0  HIS B CE1 1 
ATOM 533  N NE2 . HIS B 1 20 ? 15.212  -1.868  -4.251  1.00 98.31 ? 0  HIS B NE2 1 
ATOM 534  N N   . MET B 1 21 ? 10.010  1.196   -1.680  1.00 25.63 ? 1  MET B N   1 
ATOM 535  C CA  . MET B 1 21 ? 9.334   2.528   -1.575  1.00 25.63 ? 1  MET B CA  1 
ATOM 536  C C   . MET B 1 21 ? 8.242   2.509   -0.529  1.00 25.63 ? 1  MET B C   1 
ATOM 537  O O   . MET B 1 21 ? 7.298   1.787   -0.695  1.00 25.63 ? 1  MET B O   1 
ATOM 538  C CB  . MET B 1 21 ? 8.591   2.905   -2.875  1.00 79.89 ? 1  MET B CB  1 
ATOM 539  C CG  . MET B 1 21 ? 7.825   4.225   -2.897  1.00 79.89 ? 1  MET B CG  1 
ATOM 540  S SD  . MET B 1 21 ? 7.186   4.885   -4.453  1.00 79.89 ? 1  MET B SD  1 
ATOM 541  C CE  . MET B 1 21 ? 5.774   3.794   -4.794  1.00 79.89 ? 1  MET B CE  1 
ATOM 542  N N   . ARG B 1 22 ? 8.250   3.277   0.526   1.00 33.07 ? 2  ARG B N   1 
ATOM 543  C CA  . ARG B 1 22 ? 7.084   3.069   1.361   1.00 33.07 ? 2  ARG B CA  1 
ATOM 544  C C   . ARG B 1 22 ? 5.810   3.680   0.753   1.00 33.07 ? 2  ARG B C   1 
ATOM 545  O O   . ARG B 1 22 ? 5.833   4.790   0.245   1.00 33.07 ? 2  ARG B O   1 
ATOM 546  C CB  . ARG B 1 22 ? 7.420   3.584   2.752   1.00 25.91 ? 2  ARG B CB  1 
ATOM 547  C CG  . ARG B 1 22 ? 6.379   3.221   3.766   1.00 25.91 ? 2  ARG B CG  1 
ATOM 548  C CD  . ARG B 1 22 ? 6.951   3.412   5.166   1.00 25.91 ? 2  ARG B CD  1 
ATOM 549  N NE  . ARG B 1 22 ? 8.152   2.602   5.351   1.00 25.91 ? 2  ARG B NE  1 
ATOM 550  C CZ  . ARG B 1 22 ? 8.810   2.510   6.497   1.00 25.91 ? 2  ARG B CZ  1 
ATOM 551  N NH1 . ARG B 1 22 ? 8.385   3.190   7.561   1.00 25.91 ? 2  ARG B NH1 1 
ATOM 552  N NH2 . ARG B 1 22 ? 9.866   1.709   6.588   1.00 25.91 ? 2  ARG B NH2 1 
ATOM 553  N N   . ILE B 1 23 ? 4.688   2.969   0.837   1.00 29.03 ? 3  ILE B N   1 
ATOM 554  C CA  . ILE B 1 23 ? 3.449   3.485   0.248   1.00 29.03 ? 3  ILE B CA  1 
ATOM 555  C C   . ILE B 1 23 ? 2.793   4.694   0.919   1.00 29.03 ? 3  ILE B C   1 
ATOM 556  O O   . ILE B 1 23 ? 2.948   5.819   0.451   1.00 29.03 ? 3  ILE B O   1 
ATOM 557  C CB  . ILE B 1 23 ? 2.346   2.402   0.105   1.00 24.25 ? 3  ILE B CB  1 
ATOM 558  C CG1 . ILE B 1 23 ? 2.683   1.466   -1.058  1.00 24.25 ? 3  ILE B CG1 1 
ATOM 559  C CG2 . ILE B 1 23 ? 0.982   3.069   -0.177  1.00 24.25 ? 3  ILE B CG2 1 
ATOM 560  C CD1 . ILE B 1 23 ? 1.616   0.395   -1.314  1.00 24.25 ? 3  ILE B CD1 1 
ATOM 561  N N   . VAL B 1 24 ? 2.048   4.472   1.995   1.00 58.44 ? 4  VAL B N   1 
ATOM 562  C CA  . VAL B 1 24 ? 1.360   5.571   2.675   1.00 58.44 ? 4  VAL B CA  1 
ATOM 563  C C   . VAL B 1 24 ? 2.210   6.831   2.848   1.00 58.44 ? 4  VAL B C   1 
ATOM 564  O O   . VAL B 1 24 ? 1.742   7.961   2.669   1.00 58.44 ? 4  VAL B O   1 
ATOM 565  C CB  . VAL B 1 24 ? 0.850   5.125   4.069   1.00 60.78 ? 4  VAL B CB  1 
ATOM 566  C CG1 . VAL B 1 24 ? 0.214   6.294   4.811   1.00 60.78 ? 4  VAL B CG1 1 
ATOM 567  C CG2 . VAL B 1 24 ? -0.153  3.998   3.907   1.00 60.78 ? 4  VAL B CG2 1 
ATOM 568  N N   . GLU B 1 25 ? 3.471   6.622   3.197   1.00 62.65 ? 5  GLU B N   1 
ATOM 569  C CA  . GLU B 1 25 ? 4.398   7.714   3.426   1.00 62.65 ? 5  GLU B CA  1 
ATOM 570  C C   . GLU B 1 25 ? 4.697   8.510   2.179   1.00 62.65 ? 5  GLU B C   1 
ATOM 571  O O   . GLU B 1 25 ? 4.282   9.652   2.049   1.00 62.65 ? 5  GLU B O   1 
ATOM 572  C CB  . GLU B 1 25 ? 5.703   7.162   4.008   1.00 85.47 ? 5  GLU B CB  1 
ATOM 573  C CG  . GLU B 1 25 ? 6.781   8.207   4.275   1.00 85.47 ? 5  GLU B CG  1 
ATOM 574  C CD  . GLU B 1 25 ? 8.019   7.618   4.919   1.00 85.47 ? 5  GLU B CD  1 
ATOM 575  O OE1 . GLU B 1 25 ? 7.908   7.049   6.027   1.00 85.47 ? 5  GLU B OE1 1 
ATOM 576  O OE2 . GLU B 1 25 ? 9.107   7.724   4.317   1.00 85.47 ? 5  GLU B OE2 1 
ATOM 577  N N   . GLU B 1 26 ? 5.418   7.893   1.260   1.00 42.88 ? 6  GLU B N   1 
ATOM 578  C CA  . GLU B 1 26 ? 5.807   8.557   0.033   1.00 42.88 ? 6  GLU B CA  1 
ATOM 579  C C   . GLU B 1 26 ? 4.991   8.119   -1.172  1.00 42.88 ? 6  GLU B C   1 
ATOM 580  O O   . GLU B 1 26 ? 5.532   7.535   -2.117  1.00 42.88 ? 6  GLU B O   1 
ATOM 581  C CB  . GLU B 1 26 ? 7.290   8.313   -0.223  1.00 70.51 ? 6  GLU B CB  1 
ATOM 582  C CG  . GLU B 1 26 ? 7.672   6.876   -0.021  1.00 70.51 ? 6  GLU B CG  1 
ATOM 583  C CD  . GLU B 1 26 ? 9.129   6.634   -0.278  1.00 70.51 ? 6  GLU B CD  1 
ATOM 584  O OE1 . GLU B 1 26 ? 9.548   6.751   -1.448  1.00 70.51 ? 6  GLU B OE1 1 
ATOM 585  O OE2 . GLU B 1 26 ? 9.856   6.333   0.694   1.00 70.51 ? 6  GLU B OE2 1 
ATOM 586  N N   . MET B 1 27 ? 3.691   8.410   -1.143  1.00 26.37 ? 7  MET B N   1 
ATOM 587  C CA  . MET B 1 27 ? 2.809   8.062   -2.253  1.00 26.37 ? 7  MET B CA  1 
ATOM 588  C C   . MET B 1 27 ? 1.347   8.347   -1.980  1.00 26.37 ? 7  MET B C   1 
ATOM 589  O O   . MET B 1 27 ? 0.552   8.459   -2.902  1.00 26.37 ? 7  MET B O   1 
ATOM 590  C CB  . MET B 1 27 ? 2.988   6.596   -2.638  1.00 38.95 ? 7  MET B CB  1 
ATOM 591  C CG  . MET B 1 27 ? 2.205   6.166   -3.855  1.00 38.95 ? 7  MET B CG  1 
ATOM 592  S SD  . MET B 1 27 ? 2.763   4.551   -4.488  1.00 38.95 ? 7  MET B SD  1 
ATOM 593  C CE  . MET B 1 27 ? 1.333   3.560   -4.074  1.00 38.95 ? 7  MET B CE  1 
ATOM 594  N N   . VAL B 1 28 ? 0.959   8.436   -0.725  1.00 43.40 ? 8  VAL B N   1 
ATOM 595  C CA  . VAL B 1 28 ? -0.430  8.771   -0.482  1.00 43.40 ? 8  VAL B CA  1 
ATOM 596  C C   . VAL B 1 28 ? -0.414  10.243  -0.145  1.00 43.40 ? 8  VAL B C   1 
ATOM 597  O O   . VAL B 1 28 ? 0.258   10.664  0.791   1.00 43.40 ? 8  VAL B O   1 
ATOM 598  C CB  . VAL B 1 28 ? -1.052  7.959   0.679   1.00 20.65 ? 8  VAL B CB  1 
ATOM 599  C CG1 . VAL B 1 28 ? -2.461  8.484   1.009   1.00 20.65 ? 8  VAL B CG1 1 
ATOM 600  C CG2 . VAL B 1 28 ? -1.137  6.510   0.279   1.00 20.65 ? 8  VAL B CG2 1 
ATOM 601  N N   . GLY B 1 29 ? -1.156  11.020  -0.918  1.00 45.89 ? 9  GLY B N   1 
ATOM 602  C CA  . GLY B 1 29 ? -1.212  12.452  -0.693  1.00 45.89 ? 9  GLY B CA  1 
ATOM 603  C C   . GLY B 1 29 ? -0.703  13.182  -1.918  1.00 45.89 ? 9  GLY B C   1 
ATOM 604  O O   . GLY B 1 29 ? -1.194  14.253  -2.249  1.00 45.89 ? 9  GLY B O   1 
ATOM 605  N N   . LYS B 1 30 ? 0.278   12.594  -2.596  1.00 51.70 ? 10 LYS B N   1 
ATOM 606  C CA  . LYS B 1 30 ? 0.858   13.184  -3.789  1.00 51.70 ? 10 LYS B CA  1 
ATOM 607  C C   . LYS B 1 30 ? -0.200  13.405  -4.874  1.00 51.70 ? 10 LYS B C   1 
ATOM 608  O O   . LYS B 1 30 ? -1.147  12.628  -4.980  1.00 51.70 ? 10 LYS B O   1 
ATOM 609  C CB  . LYS B 1 30 ? 1.974   12.271  -4.308  1.00 48.27 ? 10 LYS B CB  1 
ATOM 610  C CG  . LYS B 1 30 ? 3.116   12.091  -3.300  1.00 48.27 ? 10 LYS B CG  1 
ATOM 611  C CD  . LYS B 1 30 ? 4.318   11.361  -3.881  1.00 48.27 ? 10 LYS B CD  1 
ATOM 612  C CE  . LYS B 1 30 ? 5.507   11.503  -2.942  1.00 48.27 ? 10 LYS B CE  1 
ATOM 613  N NZ  . LYS B 1 30 ? 6.751   10.906  -3.506  1.00 48.27 ? 10 LYS B NZ  1 
ATOM 614  N N   . GLU B 1 31 ? -0.056  14.483  -5.649  1.00 31.01 ? 11 GLU B N   1 
ATOM 615  C CA  . GLU B 1 31 ? -0.984  14.775  -6.730  1.00 31.01 ? 11 GLU B CA  1 
ATOM 616  C C   . GLU B 1 31 ? -0.580  13.928  -7.913  1.00 31.01 ? 11 GLU B C   1 
ATOM 617  O O   . GLU B 1 31 ? 0.601   13.611  -8.113  1.00 31.01 ? 11 GLU B O   1 
ATOM 618  C CB  . GLU B 1 31 ? -0.904  16.237  -7.137  1.00 50.76 ? 11 GLU B CB  1 
ATOM 619  C CG  . GLU B 1 31 ? -1.333  17.229  -6.072  1.00 50.76 ? 11 GLU B CG  1 
ATOM 620  C CD  . GLU B 1 31 ? -1.357  18.662  -6.598  1.00 50.76 ? 11 GLU B CD  1 
ATOM 621  O OE1 . GLU B 1 31 ? -0.624  18.944  -7.568  1.00 50.76 ? 11 GLU B OE1 1 
ATOM 622  O OE2 . GLU B 1 31 ? -2.109  19.504  -6.056  1.00 50.76 ? 11 GLU B OE2 1 
ATOM 623  N N   . VAL B 1 32 ? -1.567  13.552  -8.699  1.00 44.78 ? 12 VAL B N   1 
ATOM 624  C CA  . VAL B 1 32 ? -1.280  12.753  -9.858  1.00 44.78 ? 12 VAL B CA  1 
ATOM 625  C C   . VAL B 1 32 ? -1.573  13.595  -11.080 1.00 44.78 ? 12 VAL B C   1 
ATOM 626  O O   . VAL B 1 32 ? -2.638  14.199  -11.215 1.00 44.78 ? 12 VAL B O   1 
ATOM 627  C CB  . VAL B 1 32 ? -2.122  11.476  -9.854  1.00 49.89 ? 12 VAL B CB  1 
ATOM 628  C CG1 . VAL B 1 32 ? -3.581  11.838  -9.885  1.00 49.89 ? 12 VAL B CG1 1 
ATOM 629  C CG2 . VAL B 1 32 ? -1.752  10.595  -11.031 1.00 49.89 ? 12 VAL B CG2 1 
ATOM 630  N N   . LEU B 1 33 ? -0.591  13.651  -11.967 1.00 46.88 ? 13 LEU B N   1 
ATOM 631  C CA  . LEU B 1 33 ? -0.736  14.421  -13.175 1.00 46.88 ? 13 LEU B CA  1 
ATOM 632  C C   . LEU B 1 33 ? -0.724  13.560  -14.386 1.00 46.88 ? 13 LEU B C   1 
ATOM 633  O O   . LEU B 1 33 ? 0.061   12.618  -14.536 1.00 46.88 ? 13 LEU B O   1 
ATOM 634  C CB  . LEU B 1 33 ? 0.380   15.439  -13.353 1.00 22.56 ? 13 LEU B CB  1 
ATOM 635  C CG  . LEU B 1 33 ? 0.654   16.349  -12.172 1.00 22.56 ? 13 LEU B CG  1 
ATOM 636  C CD1 . LEU B 1 33 ? 1.860   17.186  -12.500 1.00 22.56 ? 13 LEU B CD1 1 
ATOM 637  C CD2 . LEU B 1 33 ? -0.567  17.199  -11.857 1.00 22.56 ? 13 LEU B CD2 1 
ATOM 638  N N   . ASP B 1 34 ? -1.573  14.018  -15.258 1.00 28.52 ? 14 ASP B N   1 
ATOM 639  C CA  . ASP B 1 34 ? -1.852  13.528  -16.576 1.00 28.52 ? 14 ASP B CA  1 
ATOM 640  C C   . ASP B 1 34 ? -0.600  13.270  -17.428 1.00 28.52 ? 14 ASP B C   1 
ATOM 641  O O   . ASP B 1 34 ? 0.535   13.124  -16.940 1.00 28.52 ? 14 ASP B O   1 
ATOM 642  C CB  . ASP B 1 34 ? -2.624  14.659  -17.202 1.00 79.55 ? 14 ASP B CB  1 
ATOM 643  C CG  . ASP B 1 34 ? -3.583  14.204  -18.190 1.00 79.55 ? 14 ASP B CG  1 
ATOM 644  O OD1 . ASP B 1 34 ? -3.218  13.375  -19.039 1.00 79.55 ? 14 ASP B OD1 1 
ATOM 645  O OD2 . ASP B 1 34 ? -4.722  14.695  -18.120 1.00 79.55 ? 14 ASP B OD2 1 
ATOM 646  N N   . SER B 1 35 ? -0.845  13.179  -18.739 1.00 40.90 ? 15 SER B N   1 
ATOM 647  C CA  . SER B 1 35 ? 0.237   13.125  -19.686 1.00 40.90 ? 15 SER B CA  1 
ATOM 648  C C   . SER B 1 35 ? 0.342   14.614  -20.018 1.00 40.90 ? 15 SER B C   1 
ATOM 649  O O   . SER B 1 35 ? 1.444   15.148  -20.153 1.00 40.90 ? 15 SER B O   1 
ATOM 650  C CB  . SER B 1 35 ? -0.129  12.401  -20.958 1.00 62.08 ? 15 SER B CB  1 
ATOM 651  O OG  . SER B 1 35 ? 0.849   12.725  -21.934 1.00 62.08 ? 15 SER B OG  1 
ATOM 652  N N   . SER B 1 36 ? -0.819  15.274  -20.123 1.00 51.62 ? 16 SER B N   1 
ATOM 653  C CA  . SER B 1 36 ? -0.902  16.709  -20.414 1.00 51.62 ? 16 SER B CA  1 
ATOM 654  C C   . SER B 1 36 ? -0.709  17.555  -19.168 1.00 51.62 ? 16 SER B C   1 
ATOM 655  O O   . SER B 1 36 ? -1.404  18.551  -18.974 1.00 51.62 ? 16 SER B O   1 
ATOM 656  C CB  . SER B 1 36 ? -2.255  17.062  -21.022 1.00 59.45 ? 16 SER B CB  1 
ATOM 657  O OG  . SER B 1 36 ? -2.436  16.430  -22.272 1.00 59.45 ? 16 SER B OG  1 
ATOM 658  N N   . ALA B 1 37 ? 0.240   17.159  -18.333 1.00 37.54 ? 17 ALA B N   1 
ATOM 659  C CA  . ALA B 1 37 ? 0.532   17.889  -17.119 1.00 37.54 ? 17 ALA B CA  1 
ATOM 660  C C   . ALA B 1 37 ? -0.720  18.451  -16.470 1.00 37.54 ? 17 ALA B C   1 
ATOM 661  O O   . ALA B 1 37 ? -0.735  19.624  -16.091 1.00 37.54 ? 17 ALA B O   1 
ATOM 662  C CB  . ALA B 1 37 ? 1.518   19.016  -17.416 1.00 18.85 ? 17 ALA B CB  1 
ATOM 663  N N   . LYS B 1 38 ? -1.762  17.627  -16.348 1.00 47.50 ? 18 LYS B N   1 
ATOM 664  C CA  . LYS B 1 38 ? -2.999  18.062  -15.704 1.00 47.50 ? 18 LYS B CA  1 
ATOM 665  C C   . LYS B 1 38 ? -3.219  17.337  -14.381 1.00 47.50 ? 18 LYS B C   1 
ATOM 666  O O   . LYS B 1 38 ? -2.811  16.188  -14.217 1.00 47.50 ? 18 LYS B O   1 
ATOM 667  C CB  . LYS B 1 38 ? -4.206  17.857  -16.627 1.00 87.91 ? 18 LYS B CB  1 
ATOM 668  C CG  . LYS B 1 38 ? -4.193  18.784  -17.829 1.00 87.91 ? 18 LYS B CG  1 
ATOM 669  C CD  . LYS B 1 38 ? -5.200  19.930  -17.707 1.00 87.91 ? 18 LYS B CD  1 
ATOM 670  C CE  . LYS B 1 38 ? -6.631  19.479  -17.911 1.00 87.91 ? 18 LYS B CE  1 
ATOM 671  N NZ  . LYS B 1 38 ? -7.577  20.624  -17.885 1.00 87.91 ? 18 LYS B NZ  1 
ATOM 672  N N   . VAL B 1 39 ? -3.869  18.012  -13.439 1.00 57.14 ? 19 VAL B N   1 
ATOM 673  C CA  . VAL B 1 39 ? -4.133  17.445  -12.124 1.00 57.14 ? 19 VAL B CA  1 
ATOM 674  C C   . VAL B 1 39 ? -5.452  16.686  -11.993 1.00 57.14 ? 19 VAL B C   1 
ATOM 675  O O   . VAL B 1 39 ? -6.516  17.292  -11.814 1.00 57.14 ? 19 VAL B O   1 
ATOM 676  C CB  . VAL B 1 39 ? -4.117  18.534  -11.056 1.00 33.09 ? 19 VAL B CB  1 
ATOM 677  C CG1 . VAL B 1 39 ? -4.611  17.971  -9.730  1.00 33.09 ? 19 VAL B CG1 1 
ATOM 678  C CG2 . VAL B 1 39 ? -2.720  19.078  -10.912 1.00 33.09 ? 19 VAL B CG2 1 
ATOM 679  N N   . ILE B 1 40 ? -5.358  15.355  -12.050 1.00 38.09 ? 20 ILE B N   1 
ATOM 680  C CA  . ILE B 1 40 ? -6.505  14.456  -11.934 1.00 38.09 ? 20 ILE B CA  1 
ATOM 681  C C   . ILE B 1 40 ? -7.066  14.412  -10.500 1.00 38.09 ? 20 ILE B C   1 
ATOM 682  O O   . ILE B 1 40 ? -8.271  14.246  -10.297 1.00 38.09 ? 20 ILE B O   1 
ATOM 683  C CB  . ILE B 1 40 ? -6.104  13.031  -12.326 1.00 55.18 ? 20 ILE B CB  1 
ATOM 684  C CG1 . ILE B 1 40 ? -5.075  13.074  -13.452 1.00 55.18 ? 20 ILE B CG1 1 
ATOM 685  C CG2 . ILE B 1 40 ? -7.332  12.263  -12.756 1.00 55.18 ? 20 ILE B CG2 1 
ATOM 686  C CD1 . ILE B 1 40 ? -4.446  11.745  -13.730 1.00 55.18 ? 20 ILE B CD1 1 
ATOM 687  N N   . GLY B 1 41 ? -6.175  14.556  -9.522  1.00 65.21 ? 21 GLY B N   1 
ATOM 688  C CA  . GLY B 1 41 ? -6.555  14.530  -8.120  1.00 65.21 ? 21 GLY B CA  1 
ATOM 689  C C   . GLY B 1 41 ? -5.380  14.070  -7.263  1.00 65.21 ? 21 GLY B C   1 
ATOM 690  O O   . GLY B 1 41 ? -4.264  13.876  -7.757  1.00 65.21 ? 21 GLY B O   1 
ATOM 691  N N   . LYS B 1 42 ? -5.607  13.901  -5.969  1.00 56.27 ? 22 LYS B N   1 
ATOM 692  C CA  . LYS B 1 42 ? -4.543  13.438  -5.082  1.00 56.27 ? 22 LYS B CA  1 
ATOM 693  C C   . LYS B 1 42 ? -4.836  12.006  -4.659  1.00 56.27 ? 22 LYS B C   1 
ATOM 694  O O   . LYS B 1 42 ? -5.994  11.603  -4.557  1.00 56.27 ? 22 LYS B O   1 
ATOM 695  C CB  . LYS B 1 42 ? -4.453  14.318  -3.837  1.00 77.05 ? 22 LYS B CB  1 
ATOM 696  C CG  . LYS B 1 42 ? -4.191  15.774  -4.133  1.00 77.05 ? 22 LYS B CG  1 
ATOM 697  C CD  . LYS B 1 42 ? -4.361  16.641  -2.896  1.00 77.05 ? 22 LYS B CD  1 
ATOM 698  C CE  . LYS B 1 42 ? -3.084  16.693  -2.070  1.00 77.05 ? 22 LYS B CE  1 
ATOM 699  N NZ  . LYS B 1 42 ? -2.016  17.487  -2.761  1.00 77.05 ? 22 LYS B NZ  1 
ATOM 700  N N   . VAL B 1 43 ? -3.784  11.237  -4.415  1.00 47.76 ? 23 VAL B N   1 
ATOM 701  C CA  . VAL B 1 43 ? -3.932  9.848   -3.987  1.00 47.76 ? 23 VAL B CA  1 
ATOM 702  C C   . VAL B 1 43 ? -4.421  9.766   -2.529  1.00 47.76 ? 23 VAL B C   1 
ATOM 703  O O   . VAL B 1 43 ? -3.662  10.029  -1.596  1.00 47.76 ? 23 VAL B O   1 
ATOM 704  C CB  . VAL B 1 43 ? -2.582  9.096   -4.103  1.00 15.07 ? 23 VAL B CB  1 
ATOM 705  C CG1 . VAL B 1 43 ? -2.717  7.666   -3.578  1.00 15.07 ? 23 VAL B CG1 1 
ATOM 706  C CG2 . VAL B 1 43 ? -2.102  9.104   -5.558  1.00 15.07 ? 23 VAL B CG2 1 
ATOM 707  N N   . LYS B 1 44 ? -5.689  9.402   -2.343  1.00 63.40 ? 24 LYS B N   1 
ATOM 708  C CA  . LYS B 1 44 ? -6.272  9.274   -1.010  1.00 63.40 ? 24 LYS B CA  1 
ATOM 709  C C   . LYS B 1 44 ? -6.026  7.872   -0.470  1.00 63.40 ? 24 LYS B C   1 
ATOM 710  O O   . LYS B 1 44 ? -6.052  7.637   0.744   1.00 63.40 ? 24 LYS B O   1 
ATOM 711  C CB  . LYS B 1 44 ? -7.784  9.511   -1.058  1.00 60.18 ? 24 LYS B CB  1 
ATOM 712  C CG  . LYS B 1 44 ? -8.539  8.821   0.081   1.00 60.18 ? 24 LYS B CG  1 
ATOM 713  C CD  . LYS B 1 44 ? -10.048 9.044   0.044   1.00 60.18 ? 24 LYS B CD  1 
ATOM 714  C CE  . LYS B 1 44 ? -10.703 8.397   -1.156  1.00 60.18 ? 24 LYS B CE  1 
ATOM 715  N NZ  . LYS B 1 44 ? -10.420 9.142   -2.408  1.00 60.18 ? 24 LYS B NZ  1 
ATOM 716  N N   . ASP B 1 45 ? -5.788  6.940   -1.386  1.00 33.78 ? 25 ASP B N   1 
ATOM 717  C CA  . ASP B 1 45 ? -5.565  5.558   -1.005  1.00 33.78 ? 25 ASP B CA  1 
ATOM 718  C C   . ASP B 1 45 ? -5.087  4.793   -2.224  1.00 33.78 ? 25 ASP B C   1 
ATOM 719  O O   . ASP B 1 45 ? -5.099  5.305   -3.346  1.00 33.78 ? 25 ASP B O   1 
ATOM 720  C CB  . ASP B 1 45 ? -6.884  4.961   -0.484  1.00 67.36 ? 25 ASP B CB  1 
ATOM 721  C CG  . ASP B 1 45 ? -6.687  3.725   0.382   1.00 67.36 ? 25 ASP B CG  1 
ATOM 722  O OD1 . ASP B 1 45 ? -7.572  3.468   1.227   1.00 67.36 ? 25 ASP B OD1 1 
ATOM 723  O OD2 . ASP B 1 45 ? -5.678  3.008   0.218   1.00 67.36 ? 25 ASP B OD2 1 
ATOM 724  N N   . VAL B 1 46 ? -4.647  3.569   -1.986  1.00 28.32 ? 26 VAL B N   1 
ATOM 725  C CA  . VAL B 1 46 ? -4.173  2.700   -3.040  1.00 28.32 ? 26 VAL B CA  1 
ATOM 726  C C   . VAL B 1 46 ? -4.679  1.327   -2.695  1.00 28.32 ? 26 VAL B C   1 
ATOM 727  O O   . VAL B 1 46 ? -4.677  0.950   -1.517  1.00 28.32 ? 26 VAL B O   1 
ATOM 728  C CB  . VAL B 1 46 ? -2.651  2.651   -3.089  1.00 19.99 ? 26 VAL B CB  1 
ATOM 729  C CG1 . VAL B 1 46 ? -2.193  1.549   -4.041  1.00 19.99 ? 26 VAL B CG1 1 
ATOM 730  C CG2 . VAL B 1 46 ? -2.121  4.005   -3.527  1.00 19.99 ? 26 VAL B CG2 1 
ATOM 731  N N   . GLU B 1 47 ? -5.132  0.593   -3.709  1.00 44.18 ? 27 GLU B N   1 
ATOM 732  C CA  . GLU B 1 47 ? -5.633  -0.756  -3.502  1.00 44.18 ? 27 GLU B CA  1 
ATOM 733  C C   . GLU B 1 47 ? -4.580  -1.728  -3.989  1.00 44.18 ? 27 GLU B C   1 
ATOM 734  O O   . GLU B 1 47 ? -3.853  -1.454  -4.958  1.00 44.18 ? 27 GLU B O   1 
ATOM 735  C CB  . GLU B 1 47 ? -6.930  -0.989  -4.272  1.00 48.88 ? 27 GLU B CB  1 
ATOM 736  C CG  . GLU B 1 47 ? -8.005  0.026   -3.970  1.00 48.88 ? 27 GLU B CG  1 
ATOM 737  C CD  . GLU B 1 47 ? -9.240  -0.159  -4.832  1.00 48.88 ? 27 GLU B CD  1 
ATOM 738  O OE1 . GLU B 1 47 ? -9.099  -0.585  -5.998  1.00 48.88 ? 27 GLU B OE1 1 
ATOM 739  O OE2 . GLU B 1 47 ? -10.356 0.135   -4.358  1.00 48.88 ? 27 GLU B OE2 1 
ATOM 740  N N   . VAL B 1 48 ? -4.501  -2.859  -3.294  1.00 46.10 ? 28 VAL B N   1 
ATOM 741  C CA  . VAL B 1 48 ? -3.551  -3.899  -3.637  1.00 46.10 ? 28 VAL B CA  1 
ATOM 742  C C   . VAL B 1 48 ? -4.261  -5.232  -3.747  1.00 46.10 ? 28 VAL B C   1 
ATOM 743  O O   . VAL B 1 48 ? -5.263  -5.468  -3.068  1.00 46.10 ? 28 VAL B O   1 
ATOM 744  C CB  . VAL B 1 48 ? -2.463  -4.045  -2.569  1.00 67.57 ? 28 VAL B CB  1 
ATOM 745  C CG1 . VAL B 1 48 ? -1.373  -4.981  -3.080  1.00 67.57 ? 28 VAL B CG1 1 
ATOM 746  C CG2 . VAL B 1 48 ? -1.895  -2.689  -2.221  1.00 67.57 ? 28 VAL B CG2 1 
ATOM 747  N N   . ASP B 1 49 ? -3.754  -6.091  -4.629  1.00 53.91 ? 29 ASP B N   1 
ATOM 748  C CA  . ASP B 1 49 ? -4.330  -7.417  -4.768  1.00 53.91 ? 29 ASP B CA  1 
ATOM 749  C C   . ASP B 1 49 ? -3.549  -8.232  -3.754  1.00 53.91 ? 29 ASP B C   1 
ATOM 750  O O   . ASP B 1 49 ? -2.458  -8.736  -4.047  1.00 53.91 ? 29 ASP B O   1 
ATOM 751  C CB  . ASP B 1 49 ? -4.118  -7.995  -6.170  1.00 75.22 ? 29 ASP B CB  1 
ATOM 752  C CG  . ASP B 1 49 ? -4.711  -9.379  -6.307  1.00 75.22 ? 29 ASP B CG  1 
ATOM 753  O OD1 . ASP B 1 49 ? -5.843  -9.591  -5.833  1.00 75.22 ? 29 ASP B OD1 1 
ATOM 754  O OD2 . ASP B 1 49 ? -4.052  -10.266 -6.873  1.00 75.22 ? 29 ASP B OD2 1 
ATOM 755  N N   . ILE B 1 50 ? -4.110  -8.343  -2.555  1.00 62.30 ? 30 ILE B N   1 
ATOM 756  C CA  . ILE B 1 50 ? -3.473  -9.059  -1.467  1.00 62.30 ? 30 ILE B CA  1 
ATOM 757  C C   . ILE B 1 50 ? -3.023  -10.484 -1.808  1.00 62.30 ? 30 ILE B C   1 
ATOM 758  O O   . ILE B 1 50 ? -2.299  -11.114 -1.037  1.00 62.30 ? 30 ILE B O   1 
ATOM 759  C CB  . ILE B 1 50 ? -4.405  -9.067  -0.251  1.00 69.14 ? 30 ILE B CB  1 
ATOM 760  C CG1 . ILE B 1 50 ? -4.629  -7.626  0.221   1.00 69.14 ? 30 ILE B CG1 1 
ATOM 761  C CG2 . ILE B 1 50 ? -3.799  -9.886  0.874   1.00 69.14 ? 30 ILE B CG2 1 
ATOM 762  C CD1 . ILE B 1 50 ? -5.524  -7.523  1.427   1.00 69.14 ? 30 ILE B CD1 1 
ATOM 763  N N   . GLU B 1 51 ? -3.442  -10.986 -2.969  1.00 44.19 ? 31 GLU B N   1 
ATOM 764  C CA  . GLU B 1 51 ? -3.046  -12.325 -3.401  1.00 44.19 ? 31 GLU B CA  1 
ATOM 765  C C   . GLU B 1 51 ? -1.773  -12.293 -4.260  1.00 44.19 ? 31 GLU B C   1 
ATOM 766  O O   . GLU B 1 51 ? -0.747  -12.860 -3.884  1.00 44.19 ? 31 GLU B O   1 
ATOM 767  C CB  . GLU B 1 51 ? -4.186  -12.991 -4.182  1.00 98.31 ? 31 GLU B CB  1 
ATOM 768  C CG  . GLU B 1 51 ? -5.486  -13.131 -3.392  1.00 98.31 ? 31 GLU B CG  1 
ATOM 769  C CD  . GLU B 1 51 ? -6.329  -14.313 -3.833  1.00 98.31 ? 31 GLU B CD  1 
ATOM 770  O OE1 . GLU B 1 51 ? -5.808  -15.445 -3.886  1.00 98.31 ? 31 GLU B OE1 1 
ATOM 771  O OE2 . GLU B 1 51 ? -7.525  -14.117 -4.120  1.00 98.31 ? 31 GLU B OE2 1 
ATOM 772  N N   . SER B 1 52 ? -1.844  -11.620 -5.408  1.00 41.69 ? 32 SER B N   1 
ATOM 773  C CA  . SER B 1 52 ? -0.700  -11.509 -6.320  1.00 41.69 ? 32 SER B CA  1 
ATOM 774  C C   . SER B 1 52 ? 0.399   -10.588 -5.764  1.00 41.69 ? 32 SER B C   1 
ATOM 775  O O   . SER B 1 52 ? 1.519   -10.544 -6.308  1.00 41.69 ? 32 SER B O   1 
ATOM 776  C CB  . SER B 1 52 ? -1.157  -10.979 -7.693  1.00 54.17 ? 32 SER B CB  1 
ATOM 777  O OG  . SER B 1 52 ? -1.804  -9.716  -7.575  1.00 54.17 ? 32 SER B OG  1 
ATOM 778  N N   . GLN B 1 53 ? 0.072   -9.866  -4.687  1.00 59.01 ? 33 GLN B N   1 
ATOM 779  C CA  . GLN B 1 53 ? 0.996   -8.920  -4.068  1.00 59.01 ? 33 GLN B CA  1 
ATOM 780  C C   . GLN B 1 53 ? 1.320   -7.833  -5.074  1.00 59.01 ? 33 GLN B C   1 
ATOM 781  O O   . GLN B 1 53 ? 2.476   -7.539  -5.338  1.00 59.01 ? 33 GLN B O   1 
ATOM 782  C CB  . GLN B 1 53 ? 2.278   -9.619  -3.641  1.00 70.30 ? 33 GLN B CB  1 
ATOM 783  C CG  . GLN B 1 53 ? 2.132   -10.446 -2.389  1.00 70.30 ? 33 GLN B CG  1 
ATOM 784  C CD  . GLN B 1 53 ? 3.437   -11.098 -2.006  1.00 70.30 ? 33 GLN B CD  1 
ATOM 785  O OE1 . GLN B 1 53 ? 4.452   -10.424 -1.827  1.00 70.30 ? 33 GLN B OE1 1 
ATOM 786  N NE2 . GLN B 1 53 ? 3.422   -12.418 -1.874  1.00 70.30 ? 33 GLN B NE2 1 
ATOM 787  N N   . ALA B 1 54 ? 0.272   -7.240  -5.628  1.00 68.76 ? 34 ALA B N   1 
ATOM 788  C CA  . ALA B 1 54 ? 0.418   -6.199  -6.622  1.00 68.76 ? 34 ALA B CA  1 
ATOM 789  C C   . ALA B 1 54 ? -0.457  -5.017  -6.286  1.00 68.76 ? 34 ALA B C   1 
ATOM 790  O O   . ALA B 1 54 ? -1.545  -5.175  -5.733  1.00 68.76 ? 34 ALA B O   1 
ATOM 791  C CB  . ALA B 1 54 ? 0.052   -6.739  -7.987  1.00 13.31 ? 34 ALA B CB  1 
ATOM 792  N N   . ILE B 1 55 ? 0.033   -3.832  -6.633  1.00 43.95 ? 35 ILE B N   1 
ATOM 793  C CA  . ILE B 1 55 ? -0.687  -2.589  -6.391  1.00 43.95 ? 35 ILE B CA  1 
ATOM 794  C C   . ILE B 1 55 ? -1.660  -2.427  -7.548  1.00 43.95 ? 35 ILE B C   1 
ATOM 795  O O   . ILE B 1 55 ? -1.253  -2.334  -8.716  1.00 43.95 ? 35 ILE B O   1 
ATOM 796  C CB  . ILE B 1 55 ? 0.276   -1.376  -6.346  1.00 41.23 ? 35 ILE B CB  1 
ATOM 797  C CG1 . ILE B 1 55 ? 1.587   -1.772  -5.664  1.00 41.23 ? 35 ILE B CG1 1 
ATOM 798  C CG2 . ILE B 1 55 ? -0.356  -0.235  -5.570  1.00 41.23 ? 35 ILE B CG2 1 
ATOM 799  C CD1 . ILE B 1 55 ? 2.691   -0.736  -5.792  1.00 41.23 ? 35 ILE B CD1 1 
ATOM 800  N N   . GLU B 1 56 ? -2.949  -2.423  -7.218  1.00 49.49 ? 36 GLU B N   1 
ATOM 801  C CA  . GLU B 1 56 ? -3.988  -2.299  -8.230  1.00 49.49 ? 36 GLU B CA  1 
ATOM 802  C C   . GLU B 1 56 ? -4.034  -0.928  -8.897  1.00 49.49 ? 36 GLU B C   1 
ATOM 803  O O   . GLU B 1 56 ? -3.565  -0.743  -10.030 1.00 49.49 ? 36 GLU B O   1 
ATOM 804  C CB  . GLU B 1 56 ? -5.364  -2.621  -7.625  1.00 97.14 ? 36 GLU B CB  1 
ATOM 805  C CG  . GLU B 1 56 ? -5.586  -4.100  -7.340  1.00 97.14 ? 36 GLU B CG  1 
ATOM 806  C CD  . GLU B 1 56 ? -5.801  -4.908  -8.604  1.00 97.14 ? 36 GLU B CD  1 
ATOM 807  O OE1 . GLU B 1 56 ? -6.219  -6.078  -8.507  1.00 97.14 ? 36 GLU B OE1 1 
ATOM 808  O OE2 . GLU B 1 56 ? -5.551  -4.375  -9.701  1.00 97.14 ? 36 GLU B OE2 1 
ATOM 809  N N   . SER B 1 57 ? -4.599  0.029   -8.174  1.00 62.75 ? 37 SER B N   1 
ATOM 810  C CA  . SER B 1 57 ? -4.737  1.379   -8.673  1.00 62.75 ? 37 SER B CA  1 
ATOM 811  C C   . SER B 1 57 ? -4.594  2.381   -7.550  1.00 62.75 ? 37 SER B C   1 
ATOM 812  O O   . SER B 1 57 ? -4.323  2.018   -6.412  1.00 62.75 ? 37 SER B O   1 
ATOM 813  C CB  . SER B 1 57 ? -6.100  1.529   -9.335  1.00 82.11 ? 37 SER B CB  1 
ATOM 814  O OG  . SER B 1 57 ? -7.116  1.051   -8.480  1.00 82.11 ? 37 SER B OG  1 
ATOM 815  N N   . LEU B 1 58 ? -4.751  3.656   -7.885  1.00 16.75 ? 38 LEU B N   1 
ATOM 816  C CA  . LEU B 1 58 ? -4.662  4.729   -6.903  1.00 16.75 ? 38 LEU B CA  1 
ATOM 817  C C   . LEU B 1 58 ? -6.081  5.200   -6.740  1.00 16.75 ? 38 LEU B C   1 
ATOM 818  O O   . LEU B 1 58 ? -6.859  5.139   -7.683  1.00 16.75 ? 38 LEU B O   1 
ATOM 819  C CB  . LEU B 1 58 ? -3.809  5.878   -7.429  1.00 40.41 ? 38 LEU B CB  1 
ATOM 820  C CG  . LEU B 1 58 ? -2.655  5.453   -8.338  1.00 40.41 ? 38 LEU B CG  1 
ATOM 821  C CD1 . LEU B 1 58 ? -1.631  6.564   -8.389  1.00 40.41 ? 38 LEU B CD1 1 
ATOM 822  C CD2 . LEU B 1 58 ? -2.014  4.186   -7.824  1.00 40.41 ? 38 LEU B CD2 1 
ATOM 823  N N   . VAL B 1 59 ? -6.446  5.637   -5.555  1.00 44.21 ? 39 VAL B N   1 
ATOM 824  C CA  . VAL B 1 59 ? -7.800  6.113   -5.387  1.00 44.21 ? 39 VAL B CA  1 
ATOM 825  C C   . VAL B 1 59 ? -7.683  7.611   -5.173  1.00 44.21 ? 39 VAL B C   1 
ATOM 826  O O   . VAL B 1 59 ? -7.149  8.053   -4.160  1.00 44.21 ? 39 VAL B O   1 
ATOM 827  C CB  . VAL B 1 59 ? -8.481  5.432   -4.195  1.00 38.40 ? 39 VAL B CB  1 
ATOM 828  C CG1 . VAL B 1 59 ? -9.835  6.074   -3.914  1.00 38.40 ? 39 VAL B CG1 1 
ATOM 829  C CG2 . VAL B 1 59 ? -8.670  3.978   -4.511  1.00 38.40 ? 39 VAL B CG2 1 
ATOM 830  N N   . LEU B 1 60 ? -8.181  8.386   -6.131  1.00 35.40 ? 40 LEU B N   1 
ATOM 831  C CA  . LEU B 1 60 ? -8.090  9.828   -6.055  1.00 35.40 ? 40 LEU B CA  1 
ATOM 832  C C   . LEU B 1 60 ? -9.276  10.525  -5.436  1.00 35.40 ? 40 LEU B C   1 
ATOM 833  O O   . LEU B 1 60 ? -10.443 10.208  -5.704  1.00 35.40 ? 40 LEU B O   1 
ATOM 834  C CB  . LEU B 1 60 ? -7.795  10.396  -7.429  1.00 30.70 ? 40 LEU B CB  1 
ATOM 835  C CG  . LEU B 1 60 ? -6.743  9.568   -8.169  1.00 30.70 ? 40 LEU B CG  1 
ATOM 836  C CD1 . LEU B 1 60 ? -6.384  10.323  -9.414  1.00 30.70 ? 40 LEU B CD1 1 
ATOM 837  C CD2 . LEU B 1 60 ? -5.494  9.316   -7.308  1.00 30.70 ? 40 LEU B CD2 1 
ATOM 838  N N   . GLY B 1 61 ? -8.909  11.510  -4.615  1.00 98.31 ? 41 GLY B N   1 
ATOM 839  C CA  . GLY B 1 61 ? -9.817  12.352  -3.850  1.00 98.31 ? 41 GLY B CA  1 
ATOM 840  C C   . GLY B 1 61 ? -10.543 13.317  -4.761  1.00 98.31 ? 41 GLY B C   1 
ATOM 841  O O   . GLY B 1 61 ? -9.466  13.871  -4.476  1.00 98.31 ? 41 GLY B O   1 
ATOM 842  N N   . LYS B 1 62 ? -11.066 14.400  -5.256  1.00 98.31 ? 42 LYS B N   1 
ATOM 843  C CA  . LYS B 1 62 ? -11.921 14.177  -6.406  1.00 98.31 ? 42 LYS B CA  1 
ATOM 844  C C   . LYS B 1 62 ? -11.264 14.585  -7.683  1.00 98.31 ? 42 LYS B C   1 
ATOM 845  O O   . LYS B 1 62 ? -10.462 13.856  -8.237  1.00 98.31 ? 42 LYS B O   1 
ATOM 846  C CB  . LYS B 1 62 ? -13.200 14.958  -6.124  1.00 75.80 ? 42 LYS B CB  1 
ATOM 847  C CG  . LYS B 1 62 ? -14.020 14.438  -4.951  1.00 75.80 ? 42 LYS B CG  1 
ATOM 848  C CD  . LYS B 1 62 ? -15.337 15.178  -4.890  1.00 75.80 ? 42 LYS B CD  1 
ATOM 849  C CE  . LYS B 1 62 ? -16.179 14.641  -3.771  1.00 75.80 ? 42 LYS B CE  1 
ATOM 850  N NZ  . LYS B 1 62 ? -17.496 15.315  -3.729  1.00 75.80 ? 42 LYS B NZ  1 
ATOM 851  N N   . GLY B 1 63 ? -11.651 15.769  -8.163  1.00 98.31 ? 43 GLY B N   1 
ATOM 852  C CA  . GLY B 1 63 ? -11.104 16.292  -9.393  1.00 98.31 ? 43 GLY B CA  1 
ATOM 853  C C   . GLY B 1 63 ? -9.902  17.186  -9.170  1.00 98.31 ? 43 GLY B C   1 
ATOM 854  O O   . GLY B 1 63 ? -9.324  17.709  -10.121 1.00 98.31 ? 43 GLY B O   1 
ATOM 855  N N   . LYS B 1 73 ? -16.522 13.070  -1.339  1.00 86.35 ? 53 LYS B N   1 
ATOM 856  C CA  . LYS B 1 73 ? -17.476 11.997  -1.545  1.00 86.35 ? 53 LYS B CA  1 
ATOM 857  C C   . LYS B 1 73 ? -17.158 11.125  -2.749  1.00 86.35 ? 53 LYS B C   1 
ATOM 858  O O   . LYS B 1 73 ? -17.174 9.897   -2.652  1.00 86.35 ? 53 LYS B O   1 
ATOM 859  N N   . GLY B 1 74 ? -16.877 11.761  -3.885  1.00 48.83 ? 54 GLY B N   1 
ATOM 860  C CA  . GLY B 1 74 ? -16.561 11.030  -5.099  1.00 48.83 ? 54 GLY B CA  1 
ATOM 861  C C   . GLY B 1 74 ? -15.141 10.505  -5.113  1.00 48.83 ? 54 GLY B C   1 
ATOM 862  O O   . GLY B 1 74 ? -14.292 11.003  -4.395  1.00 48.83 ? 54 GLY B O   1 
ATOM 863  N N   . GLU B 1 75 ? -14.879 9.489   -5.928  1.00 34.71 ? 55 GLU B N   1 
ATOM 864  C CA  . GLU B 1 75 ? -13.547 8.894   -6.021  1.00 34.71 ? 55 GLU B CA  1 
ATOM 865  C C   . GLU B 1 75 ? -13.218 8.520   -7.456  1.00 34.71 ? 55 GLU B C   1 
ATOM 866  O O   . GLU B 1 75 ? -14.086 8.114   -8.234  1.00 34.71 ? 55 GLU B O   1 
ATOM 867  C CB  . GLU B 1 75 ? -13.452 7.620   -5.173  1.00 82.52 ? 55 GLU B CB  1 
ATOM 868  C CG  . GLU B 1 75 ? -13.338 7.821   -3.677  1.00 82.52 ? 55 GLU B CG  1 
ATOM 869  C CD  . GLU B 1 75 ? -13.203 6.505   -2.930  1.00 82.52 ? 55 GLU B CD  1 
ATOM 870  O OE1 . GLU B 1 75 ? -13.069 6.539   -1.691  1.00 82.52 ? 55 GLU B OE1 1 
ATOM 871  O OE2 . GLU B 1 75 ? -13.236 5.434   -3.571  1.00 82.52 ? 55 GLU B OE2 1 
ATOM 872  N N   . THR B 1 76 ? -11.949 8.649   -7.799  1.00 31.91 ? 56 THR B N   1 
ATOM 873  C CA  . THR B 1 76 ? -11.498 8.305   -9.134  1.00 31.91 ? 56 THR B CA  1 
ATOM 874  C C   . THR B 1 76 ? -10.525 7.179   -8.952  1.00 31.91 ? 56 THR B C   1 
ATOM 875  O O   . THR B 1 76 ? -9.702  7.217   -8.046  1.00 31.91 ? 56 THR B O   1 
ATOM 876  C CB  . THR B 1 76 ? -10.766 9.475   -9.830  1.00 51.85 ? 56 THR B CB  1 
ATOM 877  O OG1 . THR B 1 76 ? -11.676 10.566  -10.028 1.00 51.85 ? 56 THR B OG1 1 
ATOM 878  C CG2 . THR B 1 76 ? -10.192 9.013   -11.178 1.00 51.85 ? 56 THR B CG2 1 
ATOM 879  N N   . ILE B 1 77 ? -10.608 6.179   -9.804  1.00 40.60 ? 57 ILE B N   1 
ATOM 880  C CA  . ILE B 1 77 ? -9.714  5.062   -9.658  1.00 40.60 ? 57 ILE B CA  1 
ATOM 881  C C   . ILE B 1 77 ? -8.781  4.913   -10.843 1.00 40.60 ? 57 ILE B C   1 
ATOM 882  O O   . ILE B 1 77 ? -9.128  4.353   -11.879 1.00 40.60 ? 57 ILE B O   1 
ATOM 883  C CB  . ILE B 1 77 ? -10.512 3.777   -9.390  1.00 59.10 ? 57 ILE B CB  1 
ATOM 884  C CG1 . ILE B 1 77 ? -11.230 3.926   -8.041  1.00 59.10 ? 57 ILE B CG1 1 
ATOM 885  C CG2 . ILE B 1 77 ? -9.591  2.560   -9.409  1.00 59.10 ? 57 ILE B CG2 1 
ATOM 886  C CD1 . ILE B 1 77 ? -12.047 2.727   -7.640  1.00 59.10 ? 57 ILE B CD1 1 
ATOM 887  N N   . VAL B 1 78 ? -7.584  5.443   -10.664 1.00 24.33 ? 58 VAL B N   1 
ATOM 888  C CA  . VAL B 1 78 ? -6.553  5.401   -11.682 1.00 24.33 ? 58 VAL B CA  1 
ATOM 889  C C   . VAL B 1 78 ? -5.773  4.093   -11.701 1.00 24.33 ? 58 VAL B C   1 
ATOM 890  O O   . VAL B 1 78 ? -5.008  3.799   -10.771 1.00 24.33 ? 58 VAL B O   1 
ATOM 891  C CB  . VAL B 1 78 ? -5.527  6.519   -11.465 1.00 53.03 ? 58 VAL B CB  1 
ATOM 892  C CG1 . VAL B 1 78 ? -4.444  6.456   -12.558 1.00 53.03 ? 58 VAL B CG1 1 
ATOM 893  C CG2 . VAL B 1 78 ? -6.233  7.855   -11.416 1.00 53.03 ? 58 VAL B CG2 1 
ATOM 894  N N   . PRO B 1 79 ? -5.948  3.294   -12.760 1.00 25.71 ? 59 PRO B N   1 
ATOM 895  C CA  . PRO B 1 79 ? -5.230  2.026   -12.874 1.00 25.71 ? 59 PRO B CA  1 
ATOM 896  C C   . PRO B 1 79 ? -3.749  2.283   -12.671 1.00 25.71 ? 59 PRO B C   1 
ATOM 897  O O   . PRO B 1 79 ? -3.108  2.897   -13.518 1.00 25.71 ? 59 PRO B O   1 
ATOM 898  C CB  . PRO B 1 79 ? -5.534  1.597   -14.294 1.00 47.67 ? 59 PRO B CB  1 
ATOM 899  C CG  . PRO B 1 79 ? -6.939  2.064   -14.445 1.00 47.67 ? 59 PRO B CG  1 
ATOM 900  C CD  . PRO B 1 79 ? -6.892  3.456   -13.873 1.00 47.67 ? 59 PRO B CD  1 
ATOM 901  N N   . TYR B 1 80 ? -3.217  1.825   -11.541 1.00 36.03 ? 60 TYR B N   1 
ATOM 902  C CA  . TYR B 1 80 ? -1.805  1.999   -11.210 1.00 36.03 ? 60 TYR B CA  1 
ATOM 903  C C   . TYR B 1 80 ? -0.923  1.598   -12.399 1.00 36.03 ? 60 TYR B C   1 
ATOM 904  O O   . TYR B 1 80 ? 0.285   1.872   -12.446 1.00 36.03 ? 60 TYR B O   1 
ATOM 905  C CB  . TYR B 1 80 ? -1.444  1.149   -9.993  1.00 42.12 ? 60 TYR B CB  1 
ATOM 906  C CG  . TYR B 1 80 ? -0.004  1.315   -9.583  1.00 42.12 ? 60 TYR B CG  1 
ATOM 907  C CD1 . TYR B 1 80 ? 0.357   2.231   -8.586  1.00 42.12 ? 60 TYR B CD1 1 
ATOM 908  C CD2 . TYR B 1 80 ? 1.021   0.611   -10.248 1.00 42.12 ? 60 TYR B CD2 1 
ATOM 909  C CE1 . TYR B 1 80 ? 1.705   2.450   -8.253  1.00 42.12 ? 60 TYR B CE1 1 
ATOM 910  C CE2 . TYR B 1 80 ? 2.371   0.824   -9.936  1.00 42.12 ? 60 TYR B CE2 1 
ATOM 911  C CZ  . TYR B 1 80 ? 2.708   1.744   -8.936  1.00 42.12 ? 60 TYR B CZ  1 
ATOM 912  O OH  . TYR B 1 80 ? 4.040   1.955   -8.638  1.00 42.12 ? 60 TYR B OH  1 
ATOM 913  N N   . GLU B 1 81 ? -1.541  0.939   -13.365 1.00 49.36 ? 61 GLU B N   1 
ATOM 914  C CA  . GLU B 1 81 ? -0.831  0.509   -14.546 1.00 49.36 ? 61 GLU B CA  1 
ATOM 915  C C   . GLU B 1 81 ? 0.035   1.664   -15.077 1.00 49.36 ? 61 GLU B C   1 
ATOM 916  O O   . GLU B 1 81 ? 1.273   1.597   -15.049 1.00 49.36 ? 61 GLU B O   1 
ATOM 917  C CB  . GLU B 1 81 ? -1.848  0.064   -15.601 1.00 97.55 ? 61 GLU B CB  1 
ATOM 918  C CG  . GLU B 1 81 ? -1.350  -1.023  -16.535 1.00 97.55 ? 61 GLU B CG  1 
ATOM 919  C CD  . GLU B 1 81 ? -0.166  -0.590  -17.359 1.00 97.55 ? 61 GLU B CD  1 
ATOM 920  O OE1 . GLU B 1 81 ? -0.304  0.374   -18.130 1.00 97.55 ? 61 GLU B OE1 1 
ATOM 921  O OE2 . GLU B 1 81 ? 0.910   -1.206  -17.246 1.00 97.55 ? 61 GLU B OE2 1 
ATOM 922  N N   . MET B 1 82 ? -0.644  2.725   -15.511 1.00 70.44 ? 62 MET B N   1 
ATOM 923  C CA  . MET B 1 82 ? -0.060  3.937   -16.104 1.00 70.44 ? 62 MET B CA  1 
ATOM 924  C C   . MET B 1 82 ? 1.168   4.617   -15.471 1.00 70.44 ? 62 MET B C   1 
ATOM 925  O O   . MET B 1 82 ? 2.209   4.747   -16.128 1.00 70.44 ? 62 MET B O   1 
ATOM 926  C CB  . MET B 1 82 ? -1.178  4.975   -16.284 1.00 74.55 ? 62 MET B CB  1 
ATOM 927  C CG  . MET B 1 82 ? -2.208  4.620   -17.380 1.00 74.55 ? 62 MET B CG  1 
ATOM 928  S SD  . MET B 1 82 ? -3.966  4.932   -16.983 1.00 74.55 ? 62 MET B SD  1 
ATOM 929  C CE  . MET B 1 82 ? -4.123  6.677   -17.287 1.00 74.55 ? 62 MET B CE  1 
ATOM 930  N N   . VAL B 1 83 ? 1.043   5.062   -14.217 1.00 35.96 ? 63 VAL B N   1 
ATOM 931  C CA  . VAL B 1 83 ? 2.132   5.743   -13.485 1.00 35.96 ? 63 VAL B CA  1 
ATOM 932  C C   . VAL B 1 83 ? 3.548   5.677   -14.095 1.00 35.96 ? 63 VAL B C   1 
ATOM 933  O O   . VAL B 1 83 ? 4.194   4.622   -14.088 1.00 35.96 ? 63 VAL B O   1 
ATOM 934  C CB  . VAL B 1 83 ? 2.242   5.238   -12.000 1.00 13.31 ? 63 VAL B CB  1 
ATOM 935  C CG1 . VAL B 1 83 ? 3.432   5.918   -11.306 1.00 13.31 ? 63 VAL B CG1 1 
ATOM 936  C CG2 . VAL B 1 83 ? 0.942   5.545   -11.214 1.00 13.31 ? 63 VAL B CG2 1 
ATOM 937  N N   . LYS B 1 84 ? 4.031   6.814   -14.594 1.00 68.78 ? 64 LYS B N   1 
ATOM 938  C CA  . LYS B 1 84 ? 5.359   6.898   -15.195 1.00 68.78 ? 64 LYS B CA  1 
ATOM 939  C C   . LYS B 1 84 ? 6.457   7.247   -14.198 1.00 68.78 ? 64 LYS B C   1 
ATOM 940  O O   . LYS B 1 84 ? 7.598   6.834   -14.376 1.00 68.78 ? 64 LYS B O   1 
ATOM 941  C CB  . LYS B 1 84 ? 5.376   7.933   -16.324 1.00 80.26 ? 64 LYS B CB  1 
ATOM 942  C CG  . LYS B 1 84 ? 4.875   7.420   -17.667 1.00 80.26 ? 64 LYS B CG  1 
ATOM 943  C CD  . LYS B 1 84 ? 4.948   8.512   -18.746 1.00 80.26 ? 64 LYS B CD  1 
ATOM 944  C CE  . LYS B 1 84 ? 4.583   7.971   -20.132 1.00 80.26 ? 64 LYS B CE  1 
ATOM 945  N NZ  . LYS B 1 84 ? 4.651   8.987   -21.227 1.00 80.26 ? 64 LYS B NZ  1 
ATOM 946  N N   . LYS B 1 85 ? 6.122   8.009   -13.163 1.00 40.59 ? 65 LYS B N   1 
ATOM 947  C CA  . LYS B 1 85 ? 7.108   8.408   -12.153 1.00 40.59 ? 65 LYS B CA  1 
ATOM 948  C C   . LYS B 1 85 ? 6.515   8.878   -10.833 1.00 40.59 ? 65 LYS B C   1 
ATOM 949  O O   . LYS B 1 85 ? 5.341   9.281   -10.754 1.00 40.59 ? 65 LYS B O   1 
ATOM 950  C CB  . LYS B 1 85 ? 7.998   9.532   -12.682 1.00 62.25 ? 65 LYS B CB  1 
ATOM 951  C CG  . LYS B 1 85 ? 9.342   9.083   -13.179 1.00 62.25 ? 65 LYS B CG  1 
ATOM 952  C CD  . LYS B 1 85 ? 10.464  9.811   -12.454 1.00 62.25 ? 65 LYS B CD  1 
ATOM 953  C CE  . LYS B 1 85 ? 11.819  9.357   -12.992 1.00 62.25 ? 65 LYS B CE  1 
ATOM 954  N NZ  . LYS B 1 85 ? 12.994  10.006  -12.332 1.00 62.25 ? 65 LYS B NZ  1 
ATOM 955  N N   . ILE B 1 86 ? 7.348   8.833   -9.797  1.00 51.09 ? 66 ILE B N   1 
ATOM 956  C CA  . ILE B 1 86 ? 6.939   9.294   -8.475  1.00 51.09 ? 66 ILE B CA  1 
ATOM 957  C C   . ILE B 1 86 ? 8.021   10.212  -7.912  1.00 51.09 ? 66 ILE B C   1 
ATOM 958  O O   . ILE B 1 86 ? 9.150   9.780   -7.670  1.00 51.09 ? 66 ILE B O   1 
ATOM 959  C CB  . ILE B 1 86 ? 6.725   8.123   -7.477  1.00 48.98 ? 66 ILE B CB  1 
ATOM 960  C CG1 . ILE B 1 86 ? 5.691   7.130   -8.021  1.00 48.98 ? 66 ILE B CG1 1 
ATOM 961  C CG2 . ILE B 1 86 ? 6.227   8.672   -6.130  1.00 48.98 ? 66 ILE B CG2 1 
ATOM 962  C CD1 . ILE B 1 86 ? 4.274   7.678   -8.100  1.00 48.98 ? 66 ILE B CD1 1 
ATOM 963  N N   . GLY B 1 87 ? 7.668   11.486  -7.735  1.00 51.54 ? 67 GLY B N   1 
ATOM 964  C CA  . GLY B 1 87 ? 8.586   12.465  -7.189  1.00 51.54 ? 67 GLY B CA  1 
ATOM 965  C C   . GLY B 1 87 ? 7.671   13.260  -6.303  1.00 51.54 ? 67 GLY B C   1 
ATOM 966  O O   . GLY B 1 87 ? 6.758   12.684  -5.734  1.00 51.54 ? 67 GLY B O   1 
ATOM 967  N N   . ASP B 1 88 ? 7.882   14.561  -6.180  1.00 30.62 ? 68 ASP B N   1 
ATOM 968  C CA  . ASP B 1 88 ? 6.993   15.371  -5.348  1.00 30.62 ? 68 ASP B CA  1 
ATOM 969  C C   . ASP B 1 88 ? 5.568   15.244  -5.944  1.00 30.62 ? 68 ASP B C   1 
ATOM 970  O O   . ASP B 1 88 ? 4.561   15.638  -5.321  1.00 30.62 ? 68 ASP B O   1 
ATOM 971  C CB  . ASP B 1 88 ? 7.438   16.850  -5.348  1.00 70.38 ? 68 ASP B CB  1 
ATOM 972  C CG  . ASP B 1 88 ? 8.801   17.068  -4.695  1.00 70.38 ? 68 ASP B CG  1 
ATOM 973  O OD1 . ASP B 1 88 ? 9.800   16.474  -5.148  1.00 70.38 ? 68 ASP B OD1 1 
ATOM 974  O OD2 . ASP B 1 88 ? 8.876   17.854  -3.729  1.00 70.38 ? 68 ASP B OD2 1 
ATOM 975  N N   . LYS B 1 89 ? 5.499   14.691  -7.158  1.00 33.61 ? 69 LYS B N   1 
ATOM 976  C CA  . LYS B 1 89 ? 4.231   14.498  -7.856  1.00 33.61 ? 69 LYS B CA  1 
ATOM 977  C C   . LYS B 1 89 ? 4.245   13.161  -8.601  1.00 33.61 ? 69 LYS B C   1 
ATOM 978  O O   . LYS B 1 89 ? 5.293   12.510  -8.701  1.00 33.61 ? 69 LYS B O   1 
ATOM 979  C CB  . LYS B 1 89 ? 4.001   15.625  -8.864  1.00 47.56 ? 69 LYS B CB  1 
ATOM 980  C CG  . LYS B 1 89 ? 4.147   17.039  -8.320  1.00 47.56 ? 69 LYS B CG  1 
ATOM 981  C CD  . LYS B 1 89 ? 3.015   17.431  -7.390  1.00 47.56 ? 69 LYS B CD  1 
ATOM 982  C CE  . LYS B 1 89 ? 3.211   18.860  -6.906  1.00 47.56 ? 69 LYS B CE  1 
ATOM 983  N NZ  . LYS B 1 89 ? 2.097   19.337  -6.049  1.00 47.56 ? 69 LYS B NZ  1 
ATOM 984  N N   . ILE B 1 90 ? 3.085   12.772  -9.130  1.00 37.99 ? 70 ILE B N   1 
ATOM 985  C CA  . ILE B 1 90 ? 2.953   11.518  -9.854  1.00 37.99 ? 70 ILE B CA  1 
ATOM 986  C C   . ILE B 1 90 ? 2.574   11.764  -11.315 1.00 37.99 ? 70 ILE B C   1 
ATOM 987  O O   . ILE B 1 90 ? 1.517   12.316  -11.603 1.00 37.99 ? 70 ILE B O   1 
ATOM 988  C CB  . ILE B 1 90 ? 1.890   10.602  -9.176  1.00 23.78 ? 70 ILE B CB  1 
ATOM 989  C CG1 . ILE B 1 90 ? 2.217   10.440  -7.683  1.00 23.78 ? 70 ILE B CG1 1 
ATOM 990  C CG2 . ILE B 1 90 ? 1.864   9.236   -9.845  1.00 23.78 ? 70 ILE B CG2 1 
ATOM 991  C CD1 . ILE B 1 90 ? 1.161   9.667   -6.871  1.00 23.78 ? 70 ILE B CD1 1 
ATOM 992  N N   . LEU B 1 91 ? 3.455   11.349  -12.220 1.00 58.41 ? 71 LEU B N   1 
ATOM 993  C CA  . LEU B 1 91 ? 3.271   11.502  -13.668 1.00 58.41 ? 71 LEU B CA  1 
ATOM 994  C C   . LEU B 1 91 ? 2.800   10.167  -14.252 1.00 58.41 ? 71 LEU B C   1 
ATOM 995  O O   . LEU B 1 91 ? 3.268   9.110   -13.809 1.00 58.41 ? 71 LEU B O   1 
ATOM 996  C CB  . LEU B 1 91 ? 4.594   11.965  -14.285 1.00 64.86 ? 71 LEU B CB  1 
ATOM 997  C CG  . LEU B 1 91 ? 5.452   12.769  -13.280 1.00 64.86 ? 71 LEU B CG  1 
ATOM 998  C CD1 . LEU B 1 91 ? 6.834   13.048  -13.852 1.00 64.86 ? 71 LEU B CD1 1 
ATOM 999  C CD2 . LEU B 1 91 ? 4.752   14.077  -12.911 1.00 64.86 ? 71 LEU B CD2 1 
ATOM 1000 N N   . LEU B 1 92 ? 1.899   10.211  -15.242 1.00 31.25 ? 72 LEU B N   1 
ATOM 1001 C CA  . LEU B 1 92 ? 1.316   8.985   -15.810 1.00 31.25 ? 72 LEU B CA  1 
ATOM 1002 C C   . LEU B 1 92 ? 1.467   8.670   -17.306 1.00 31.25 ? 72 LEU B C   1 
ATOM 1003 O O   . LEU B 1 92 ? 2.573   8.538   -17.825 1.00 31.25 ? 72 LEU B O   1 
ATOM 1004 C CB  . LEU B 1 92 ? -0.184  8.986   -15.576 1.00 50.13 ? 72 LEU B CB  1 
ATOM 1005 C CG  . LEU B 1 92 ? -0.732  9.470   -14.258 1.00 50.13 ? 72 LEU B CG  1 
ATOM 1006 C CD1 . LEU B 1 92 ? -2.200  9.085   -14.138 1.00 50.13 ? 72 LEU B CD1 1 
ATOM 1007 C CD2 . LEU B 1 92 ? 0.072   8.866   -13.144 1.00 50.13 ? 72 LEU B CD2 1 
ATOM 1008 N N   . LYS B 1 93 ? 0.306   8.568   -17.953 1.00 89.48 ? 73 LYS B N   1 
ATOM 1009 C CA  . LYS B 1 93 ? 0.106   8.243   -19.377 1.00 89.48 ? 73 LYS B CA  1 
ATOM 1010 C C   . LYS B 1 93 ? 0.981   8.850   -20.462 1.00 89.48 ? 73 LYS B C   1 
ATOM 1011 O O   . LYS B 1 93 ? 1.553   9.945   -20.285 1.00 89.48 ? 73 LYS B O   1 
ATOM 1012 C CB  . LYS B 1 93 ? -1.371  8.462   -19.780 1.00 98.31 ? 73 LYS B CB  1 
ATOM 1013 C CG  . LYS B 1 93 ? -1.878  9.916   -19.887 1.00 98.31 ? 73 LYS B CG  1 
ATOM 1014 C CD  . LYS B 1 93 ? -3.321  10.018  -20.451 1.00 98.31 ? 73 LYS B CD  1 
ATOM 1015 C CE  . LYS B 1 93 ? -4.372  9.315   -19.579 1.00 98.31 ? 73 LYS B CE  1 
ATOM 1016 N NZ  . LYS B 1 93 ? -5.769  9.393   -20.100 1.00 98.31 ? 73 LYS B NZ  1 
ATOM 1017 N N   . GLY B 1 94 ? 1.025   8.110   -21.581 1.00 79.17 ? 74 GLY B N   1 
ATOM 1018 C CA  . GLY B 1 94 ? 1.779   8.471   -22.773 1.00 79.17 ? 74 GLY B CA  1 
ATOM 1019 C C   . GLY B 1 94 ? 1.305   7.820   -24.073 1.00 79.17 ? 74 GLY B C   1 
ATOM 1020 O O   . GLY B 1 94 ? 0.145   7.416   -24.140 1.00 79.17 ? 74 GLY B O   1 
ATOM 1021 N N   . PRO B 1 95 ? 2.171   7.680   -25.112 1.00 98.31 ? 75 PRO B N   1 
ATOM 1022 C CA  . PRO B 1 95 ? 1.898   7.101   -26.437 1.00 98.31 ? 75 PRO B CA  1 
ATOM 1023 C C   . PRO B 1 95 ? 1.650   5.586   -26.549 1.00 98.31 ? 75 PRO B C   1 
ATOM 1024 O O   . PRO B 1 95 ? 1.633   5.038   -27.652 1.00 98.31 ? 75 PRO B O   1 
ATOM 1025 C CB  . PRO B 1 95 ? 3.115   7.532   -27.247 1.00 73.21 ? 75 PRO B CB  1 
ATOM 1026 C CG  . PRO B 1 95 ? 4.204   7.331   -26.263 1.00 73.21 ? 75 PRO B CG  1 
ATOM 1027 C CD  . PRO B 1 95 ? 3.620   7.956   -24.980 1.00 73.21 ? 75 PRO B CD  1 
ATOM 1028 N N   . GLU B 1 96 ? 1.459   4.928   -25.412 1.00 98.31 ? 76 GLU B N   1 
ATOM 1029 C CA  . GLU B 1 96 ? 1.209   3.490   -25.365 1.00 98.31 ? 76 GLU B CA  1 
ATOM 1030 C C   . GLU B 1 96 ? -0.274  3.224   -25.123 1.00 98.31 ? 76 GLU B C   1 
ATOM 1031 O O   . GLU B 1 96 ? -0.897  2.596   -26.000 1.00 98.31 ? 76 GLU B O   1 
ATOM 1032 C CB  . GLU B 1 96 ? 2.058   2.833   -24.263 1.00 96.33 ? 76 GLU B CB  1 
ATOM 1033 C CG  . GLU B 1 96 ? 2.464   3.762   -23.111 1.00 96.33 ? 76 GLU B CG  1 
ATOM 1034 C CD  . GLU B 1 96 ? 3.508   4.797   -23.508 1.00 96.33 ? 76 GLU B CD  1 
ATOM 1035 O OE1 . GLU B 1 96 ? 3.750   5.743   -22.725 1.00 96.33 ? 76 GLU B OE1 1 
ATOM 1036 O OE2 . GLU B 1 96 ? 4.097   4.658   -24.599 1.00 96.33 ? 76 GLU B OE2 1 
# 
